data_4G7E
#
_entry.id   4G7E
#
_cell.length_a   176.292
_cell.length_b   176.292
_cell.length_c   346.438
_cell.angle_alpha   90.00
_cell.angle_beta   90.00
_cell.angle_gamma   120.00
#
_symmetry.space_group_name_H-M   'H 3 2'
#
loop_
_entity.id
_entity.type
_entity.pdbx_description
1 polymer urease
2 polymer urease
3 non-polymer 'NICKEL (II) ION'
4 non-polymer 'MAGNESIUM ION'
5 water water
#
loop_
_entity_poly.entity_id
_entity_poly.type
_entity_poly.pdbx_seq_one_letter_code
_entity_poly.pdbx_strand_id
1 'polypeptide(L)'
;MKLSPREIEKLGLHNAGYLAQKRLARGLRLNYTEAVALIATQIMEFVRDGDKTVAQLMSIGRELLGRRQVLPAVPKLVES
VQVEATFPDGTELVTIHDPIACENGNLELALLGSFLPVPSLDKFTANDEDNRIPGEIIVVGGNLVLNDGRKAVILKVVNN
GDRPVQVGSHYHFIELNPYLTFDRRKAYGMRLNIAAGNASRFEPGEMKEVLLVSIGGNKVIRGGNAIADGPVNASNCIAA
MQAVITRGFGHVEEANAAEGQTGEDASCPFTTVISREEYANKYGPTTGDKIRLGDTALFAEIEKDFAIYGDECTFGGGKV
IRDGMGQSCGHPPALSLDTVITNAVIIDYSGIIKADIGIKDGLIHSIGKSGNPDVMDGVFQNMTTGVNTEVIAGEGLIVT
AGAIDCHVHYICPQLVYEAVTSGITTLVGGGTGPTAGTRATTCTPAPIQMKLMLQSTDDLPLNFGFTGKGNCAKPDELHE
IIKAGAMGL(KCX)LHEDWGTTPAAIDSCLTIAEQYDIQVNIHTDTLNESGFVEHTIAAFKGRTIHTYHSEGAGGGHAPD
IIKVCGEKNVLPSSTNPTRPLTSNTIDEHVDMLMV(CME)HHLDANIAEDVAFSASRIREATIAAEDILHDMGAISIISS
DSQAMGRIGEVISRTWQTADKMKSARGPLQPGEEANDNFRIKRYVAKYTINPAIANGFSQYVGSVEVGKLADLVMWKPSF
FGAKPEMVIKGGEVAYANMGDPNASIPTPEPVKMRPMYGALGKAGGALSIAFVSKAALDQRVKVLYGLNKRVEAVSNVRK
LTKLDMKLNDALPAITVDPDSYTVTADGVVLTCFVATTVPLSRNYFIF
;
A
2 'polypeptide(L)'
;MKLSPREIEKLGLHNAGYLAQKRLARGLRLNYTEAVALIATQIMEFVRDGDKTVAQLMSIGRELLGRRQVLPAVPKLVES
VQVEATFPDGTELVTIHDPIACENGNLELALLGSFLPVPSLDKFTANDEDNRIPGEIIVVGGNLVLNDGRKAVILKVVNN
GDRPVQVGSHYHFIELNPYLTFDRRKAYGMRLNIAAGNASRFEPGE(CME)KEVLLVSIGGNKVIRGGNAIADGPVNASN
CIAAMQAVITRGFGHVEEANAAEGQTGEDASCPFTTVISREEYANKYGPTTGDKIRLGDTALFAEIEKDFAIYGDECTFG
GGKVIRDGMGQSCGHPPALSLDTVITNAVIIDYSGIIKADIGIKDGLIHSIGKSGNPDVMDGVFQNMTTGVNTEVIAGEG
LIVTAGAIDCHVHYICPQLVYEAVTSGITTLVGGGTGPTAGTRATTCTPAPIQMKLMLQSTDDLPLNFGFTGKGNCAKPD
ELHEIIKAGAMGL(KCX)LHEDWGTTPAAIDSCLTIAEQYDIQVNIHTDTLNESGFVEHTIAAFKGRTIHTYHSEGAGGG
HAPDIIKVCGEKNVLPSSTNPTRPLTSNTIDEHVDMLMV(CME)HHLDANIAEDVAFSASRIREATIAAEDILHDMGAIS
IISSDSQAMGRIGEVISRTWQTADKMKSARGPLQPGEEANDNFRIKRYVAKYTINPAIANGFSQYVGSVEVGKLADLVMW
KPSFFGAKPEMVIKGGEVAYANMGDPNASIPTPEPVKMRPMYGALGKAGGALSIAFVSKAALDQRVKVLYGLNKRVEAVS
NVRKLTKLDMKLNDALPAITVDPDSYTVTADGVVLTCFVATTVPLSRNYFIF
;
B
#
# COMPACT_ATOMS: atom_id res chain seq x y z
N MET A 1 -4.02 -18.38 52.46
CA MET A 1 -4.08 -16.92 52.75
C MET A 1 -5.22 -16.24 51.99
N LYS A 2 -5.73 -16.91 50.95
CA LYS A 2 -6.73 -16.30 50.09
C LYS A 2 -6.33 -14.88 49.60
N LEU A 3 -5.06 -14.67 49.23
CA LEU A 3 -4.63 -13.36 48.76
C LEU A 3 -5.30 -12.86 47.47
N SER A 4 -5.93 -11.68 47.58
CA SER A 4 -6.45 -10.96 46.43
C SER A 4 -5.30 -10.32 45.66
N PRO A 5 -5.53 -9.87 44.41
CA PRO A 5 -4.37 -9.32 43.71
C PRO A 5 -3.74 -8.11 44.40
N ARG A 6 -4.60 -7.28 45.03
CA ARG A 6 -4.11 -6.06 45.66
C ARG A 6 -3.19 -6.41 46.80
N GLU A 7 -3.52 -7.49 47.52
CA GLU A 7 -2.69 -7.91 48.66
C GLU A 7 -1.30 -8.32 48.21
N ILE A 8 -1.23 -9.03 47.07
CA ILE A 8 0.01 -9.45 46.46
C ILE A 8 0.85 -8.31 46.03
N GLU A 9 0.25 -7.31 45.37
CA GLU A 9 0.97 -6.12 44.97
C GLU A 9 1.57 -5.36 46.15
N LYS A 10 0.79 -5.23 47.21
CA LYS A 10 1.21 -4.40 48.32
C LYS A 10 2.35 -5.06 49.06
N LEU A 11 2.35 -6.39 49.12
CA LEU A 11 3.49 -7.13 49.55
C LEU A 11 4.76 -6.71 48.80
N GLY A 12 4.71 -6.63 47.47
CA GLY A 12 5.82 -6.05 46.67
C GLY A 12 6.14 -4.60 47.02
N LEU A 13 5.10 -3.75 47.13
CA LEU A 13 5.27 -2.38 47.57
C LEU A 13 5.97 -2.33 48.91
N HIS A 14 5.54 -3.16 49.85
CA HIS A 14 6.20 -3.25 51.13
C HIS A 14 7.70 -3.58 50.96
N ASN A 15 7.99 -4.66 50.22
CA ASN A 15 9.39 -5.12 50.01
C ASN A 15 10.28 -4.04 49.46
N ALA A 16 9.65 -3.09 48.76
CA ALA A 16 10.39 -1.98 48.18
C ALA A 16 10.63 -0.97 49.28
N GLY A 17 9.62 -0.72 50.12
CA GLY A 17 9.78 0.17 51.29
C GLY A 17 10.93 -0.29 52.20
N TYR A 18 10.95 -1.58 52.50
CA TYR A 18 11.95 -2.17 53.36
C TYR A 18 13.38 -2.09 52.77
N LEU A 19 13.51 -2.39 51.48
CA LEU A 19 14.79 -2.17 50.77
C LEU A 19 15.21 -0.70 50.93
N ALA A 20 14.29 0.20 50.63
CA ALA A 20 14.57 1.64 50.83
C ALA A 20 14.91 1.96 52.30
N GLN A 21 14.26 1.25 53.22
CA GLN A 21 14.61 1.29 54.63
C GLN A 21 16.05 0.84 54.92
N LYS A 22 16.43 -0.33 54.41
CA LYS A 22 17.80 -0.77 54.56
C LYS A 22 18.82 0.26 54.04
N ARG A 23 18.51 0.85 52.89
CA ARG A 23 19.44 1.82 52.28
C ARG A 23 19.59 3.04 53.14
N LEU A 24 18.48 3.56 53.64
CA LEU A 24 18.43 4.71 54.56
C LEU A 24 19.22 4.45 55.85
N ALA A 25 19.04 3.26 56.43
CA ALA A 25 19.81 2.87 57.63
C ALA A 25 21.31 2.87 57.38
N ARG A 26 21.72 2.75 56.12
CA ARG A 26 23.13 2.79 55.77
C ARG A 26 23.59 4.24 55.56
N GLY A 27 22.64 5.17 55.66
CA GLY A 27 22.94 6.57 55.50
C GLY A 27 23.04 6.96 54.03
N LEU A 28 22.42 6.18 53.15
CA LEU A 28 22.29 6.59 51.72
C LEU A 28 21.18 7.61 51.58
N ARG A 29 21.46 8.67 50.85
CA ARG A 29 20.40 9.60 50.50
C ARG A 29 19.55 8.93 49.43
N LEU A 30 18.24 8.89 49.67
CA LEU A 30 17.29 8.17 48.83
C LEU A 30 16.96 8.94 47.56
N ASN A 31 16.68 8.22 46.46
CA ASN A 31 16.14 8.88 45.26
C ASN A 31 14.64 8.96 45.32
N TYR A 32 14.05 9.39 44.21
CA TYR A 32 12.58 9.58 44.12
C TYR A 32 11.86 8.30 44.48
N THR A 33 12.28 7.23 43.83
CA THR A 33 11.55 6.00 43.86
C THR A 33 11.65 5.39 45.24
N GLU A 34 12.84 5.49 45.81
CA GLU A 34 13.04 5.04 47.19
C GLU A 34 12.19 5.81 48.21
N ALA A 35 12.07 7.12 48.00
CA ALA A 35 11.35 7.97 48.93
C ALA A 35 9.91 7.49 48.90
N VAL A 36 9.35 7.35 47.69
CA VAL A 36 7.96 6.87 47.54
C VAL A 36 7.67 5.50 48.18
N ALA A 37 8.49 4.49 47.86
CA ALA A 37 8.24 3.15 48.43
C ALA A 37 8.21 3.21 49.96
N LEU A 38 9.17 3.99 50.52
CA LEU A 38 9.41 4.04 51.98
C LEU A 38 8.18 4.59 52.66
N ILE A 39 7.68 5.69 52.09
CA ILE A 39 6.62 6.45 52.75
C ILE A 39 5.31 5.68 52.65
N ALA A 40 4.94 5.24 51.45
CA ALA A 40 3.75 4.36 51.29
C ALA A 40 3.78 3.11 52.22
N THR A 41 4.97 2.56 52.40
CA THR A 41 5.15 1.39 53.24
C THR A 41 4.80 1.71 54.68
N GLN A 42 5.39 2.77 55.22
CA GLN A 42 5.11 3.20 56.59
C GLN A 42 3.65 3.54 56.75
N ILE A 43 3.12 4.36 55.83
CA ILE A 43 1.67 4.63 55.88
C ILE A 43 0.86 3.36 55.99
N MET A 44 1.15 2.31 55.21
CA MET A 44 0.36 1.08 55.33
C MET A 44 0.54 0.43 56.73
N GLU A 45 1.76 0.41 57.26
CA GLU A 45 1.98 -0.15 58.61
C GLU A 45 1.25 0.63 59.70
N PHE A 46 1.26 1.96 59.62
CA PHE A 46 0.57 2.80 60.61
C PHE A 46 -0.91 2.49 60.58
N VAL A 47 -1.36 2.14 59.40
CA VAL A 47 -2.75 1.77 59.25
C VAL A 47 -3.03 0.42 59.85
N ARG A 48 -2.11 -0.52 59.64
CA ARG A 48 -2.18 -1.86 60.25
C ARG A 48 -2.27 -1.71 61.76
N ASP A 49 -1.48 -0.79 62.30
CA ASP A 49 -1.47 -0.50 63.74
C ASP A 49 -2.87 -0.13 64.27
N GLY A 50 -3.61 0.65 63.49
CA GLY A 50 -4.96 0.99 63.91
C GLY A 50 -5.11 2.16 64.87
N ASP A 51 -3.97 2.82 65.19
CA ASP A 51 -3.91 3.91 66.18
C ASP A 51 -4.19 5.27 65.58
N LYS A 52 -3.86 5.44 64.31
CA LYS A 52 -3.84 6.74 63.65
C LYS A 52 -4.96 6.91 62.60
N THR A 53 -5.42 8.13 62.40
CA THR A 53 -6.48 8.40 61.42
C THR A 53 -5.90 8.82 60.09
N VAL A 54 -6.73 8.85 59.05
CA VAL A 54 -6.29 9.45 57.79
C VAL A 54 -5.63 10.84 58.00
N ALA A 55 -6.34 11.77 58.67
CA ALA A 55 -5.81 13.16 58.92
C ALA A 55 -4.44 13.17 59.60
N GLN A 56 -4.27 12.30 60.59
CA GLN A 56 -2.94 12.10 61.14
C GLN A 56 -1.87 11.68 60.18
N LEU A 57 -2.18 10.75 59.29
CA LEU A 57 -1.12 10.20 58.48
C LEU A 57 -0.73 11.20 57.40
N MET A 58 -1.72 12.01 57.02
CA MET A 58 -1.51 13.16 56.17
C MET A 58 -0.48 14.14 56.74
N SER A 59 -0.43 14.29 58.06
CA SER A 59 0.60 15.13 58.70
C SER A 59 1.83 14.26 58.92
N ILE A 60 1.74 13.17 59.68
CA ILE A 60 2.89 12.26 59.86
C ILE A 60 3.72 11.94 58.60
N GLY A 61 3.07 11.81 57.44
CA GLY A 61 3.78 11.46 56.21
C GLY A 61 4.76 12.51 55.74
N ARG A 62 4.48 13.76 56.11
CA ARG A 62 5.34 14.87 55.77
C ARG A 62 6.58 14.87 56.67
N GLU A 63 6.53 14.18 57.81
CA GLU A 63 7.64 14.28 58.77
C GLU A 63 8.38 12.98 58.92
N LEU A 64 8.61 12.29 57.80
CA LEU A 64 9.40 11.05 57.88
C LEU A 64 10.74 11.27 57.25
N LEU A 65 10.70 11.73 56.01
CA LEU A 65 11.93 11.97 55.25
C LEU A 65 12.12 13.46 55.11
N GLY A 66 13.33 13.91 55.41
CA GLY A 66 13.64 15.32 55.37
C GLY A 66 14.69 15.54 54.33
N ARG A 67 14.90 16.82 54.01
CA ARG A 67 15.85 17.19 52.96
C ARG A 67 17.19 16.45 53.13
N ARG A 68 17.62 16.26 54.37
CA ARG A 68 18.88 15.62 54.59
C ARG A 68 18.90 14.16 54.09
N GLN A 69 17.80 13.44 54.29
CA GLN A 69 17.73 12.04 53.85
C GLN A 69 17.54 11.75 52.34
N VAL A 70 17.46 12.78 51.48
CA VAL A 70 17.11 12.60 50.05
C VAL A 70 18.10 13.26 49.06
N LEU A 71 18.07 12.86 47.81
CA LEU A 71 18.99 13.43 46.84
C LEU A 71 18.50 14.84 46.42
N PRO A 72 19.41 15.66 45.81
CA PRO A 72 19.02 17.04 45.50
C PRO A 72 17.77 17.20 44.62
N ALA A 73 17.50 16.24 43.73
CA ALA A 73 16.31 16.37 42.87
C ALA A 73 15.00 16.07 43.60
N VAL A 74 15.08 15.30 44.68
CA VAL A 74 13.89 14.65 45.23
C VAL A 74 12.86 15.67 45.69
N PRO A 75 13.28 16.77 46.33
CA PRO A 75 12.21 17.63 46.80
C PRO A 75 11.39 18.22 45.68
N LYS A 76 11.90 18.24 44.44
CA LYS A 76 11.10 18.78 43.32
C LYS A 76 10.32 17.63 42.65
N LEU A 77 10.95 16.45 42.50
CA LEU A 77 10.25 15.26 41.98
C LEU A 77 9.05 14.77 42.81
N VAL A 78 9.18 14.65 44.13
CA VAL A 78 8.12 14.07 44.97
C VAL A 78 7.08 15.14 45.38
N GLU A 79 6.09 15.34 44.53
CA GLU A 79 5.02 16.28 44.82
C GLU A 79 4.15 15.71 45.92
N SER A 80 4.03 14.38 45.92
CA SER A 80 3.33 13.66 46.98
C SER A 80 3.38 12.13 46.86
N VAL A 81 2.93 11.45 47.91
CA VAL A 81 2.93 10.00 47.96
C VAL A 81 1.51 9.62 48.34
N GLN A 82 0.89 8.72 47.57
CA GLN A 82 -0.42 8.20 47.90
C GLN A 82 -0.42 6.70 48.08
N VAL A 83 -1.19 6.22 49.06
CA VAL A 83 -1.43 4.77 49.23
C VAL A 83 -2.76 4.57 49.94
N GLU A 84 -3.33 3.38 49.84
CA GLU A 84 -4.57 3.01 50.47
C GLU A 84 -4.33 1.76 51.28
N ALA A 85 -5.01 1.66 52.41
CA ALA A 85 -4.72 0.57 53.32
C ALA A 85 -5.98 0.27 54.16
N THR A 86 -6.01 -0.86 54.84
CA THR A 86 -7.21 -1.22 55.56
C THR A 86 -7.11 -0.69 57.00
N PHE A 87 -7.78 0.44 57.25
CA PHE A 87 -7.93 0.97 58.58
C PHE A 87 -9.00 0.16 59.30
N PRO A 88 -9.16 0.41 60.64
CA PRO A 88 -10.16 -0.30 61.41
C PRO A 88 -11.52 -0.08 60.78
N ASP A 89 -11.66 1.00 60.03
CA ASP A 89 -12.95 1.27 59.43
C ASP A 89 -12.91 1.12 57.89
N GLY A 90 -12.16 0.12 57.42
CA GLY A 90 -12.11 -0.23 55.99
C GLY A 90 -11.01 0.48 55.24
N THR A 91 -11.02 0.34 53.92
CA THR A 91 -9.95 0.89 53.12
C THR A 91 -10.14 2.39 53.06
N GLU A 92 -9.05 3.13 53.26
CA GLU A 92 -9.03 4.58 53.08
C GLU A 92 -7.75 5.05 52.35
N LEU A 93 -7.89 6.12 51.58
CA LEU A 93 -6.81 6.71 50.83
C LEU A 93 -6.15 7.80 51.65
N VAL A 94 -4.81 7.73 51.69
CA VAL A 94 -3.98 8.73 52.36
C VAL A 94 -3.14 9.42 51.30
N THR A 95 -3.27 10.73 51.17
CA THR A 95 -2.31 11.45 50.33
C THR A 95 -1.35 12.24 51.18
N ILE A 96 -0.07 12.00 51.02
CA ILE A 96 0.92 12.87 51.64
C ILE A 96 1.42 13.94 50.67
N HIS A 97 0.95 15.19 50.81
CA HIS A 97 1.42 16.31 49.96
C HIS A 97 2.77 16.84 50.40
N ASP A 98 3.67 17.03 49.45
CA ASP A 98 5.04 17.59 49.70
C ASP A 98 5.74 16.91 50.85
N PRO A 99 6.05 15.63 50.71
CA PRO A 99 6.53 14.83 51.83
C PRO A 99 7.85 15.32 52.45
N ILE A 100 8.68 15.98 51.64
CA ILE A 100 9.88 16.61 52.16
C ILE A 100 9.51 18.01 52.67
N ALA A 101 8.81 18.02 53.80
CA ALA A 101 8.31 19.26 54.39
C ALA A 101 9.27 19.81 55.46
N CYS A 102 10.47 19.22 55.57
CA CYS A 102 11.43 19.68 56.56
C CYS A 102 12.88 19.24 56.30
N GLU A 103 13.77 19.60 57.20
CA GLU A 103 15.20 19.52 56.95
C GLU A 103 15.78 18.19 57.43
N ASN A 104 15.28 17.69 58.56
CA ASN A 104 15.82 16.49 59.22
C ASN A 104 14.94 15.26 59.20
N GLY A 105 13.68 15.43 58.78
CA GLY A 105 12.70 14.36 58.87
C GLY A 105 12.62 13.84 60.28
N ASN A 106 12.40 12.53 60.39
CA ASN A 106 12.33 11.83 61.67
C ASN A 106 12.78 10.40 61.41
N LEU A 107 14.08 10.17 61.46
CA LEU A 107 14.64 8.85 61.13
C LEU A 107 13.97 7.72 61.88
N GLU A 108 13.84 7.83 63.19
CA GLU A 108 13.34 6.74 64.00
C GLU A 108 11.99 6.28 63.46
N LEU A 109 11.17 7.27 63.12
CA LEU A 109 9.83 7.04 62.69
C LEU A 109 9.74 6.57 61.20
N ALA A 110 10.75 6.91 60.40
CA ALA A 110 10.88 6.40 59.05
C ALA A 110 11.34 4.93 59.03
N LEU A 111 11.67 4.35 60.19
CA LEU A 111 12.24 3.01 60.23
C LEU A 111 11.46 2.13 61.18
N LEU A 112 10.57 2.80 61.84
CA LEU A 112 9.83 2.24 62.89
C LEU A 112 9.06 1.02 62.38
N GLY A 113 9.31 -0.15 62.98
CA GLY A 113 8.62 -1.38 62.61
C GLY A 113 9.49 -2.27 61.75
N SER A 114 10.58 -1.69 61.25
CA SER A 114 11.52 -2.39 60.40
C SER A 114 12.53 -3.10 61.22
N PHE A 115 12.62 -2.78 62.52
CA PHE A 115 13.70 -3.29 63.41
C PHE A 115 15.09 -3.13 62.82
N LEU A 116 15.29 -2.00 62.16
CA LEU A 116 16.58 -1.64 61.63
C LEU A 116 17.16 -0.57 62.57
N PRO A 117 18.46 -0.68 62.91
CA PRO A 117 18.99 0.38 63.76
C PRO A 117 18.81 1.75 63.08
N VAL A 118 18.40 2.74 63.85
CA VAL A 118 18.19 4.11 63.38
C VAL A 118 19.54 4.87 63.26
N PRO A 119 19.95 5.23 62.03
CA PRO A 119 21.24 5.90 61.86
C PRO A 119 21.18 7.30 62.44
N SER A 120 22.34 7.83 62.81
CA SER A 120 22.43 9.25 63.21
C SER A 120 22.57 10.15 61.98
N LEU A 121 22.19 11.42 62.08
CA LEU A 121 22.34 12.41 60.99
C LEU A 121 23.70 12.46 60.33
N ASP A 122 24.77 12.54 61.12
CA ASP A 122 26.12 12.65 60.51
C ASP A 122 26.53 11.45 59.64
N LYS A 123 25.71 10.39 59.62
CA LYS A 123 26.03 9.23 58.76
C LYS A 123 25.67 9.56 57.32
N PHE A 124 24.76 10.53 57.18
CA PHE A 124 24.32 11.00 55.88
C PHE A 124 25.27 12.00 55.32
N THR A 125 25.49 11.91 54.02
CA THR A 125 26.24 12.90 53.25
C THR A 125 25.68 14.35 53.45
N ALA A 126 26.47 15.37 53.12
CA ALA A 126 26.02 16.75 53.27
C ALA A 126 25.21 17.20 52.04
N ASN A 127 24.17 18.00 52.24
CA ASN A 127 23.32 18.47 51.13
C ASN A 127 24.07 19.19 49.99
N ASP A 128 23.80 18.79 48.74
CA ASP A 128 24.32 19.51 47.58
C ASP A 128 23.24 20.44 47.14
N GLU A 129 23.54 21.35 46.21
CA GLU A 129 22.54 22.34 45.79
C GLU A 129 21.43 21.69 44.98
N ILE A 133 16.99 20.69 39.57
CA ILE A 133 15.54 20.66 39.33
C ILE A 133 15.25 20.07 37.94
N PRO A 134 15.01 18.74 37.85
CA PRO A 134 14.76 18.16 36.54
C PRO A 134 13.44 18.66 35.90
N GLY A 135 13.46 18.76 34.57
CA GLY A 135 12.35 19.26 33.77
C GLY A 135 11.88 20.66 34.09
N GLU A 136 12.72 21.53 34.65
CA GLU A 136 12.25 22.87 35.03
C GLU A 136 11.84 23.69 33.83
N ILE A 137 10.79 24.47 33.99
CA ILE A 137 10.39 25.37 32.92
C ILE A 137 11.00 26.74 33.19
N ILE A 138 11.82 27.22 32.26
CA ILE A 138 12.29 28.61 32.33
C ILE A 138 11.38 29.49 31.48
N VAL A 139 10.52 30.21 32.20
CA VAL A 139 9.51 31.11 31.70
C VAL A 139 10.13 32.42 31.11
N VAL A 140 9.71 32.91 29.94
CA VAL A 140 10.07 34.33 29.61
C VAL A 140 9.36 35.29 30.62
N GLY A 141 10.04 36.34 31.15
CA GLY A 141 9.43 37.36 32.07
C GLY A 141 8.20 38.03 31.39
N GLY A 142 7.16 38.36 32.15
CA GLY A 142 6.01 39.10 31.58
C GLY A 142 4.62 38.49 31.72
N ASN A 143 3.65 39.10 31.05
CA ASN A 143 2.22 38.78 31.12
C ASN A 143 1.70 38.56 29.67
N LEU A 144 0.51 37.95 29.52
CA LEU A 144 -0.17 37.81 28.19
C LEU A 144 -1.62 38.26 28.27
N VAL A 145 -2.03 39.11 27.34
CA VAL A 145 -3.40 39.57 27.33
C VAL A 145 -4.22 38.45 26.67
N LEU A 146 -5.29 38.00 27.33
CA LEU A 146 -6.09 36.90 26.75
C LEU A 146 -7.07 37.40 25.69
N ASN A 147 -7.41 36.60 24.69
CA ASN A 147 -8.61 36.90 23.92
C ASN A 147 -8.64 38.28 23.17
N ASP A 148 -7.49 38.77 22.70
CA ASP A 148 -7.39 40.04 21.96
C ASP A 148 -8.37 40.15 20.80
N GLY A 149 -8.79 41.37 20.49
CA GLY A 149 -9.46 41.68 19.24
C GLY A 149 -10.92 41.33 19.29
N ARG A 150 -11.52 41.41 20.48
CA ARG A 150 -12.87 40.94 20.64
C ARG A 150 -13.78 41.95 21.35
N LYS A 151 -15.03 42.05 20.91
CA LYS A 151 -16.03 42.90 21.58
C LYS A 151 -16.11 42.54 23.06
N ALA A 152 -16.21 43.52 23.96
CA ALA A 152 -16.24 43.23 25.42
C ALA A 152 -17.30 44.01 26.25
N VAL A 153 -17.59 43.54 27.47
CA VAL A 153 -18.52 44.25 28.38
C VAL A 153 -18.32 43.83 29.86
N ILE A 154 -18.50 44.77 30.78
CA ILE A 154 -18.43 44.49 32.18
C ILE A 154 -19.85 44.61 32.71
N LEU A 155 -20.31 43.62 33.46
CA LEU A 155 -21.72 43.58 33.87
C LEU A 155 -21.81 43.19 35.33
N LYS A 156 -22.81 43.73 36.01
CA LYS A 156 -23.11 43.38 37.38
C LYS A 156 -23.91 42.08 37.37
N VAL A 157 -23.51 41.11 38.20
CA VAL A 157 -24.21 39.85 38.29
C VAL A 157 -24.50 39.53 39.75
N VAL A 158 -25.76 39.13 40.02
CA VAL A 158 -26.22 38.82 41.37
C VAL A 158 -26.79 37.39 41.44
N ASN A 159 -26.34 36.64 42.43
CA ASN A 159 -26.97 35.37 42.72
C ASN A 159 -28.17 35.49 43.69
N ASN A 160 -29.37 35.52 43.10
CA ASN A 160 -30.62 35.61 43.86
C ASN A 160 -31.17 34.24 44.24
N GLY A 161 -30.34 33.21 44.13
CA GLY A 161 -30.75 31.85 44.46
C GLY A 161 -30.28 31.54 45.85
N ASP A 162 -30.70 30.40 46.42
CA ASP A 162 -30.30 30.11 47.79
C ASP A 162 -29.11 29.13 47.91
N ARG A 163 -28.61 28.68 46.76
CA ARG A 163 -27.46 27.76 46.68
C ARG A 163 -26.32 28.31 45.80
N PRO A 164 -25.09 27.83 45.99
CA PRO A 164 -23.98 28.41 45.21
C PRO A 164 -24.08 28.10 43.73
N VAL A 165 -23.75 29.09 42.89
CA VAL A 165 -23.69 28.97 41.42
C VAL A 165 -22.27 29.33 40.98
N GLN A 166 -21.66 28.49 40.12
CA GLN A 166 -20.32 28.74 39.61
C GLN A 166 -20.29 28.56 38.10
N VAL A 167 -19.63 29.50 37.40
CA VAL A 167 -19.68 29.52 35.92
C VAL A 167 -18.30 29.35 35.33
N GLY A 168 -18.17 28.48 34.31
CA GLY A 168 -16.88 28.18 33.71
C GLY A 168 -16.49 29.20 32.65
N SER A 169 -15.18 29.28 32.37
CA SER A 169 -14.62 30.28 31.44
C SER A 169 -15.30 30.33 30.09
N HIS A 170 -15.84 29.19 29.62
CA HIS A 170 -16.38 29.16 28.26
C HIS A 170 -17.87 28.96 28.13
N TYR A 171 -18.56 28.95 29.27
CA TYR A 171 -20.00 28.77 29.26
C TYR A 171 -20.68 29.97 28.61
N HIS A 172 -21.73 29.74 27.83
CA HIS A 172 -22.40 30.86 27.20
C HIS A 172 -23.19 31.63 28.22
N PHE A 173 -22.80 32.87 28.41
CA PHE A 173 -23.26 33.55 29.61
C PHE A 173 -24.75 33.74 29.66
N ILE A 174 -25.34 34.09 28.53
CA ILE A 174 -26.77 34.17 28.51
C ILE A 174 -27.43 32.87 29.00
N GLU A 175 -26.73 31.72 28.91
CA GLU A 175 -27.34 30.40 29.24
C GLU A 175 -27.32 30.00 30.72
N LEU A 176 -26.86 30.90 31.58
CA LEU A 176 -26.72 30.60 33.01
C LEU A 176 -28.00 30.28 33.74
N ASN A 177 -27.84 29.61 34.89
CA ASN A 177 -28.89 29.42 35.93
C ASN A 177 -29.83 30.64 35.94
N PRO A 178 -31.16 30.40 35.85
CA PRO A 178 -32.13 31.51 35.83
C PRO A 178 -32.12 32.38 37.12
N TYR A 179 -31.42 31.94 38.17
CA TYR A 179 -31.31 32.71 39.43
C TYR A 179 -30.14 33.71 39.47
N LEU A 180 -29.37 33.74 38.40
CA LEU A 180 -28.39 34.81 38.24
C LEU A 180 -29.12 35.96 37.56
N THR A 181 -29.03 37.17 38.16
CA THR A 181 -29.69 38.35 37.61
C THR A 181 -28.61 39.26 37.05
N PHE A 182 -28.80 39.70 35.80
CA PHE A 182 -27.83 40.57 35.11
C PHE A 182 -28.52 41.03 33.84
N ASP A 183 -27.81 41.77 32.99
CA ASP A 183 -28.40 42.20 31.74
C ASP A 183 -28.22 41.13 30.63
N ARG A 184 -29.14 40.17 30.60
CA ARG A 184 -29.07 39.07 29.66
C ARG A 184 -28.83 39.51 28.20
N ARG A 185 -29.32 40.67 27.81
CA ARG A 185 -29.18 41.12 26.43
C ARG A 185 -27.75 41.54 26.11
N LYS A 186 -27.12 42.20 27.06
CA LYS A 186 -25.69 42.45 26.92
C LYS A 186 -24.81 41.17 26.96
N ALA A 187 -25.18 40.19 27.80
CA ALA A 187 -24.51 38.87 27.94
C ALA A 187 -24.54 37.96 26.67
N TYR A 188 -25.54 38.18 25.84
CA TYR A 188 -25.70 37.48 24.58
C TYR A 188 -24.41 37.41 23.75
N GLY A 189 -23.94 36.19 23.46
CA GLY A 189 -22.79 35.99 22.60
C GLY A 189 -21.52 36.15 23.41
N MET A 190 -21.65 36.37 24.72
CA MET A 190 -20.46 36.60 25.52
C MET A 190 -20.13 35.40 26.39
N ARG A 191 -18.90 35.38 26.91
CA ARG A 191 -18.52 34.42 27.94
C ARG A 191 -17.56 35.16 28.88
N LEU A 192 -17.25 34.57 30.03
CA LEU A 192 -16.29 35.18 30.93
C LEU A 192 -14.90 35.34 30.32
N ASN A 193 -14.31 36.50 30.54
CA ASN A 193 -12.94 36.73 30.13
C ASN A 193 -12.01 36.34 31.28
N ILE A 194 -11.86 35.04 31.53
CA ILE A 194 -10.90 34.59 32.52
C ILE A 194 -10.03 33.51 31.89
N ALA A 195 -8.93 33.16 32.53
CA ALA A 195 -8.08 32.07 32.05
C ALA A 195 -8.91 30.83 31.59
N ALA A 196 -8.56 30.25 30.43
CA ALA A 196 -9.26 29.02 29.94
C ALA A 196 -9.28 27.92 31.04
N GLY A 197 -10.48 27.53 31.44
CA GLY A 197 -10.59 26.40 32.34
C GLY A 197 -10.93 26.75 33.75
N ASN A 198 -10.96 28.02 34.11
CA ASN A 198 -11.47 28.32 35.47
C ASN A 198 -12.78 29.02 35.43
N ALA A 199 -13.14 29.58 36.58
CA ALA A 199 -14.54 29.77 36.88
C ALA A 199 -14.75 30.96 37.78
N SER A 200 -15.95 31.51 37.79
CA SER A 200 -16.28 32.45 38.88
C SER A 200 -17.35 31.83 39.75
N ARG A 201 -17.09 31.79 41.03
CA ARG A 201 -18.04 31.25 42.02
C ARG A 201 -18.90 32.37 42.61
N PHE A 202 -20.22 32.24 42.50
CA PHE A 202 -21.19 33.09 43.23
C PHE A 202 -21.86 32.39 44.42
N GLU A 203 -21.40 32.65 45.66
CA GLU A 203 -22.16 32.27 46.85
C GLU A 203 -23.56 32.94 46.77
N PRO A 204 -24.57 32.39 47.48
CA PRO A 204 -25.92 32.98 47.42
C PRO A 204 -25.93 34.41 47.89
N GLY A 205 -26.64 35.27 47.17
CA GLY A 205 -26.74 36.69 47.54
C GLY A 205 -25.56 37.53 47.07
N GLU A 206 -24.50 36.89 46.55
CA GLU A 206 -23.30 37.64 46.13
C GLU A 206 -23.45 38.51 44.87
N MET A 207 -22.75 39.66 44.85
CA MET A 207 -22.74 40.55 43.70
C MET A 207 -21.32 40.63 43.12
N LYS A 208 -21.21 40.39 41.83
CA LYS A 208 -19.90 40.44 41.24
C LYS A 208 -19.96 41.27 39.98
N GLU A 209 -18.84 41.93 39.71
CA GLU A 209 -18.63 42.74 38.50
C GLU A 209 -17.78 41.91 37.51
N VAL A 210 -18.41 41.32 36.49
CA VAL A 210 -17.68 40.33 35.67
C VAL A 210 -17.23 40.88 34.31
N LEU A 211 -15.97 40.62 33.95
CA LEU A 211 -15.50 40.96 32.58
C LEU A 211 -16.00 39.88 31.58
N LEU A 212 -16.70 40.28 30.55
CA LEU A 212 -17.21 39.32 29.58
C LEU A 212 -16.62 39.63 28.22
N VAL A 213 -16.30 38.59 27.45
CA VAL A 213 -15.72 38.79 26.13
C VAL A 213 -16.53 37.98 25.12
N SER A 214 -16.59 38.43 23.88
CA SER A 214 -17.34 37.74 22.82
C SER A 214 -16.75 36.42 22.45
N ILE A 215 -17.62 35.45 22.11
CA ILE A 215 -17.16 34.19 21.58
C ILE A 215 -16.61 34.40 20.16
N GLY A 216 -15.89 33.39 19.63
CA GLY A 216 -15.16 33.53 18.38
C GLY A 216 -15.67 32.58 17.33
N GLY A 217 -14.85 32.39 16.29
CA GLY A 217 -15.18 31.52 15.18
C GLY A 217 -16.44 31.96 14.49
N ASN A 218 -17.32 31.01 14.19
CA ASN A 218 -18.64 31.30 13.65
C ASN A 218 -19.59 32.02 14.61
N LYS A 219 -19.30 32.03 15.92
CA LYS A 219 -20.24 32.62 16.89
C LYS A 219 -21.60 31.93 16.79
N VAL A 220 -21.63 30.62 17.00
CA VAL A 220 -22.91 29.93 17.15
C VAL A 220 -23.04 29.42 18.58
N ILE A 221 -24.19 29.68 19.21
CA ILE A 221 -24.44 29.24 20.58
C ILE A 221 -25.21 27.92 20.52
N ARG A 222 -24.76 26.94 21.30
CA ARG A 222 -25.47 25.67 21.47
C ARG A 222 -25.37 25.22 22.91
N GLY A 223 -26.40 24.49 23.33
CA GLY A 223 -26.47 23.92 24.66
C GLY A 223 -27.03 24.82 25.74
N GLY A 224 -26.49 24.60 26.95
CA GLY A 224 -26.92 25.23 28.18
C GLY A 224 -28.41 24.98 28.39
N ASN A 225 -29.20 26.07 28.33
CA ASN A 225 -30.63 25.97 28.56
C ASN A 225 -31.45 26.10 27.28
N ALA A 226 -30.75 26.22 26.15
CA ALA A 226 -31.33 26.51 24.86
C ALA A 226 -31.99 27.86 24.79
N ILE A 227 -31.56 28.80 25.62
CA ILE A 227 -32.12 30.16 25.57
C ILE A 227 -31.79 30.83 24.24
N ALA A 228 -30.55 30.66 23.78
CA ALA A 228 -30.04 31.43 22.63
C ALA A 228 -29.62 30.60 21.46
N ASP A 229 -30.09 29.35 21.38
CA ASP A 229 -29.81 28.44 20.28
C ASP A 229 -29.64 29.20 18.96
N GLY A 230 -28.51 29.06 18.31
CA GLY A 230 -28.33 29.69 17.02
C GLY A 230 -27.13 30.57 16.87
N PRO A 231 -26.83 30.99 15.62
CA PRO A 231 -25.78 31.98 15.35
C PRO A 231 -26.12 33.36 15.96
N VAL A 232 -25.12 34.03 16.52
CA VAL A 232 -25.31 35.31 17.16
C VAL A 232 -25.61 36.33 16.05
N ASN A 233 -26.81 36.92 16.10
CA ASN A 233 -27.22 38.02 15.19
C ASN A 233 -28.44 38.71 15.77
N ALA A 234 -28.70 39.93 15.32
CA ALA A 234 -29.83 40.75 15.84
C ALA A 234 -31.17 39.96 15.88
N SER A 235 -31.40 39.09 14.89
CA SER A 235 -32.64 38.28 14.86
C SER A 235 -32.78 37.18 15.96
N ASN A 236 -31.69 36.46 16.25
CA ASN A 236 -31.64 35.47 17.33
C ASN A 236 -31.57 36.06 18.75
N CYS A 237 -31.05 37.30 18.83
CA CYS A 237 -31.04 38.09 20.07
C CYS A 237 -32.48 38.31 20.53
N ILE A 238 -33.30 38.79 19.60
CA ILE A 238 -34.72 39.06 19.86
C ILE A 238 -35.41 37.77 20.39
N ALA A 239 -35.18 36.64 19.75
CA ALA A 239 -35.73 35.36 20.23
C ALA A 239 -35.23 34.94 21.61
N ALA A 240 -33.93 35.15 21.87
CA ALA A 240 -33.35 34.83 23.16
C ALA A 240 -33.99 35.68 24.26
N MET A 241 -34.24 36.95 23.96
CA MET A 241 -34.91 37.82 24.91
C MET A 241 -36.34 37.40 25.20
N GLN A 242 -37.04 36.97 24.16
CA GLN A 242 -38.37 36.41 24.32
C GLN A 242 -38.36 35.24 25.31
N ALA A 243 -37.43 34.30 25.11
CA ALA A 243 -37.29 33.11 25.98
C ALA A 243 -36.80 33.42 27.41
N VAL A 244 -35.93 34.42 27.56
CA VAL A 244 -35.53 34.91 28.87
C VAL A 244 -36.78 35.43 29.62
N ILE A 245 -37.57 36.30 28.98
CA ILE A 245 -38.85 36.73 29.58
C ILE A 245 -39.81 35.56 29.89
N THR A 246 -40.19 34.79 28.86
CA THR A 246 -41.13 33.68 29.07
C THR A 246 -40.73 32.73 30.19
N ARG A 247 -39.46 32.36 30.26
CA ARG A 247 -39.00 31.23 31.10
C ARG A 247 -38.49 31.65 32.49
N GLY A 248 -38.52 32.96 32.72
CA GLY A 248 -38.22 33.56 34.00
C GLY A 248 -36.74 33.56 34.29
N PHE A 249 -35.89 33.75 33.28
CA PHE A 249 -34.43 33.86 33.52
C PHE A 249 -34.13 35.27 33.98
N GLY A 250 -33.43 35.38 35.11
CA GLY A 250 -33.21 36.64 35.79
C GLY A 250 -32.61 37.71 34.91
N HIS A 251 -33.32 38.85 34.78
CA HIS A 251 -32.90 39.92 33.87
C HIS A 251 -33.23 41.32 34.38
N VAL A 252 -32.19 42.11 34.64
CA VAL A 252 -32.30 43.57 34.85
C VAL A 252 -31.36 44.29 33.89
N GLU A 253 -31.96 45.12 33.06
CA GLU A 253 -31.29 45.97 32.10
C GLU A 253 -30.18 46.76 32.81
N GLU A 254 -28.98 46.86 32.23
CA GLU A 254 -27.94 47.72 32.78
C GLU A 254 -27.56 48.77 31.77
N ALA A 255 -28.47 49.72 31.53
CA ALA A 255 -28.33 50.70 30.45
C ALA A 255 -26.90 51.30 30.35
N ASN A 256 -26.30 51.53 31.52
CA ASN A 256 -24.98 52.16 31.65
C ASN A 256 -23.72 51.26 31.46
N ALA A 257 -23.89 49.97 31.21
CA ALA A 257 -22.73 49.06 31.29
C ALA A 257 -21.58 49.54 30.44
N ALA A 258 -20.36 49.46 30.97
CA ALA A 258 -19.17 49.78 30.17
C ALA A 258 -18.99 48.77 28.99
N GLU A 259 -18.87 49.27 27.75
CA GLU A 259 -18.66 48.46 26.53
C GLU A 259 -17.38 48.86 25.80
N GLY A 260 -16.60 47.90 25.34
CA GLY A 260 -15.44 48.22 24.50
C GLY A 260 -15.00 46.96 23.79
N GLN A 261 -13.70 46.84 23.61
CA GLN A 261 -13.12 45.57 23.19
C GLN A 261 -11.76 45.29 23.79
N THR A 262 -11.28 44.08 23.57
CA THR A 262 -10.01 43.68 24.11
C THR A 262 -8.85 44.25 23.26
N GLY A 263 -8.43 45.49 23.55
CA GLY A 263 -7.31 46.11 22.81
C GLY A 263 -5.98 45.59 23.36
N GLU A 264 -5.00 45.43 22.48
CA GLU A 264 -3.63 45.14 22.93
C GLU A 264 -2.80 46.36 23.48
N ASP A 265 -3.28 47.02 24.53
CA ASP A 265 -2.52 48.10 25.15
C ASP A 265 -2.55 47.92 26.69
N ALA A 266 -1.89 48.78 27.46
CA ALA A 266 -1.86 48.63 28.92
C ALA A 266 -3.10 49.27 29.54
N SER A 267 -3.47 48.82 30.75
CA SER A 267 -4.65 49.37 31.50
C SER A 267 -5.92 49.70 30.66
N CYS A 268 -6.41 48.69 29.94
CA CYS A 268 -7.74 48.68 29.35
C CYS A 268 -8.53 47.78 30.30
N PRO A 269 -9.62 48.30 30.90
CA PRO A 269 -10.38 47.56 31.93
C PRO A 269 -11.12 46.31 31.41
N PHE A 270 -11.24 46.17 30.09
CA PHE A 270 -11.91 45.02 29.56
C PHE A 270 -10.97 43.80 29.43
N THR A 271 -9.65 44.01 29.39
CA THR A 271 -8.76 42.88 29.17
C THR A 271 -8.34 42.13 30.49
N THR A 272 -7.91 40.87 30.29
CA THR A 272 -7.47 40.02 31.37
C THR A 272 -6.11 39.47 30.98
N VAL A 273 -5.15 39.58 31.88
CA VAL A 273 -3.83 39.10 31.62
C VAL A 273 -3.52 37.92 32.52
N ILE A 274 -2.66 37.07 32.00
CA ILE A 274 -2.20 35.97 32.76
C ILE A 274 -0.71 36.11 32.94
N SER A 275 -0.31 36.07 34.19
CA SER A 275 1.06 36.01 34.50
C SER A 275 1.70 34.82 33.70
N ARG A 276 2.84 35.10 33.07
CA ARG A 276 3.54 34.15 32.22
C ARG A 276 4.05 32.84 32.87
N GLU A 277 4.70 32.93 34.01
CA GLU A 277 5.03 31.71 34.79
C GLU A 277 3.76 30.84 35.07
N GLU A 278 2.63 31.52 35.29
CA GLU A 278 1.36 30.87 35.66
C GLU A 278 0.76 30.17 34.42
N TYR A 279 0.90 30.82 33.28
CA TYR A 279 0.50 30.25 31.98
C TYR A 279 1.19 28.90 31.71
N ALA A 280 2.51 28.86 31.93
CA ALA A 280 3.31 27.69 31.73
C ALA A 280 2.83 26.59 32.64
N ASN A 281 2.52 26.95 33.89
CA ASN A 281 2.04 25.99 34.90
C ASN A 281 0.62 25.44 34.59
N LYS A 282 -0.23 26.27 34.02
CA LYS A 282 -1.58 25.81 33.68
C LYS A 282 -1.57 25.00 32.39
N TYR A 283 -0.96 25.56 31.33
CA TYR A 283 -1.08 25.04 29.99
C TYR A 283 0.23 24.47 29.44
N GLY A 284 1.26 24.36 30.27
CA GLY A 284 2.60 24.04 29.77
C GLY A 284 3.22 25.22 28.99
N PRO A 285 4.53 25.12 28.66
CA PRO A 285 5.27 26.27 28.13
C PRO A 285 4.76 26.72 26.77
N THR A 286 5.06 27.97 26.42
CA THR A 286 4.71 28.54 25.11
C THR A 286 5.94 29.20 24.47
N THR A 287 5.77 29.82 23.30
CA THR A 287 6.90 30.29 22.44
C THR A 287 7.93 31.10 23.20
N GLY A 288 9.16 30.61 23.22
CA GLY A 288 10.19 31.32 23.97
C GLY A 288 10.59 30.66 25.26
N ASP A 289 9.66 29.99 25.97
CA ASP A 289 10.03 29.21 27.15
C ASP A 289 10.94 28.01 26.86
N LYS A 290 11.61 27.53 27.91
CA LYS A 290 12.59 26.47 27.71
C LYS A 290 12.34 25.38 28.73
N ILE A 291 12.66 24.15 28.36
CA ILE A 291 12.39 23.00 29.20
C ILE A 291 13.61 22.14 29.27
N ARG A 292 14.04 21.87 30.49
CA ARG A 292 15.14 20.99 30.76
C ARG A 292 14.75 19.56 30.48
N LEU A 293 15.54 18.84 29.71
CA LEU A 293 15.21 17.45 29.46
C LEU A 293 15.66 16.58 30.63
N GLY A 294 14.69 16.12 31.41
CA GLY A 294 14.95 15.25 32.55
C GLY A 294 15.90 15.94 33.49
N ASP A 295 16.84 15.18 34.06
CA ASP A 295 17.93 15.77 34.81
C ASP A 295 19.20 15.88 33.95
N THR A 296 19.08 16.01 32.61
CA THR A 296 20.29 16.35 31.83
C THR A 296 20.56 17.88 31.85
N ALA A 297 21.59 18.35 31.11
CA ALA A 297 21.81 19.81 30.94
C ALA A 297 21.14 20.35 29.65
N LEU A 298 20.24 19.56 29.05
CA LEU A 298 19.66 19.96 27.76
C LEU A 298 18.37 20.81 27.94
N PHE A 299 18.26 21.85 27.10
CA PHE A 299 17.09 22.73 27.12
C PHE A 299 16.45 22.87 25.75
N ALA A 300 15.18 22.45 25.70
CA ALA A 300 14.35 22.67 24.53
C ALA A 300 13.58 23.99 24.64
N GLU A 301 13.71 24.80 23.62
CA GLU A 301 12.96 26.05 23.57
C GLU A 301 11.78 25.85 22.59
N ILE A 302 10.57 26.15 23.03
CA ILE A 302 9.36 26.16 22.19
C ILE A 302 9.57 27.11 21.01
N GLU A 303 9.58 26.58 19.79
CA GLU A 303 9.89 27.36 18.59
C GLU A 303 8.62 28.02 18.01
N LYS A 304 7.46 27.47 18.32
CA LYS A 304 6.23 27.90 17.66
C LYS A 304 5.12 27.38 18.53
N ASP A 305 4.09 28.19 18.75
CA ASP A 305 2.87 27.75 19.43
C ASP A 305 1.65 28.02 18.59
N PHE A 306 0.77 27.03 18.48
CA PHE A 306 -0.47 27.21 17.71
C PHE A 306 -1.61 27.83 18.51
N ALA A 307 -1.45 27.88 19.83
CA ALA A 307 -2.50 28.39 20.71
C ALA A 307 -2.78 29.85 20.37
N ILE A 308 -4.05 30.22 20.54
CA ILE A 308 -4.54 31.61 20.52
C ILE A 308 -4.91 31.90 21.94
N TYR A 309 -4.13 32.77 22.61
CA TYR A 309 -4.17 32.80 24.07
C TYR A 309 -5.54 33.08 24.59
N GLY A 310 -6.07 32.16 25.39
CA GLY A 310 -7.38 32.35 26.00
C GLY A 310 -8.35 31.23 25.64
N ASP A 311 -8.04 30.48 24.58
CA ASP A 311 -8.93 29.41 24.05
C ASP A 311 -8.26 28.02 24.17
N GLU A 312 -7.31 27.87 25.07
CA GLU A 312 -6.67 26.55 25.21
C GLU A 312 -7.69 25.42 25.46
N CYS A 313 -7.42 24.28 24.86
CA CYS A 313 -8.23 23.09 25.09
C CYS A 313 -7.85 22.38 26.38
N THR A 314 -8.63 22.67 27.42
CA THR A 314 -8.45 22.00 28.70
C THR A 314 -9.80 21.39 29.11
N PHE A 315 -9.72 20.12 29.51
CA PHE A 315 -10.89 19.31 29.79
C PHE A 315 -10.97 19.12 31.32
N GLY A 316 -12.18 19.16 31.86
CA GLY A 316 -12.39 19.07 33.33
C GLY A 316 -13.73 19.70 33.74
N GLY A 317 -14.10 19.55 35.01
CA GLY A 317 -15.30 20.20 35.50
C GLY A 317 -15.11 21.71 35.35
N GLY A 318 -16.11 22.37 34.78
CA GLY A 318 -16.10 23.79 34.50
C GLY A 318 -15.22 24.19 33.34
N LYS A 319 -14.52 23.23 32.72
CA LYS A 319 -13.43 23.59 31.81
C LYS A 319 -13.88 23.80 30.37
N VAL A 320 -12.94 23.82 29.46
CA VAL A 320 -13.23 24.35 28.13
C VAL A 320 -13.92 23.28 27.26
N ILE A 321 -13.53 22.02 27.43
CA ILE A 321 -14.01 21.00 26.56
C ILE A 321 -15.41 20.45 26.99
N ARG A 322 -16.44 21.24 26.77
CA ARG A 322 -17.79 20.88 27.19
C ARG A 322 -18.80 21.24 26.10
N ASP A 323 -19.92 20.50 26.06
CA ASP A 323 -20.92 20.59 24.96
C ASP A 323 -21.31 22.00 24.58
N GLY A 324 -21.04 22.35 23.34
CA GLY A 324 -21.38 23.69 22.83
C GLY A 324 -20.31 24.77 23.09
N MET A 325 -19.32 24.46 23.90
CA MET A 325 -18.28 25.41 24.19
C MET A 325 -17.04 25.04 23.39
N GLY A 326 -16.02 24.47 24.01
CA GLY A 326 -14.89 23.96 23.23
C GLY A 326 -15.20 22.65 22.49
N GLN A 327 -16.18 21.88 22.99
CA GLN A 327 -16.59 20.65 22.33
C GLN A 327 -17.70 21.01 21.37
N SER A 328 -17.51 20.67 20.10
CA SER A 328 -18.38 21.18 19.05
C SER A 328 -19.63 20.34 19.00
N CYS A 329 -20.65 20.89 18.39
CA CYS A 329 -21.98 20.33 18.44
C CYS A 329 -22.61 20.75 17.14
N GLY A 330 -22.79 19.81 16.21
CA GLY A 330 -23.38 20.18 14.92
C GLY A 330 -22.51 20.03 13.65
N HIS A 331 -21.18 19.99 13.80
CA HIS A 331 -20.29 19.65 12.66
C HIS A 331 -20.62 18.25 12.16
N PRO A 332 -20.21 17.90 10.92
CA PRO A 332 -20.50 16.52 10.47
C PRO A 332 -19.80 15.49 11.36
N PRO A 333 -20.55 14.48 11.86
CA PRO A 333 -20.04 13.52 12.86
C PRO A 333 -18.80 12.74 12.44
N ALA A 334 -18.61 12.54 11.12
CA ALA A 334 -17.50 11.75 10.59
C ALA A 334 -16.16 12.41 10.82
N LEU A 335 -16.15 13.73 10.98
CA LEU A 335 -14.91 14.45 11.14
C LEU A 335 -14.54 14.79 12.59
N SER A 336 -15.37 14.46 13.57
CA SER A 336 -14.88 14.51 14.97
C SER A 336 -13.56 13.76 15.09
N LEU A 337 -12.60 14.29 15.82
CA LEU A 337 -11.40 13.55 16.14
C LEU A 337 -11.77 12.40 17.03
N ASP A 338 -11.09 11.26 16.86
CA ASP A 338 -11.25 10.13 17.78
C ASP A 338 -10.63 10.50 19.12
N THR A 339 -9.39 11.02 19.10
CA THR A 339 -8.72 11.47 20.31
C THR A 339 -8.03 12.79 20.04
N VAL A 340 -7.92 13.64 21.06
CA VAL A 340 -7.09 14.84 20.93
C VAL A 340 -6.10 14.85 22.08
N ILE A 341 -4.85 15.09 21.75
CA ILE A 341 -3.90 15.34 22.77
C ILE A 341 -3.79 16.87 22.91
N THR A 342 -4.21 17.39 24.06
CA THR A 342 -4.29 18.84 24.28
C THR A 342 -3.00 19.38 24.84
N ASN A 343 -2.54 20.50 24.27
CA ASN A 343 -1.42 21.32 24.82
C ASN A 343 -0.15 20.54 24.96
N ALA A 344 0.26 19.91 23.87
CA ALA A 344 1.44 19.12 23.94
C ALA A 344 2.66 19.90 23.50
N VAL A 345 3.78 19.76 24.22
CA VAL A 345 5.07 20.07 23.66
C VAL A 345 5.49 18.86 22.80
N ILE A 346 5.71 19.09 21.49
CA ILE A 346 6.24 18.07 20.63
C ILE A 346 7.70 18.26 20.37
N ILE A 347 8.49 17.24 20.68
CA ILE A 347 9.90 17.25 20.37
C ILE A 347 10.08 16.16 19.34
N ASP A 348 10.63 16.53 18.19
CA ASP A 348 10.67 15.69 16.99
C ASP A 348 11.70 16.28 16.09
N TYR A 349 12.35 15.46 15.26
CA TYR A 349 13.39 15.98 14.41
C TYR A 349 12.95 17.22 13.67
N SER A 350 11.68 17.30 13.36
CA SER A 350 11.22 18.36 12.47
C SER A 350 10.85 19.62 13.21
N GLY A 351 10.97 19.66 14.54
CA GLY A 351 10.63 20.89 15.24
C GLY A 351 10.16 20.72 16.67
N ILE A 352 10.54 21.67 17.54
CA ILE A 352 10.09 21.63 18.92
C ILE A 352 8.99 22.68 19.05
N ILE A 353 7.74 22.24 19.19
CA ILE A 353 6.58 23.16 19.11
C ILE A 353 5.47 22.86 20.14
N LYS A 354 4.48 23.73 20.19
CA LYS A 354 3.37 23.61 21.12
C LYS A 354 2.08 23.47 20.25
N ALA A 355 1.29 22.43 20.46
CA ALA A 355 0.21 22.19 19.56
C ALA A 355 -0.72 21.19 20.20
N ASP A 356 -1.97 21.24 19.77
CA ASP A 356 -2.87 20.11 19.95
C ASP A 356 -2.61 19.05 18.84
N ILE A 357 -2.80 17.78 19.16
CA ILE A 357 -2.57 16.72 18.22
C ILE A 357 -3.90 15.93 18.08
N GLY A 358 -4.35 15.81 16.83
CA GLY A 358 -5.62 15.12 16.55
C GLY A 358 -5.39 13.73 16.00
N ILE A 359 -6.09 12.75 16.56
CA ILE A 359 -5.90 11.38 16.14
C ILE A 359 -7.21 10.95 15.52
N LYS A 360 -7.15 10.22 14.42
CA LYS A 360 -8.34 9.70 13.77
C LYS A 360 -7.95 8.41 13.01
N ASP A 361 -8.71 7.33 13.22
CA ASP A 361 -8.44 6.03 12.57
C ASP A 361 -7.02 5.50 12.89
N GLY A 362 -6.58 5.66 14.13
CA GLY A 362 -5.24 5.23 14.51
C GLY A 362 -4.12 6.09 13.93
N LEU A 363 -4.42 7.10 13.11
CA LEU A 363 -3.38 7.96 12.49
C LEU A 363 -3.36 9.35 13.11
N ILE A 364 -2.21 10.02 12.99
CA ILE A 364 -2.12 11.43 13.36
C ILE A 364 -2.88 12.20 12.26
N HIS A 365 -4.00 12.83 12.61
CA HIS A 365 -4.85 13.51 11.62
C HIS A 365 -4.49 14.97 11.43
N SER A 366 -4.02 15.62 12.47
CA SER A 366 -3.71 17.02 12.41
C SER A 366 -2.90 17.46 13.62
N ILE A 367 -2.23 18.59 13.46
CA ILE A 367 -1.35 19.16 14.48
C ILE A 367 -1.65 20.64 14.37
N GLY A 368 -1.92 21.30 15.49
CA GLY A 368 -2.39 22.69 15.42
C GLY A 368 -3.28 23.09 16.59
N LYS A 369 -4.15 24.06 16.29
CA LYS A 369 -5.06 24.63 17.29
C LYS A 369 -6.42 23.93 17.15
N SER A 370 -6.76 23.20 18.17
CA SER A 370 -7.91 22.40 18.05
C SER A 370 -9.09 23.02 18.85
N GLY A 371 -10.31 22.51 18.69
CA GLY A 371 -11.46 23.03 19.47
C GLY A 371 -12.79 23.00 18.73
N ASN A 372 -13.54 24.11 18.76
CA ASN A 372 -14.89 24.19 18.21
C ASN A 372 -14.98 25.42 17.35
N PRO A 373 -15.14 25.25 16.02
CA PRO A 373 -15.21 26.40 15.11
C PRO A 373 -16.42 27.32 15.37
N ASP A 374 -17.44 26.83 16.08
CA ASP A 374 -18.63 27.67 16.40
C ASP A 374 -18.33 28.71 17.45
N VAL A 375 -17.30 28.49 18.26
CA VAL A 375 -17.07 29.42 19.36
C VAL A 375 -15.66 29.94 19.47
N MET A 376 -14.74 29.42 18.66
CA MET A 376 -13.32 29.79 18.74
C MET A 376 -12.76 30.12 17.39
N ASP A 377 -11.88 31.13 17.35
CA ASP A 377 -11.15 31.50 16.13
C ASP A 377 -10.05 30.50 15.89
N GLY A 378 -9.73 30.24 14.61
CA GLY A 378 -8.50 29.55 14.27
C GLY A 378 -8.59 28.04 14.28
N VAL A 379 -9.82 27.51 14.30
CA VAL A 379 -10.01 26.06 14.31
C VAL A 379 -10.31 25.57 12.91
N PHE A 380 -9.37 24.84 12.31
CA PHE A 380 -9.62 24.25 10.99
C PHE A 380 -10.49 22.99 11.09
N GLN A 381 -11.07 22.61 9.95
CA GLN A 381 -12.07 21.54 9.84
C GLN A 381 -11.53 20.13 10.24
N ASN A 382 -10.21 19.96 10.27
CA ASN A 382 -9.56 18.71 10.64
C ASN A 382 -9.07 18.71 12.09
N MET A 383 -9.51 19.70 12.87
CA MET A 383 -9.15 19.84 14.28
C MET A 383 -10.37 19.95 15.23
N THR A 384 -11.48 19.31 14.91
CA THR A 384 -12.67 19.53 15.68
C THR A 384 -12.76 18.57 16.86
N THR A 385 -12.85 19.12 18.08
CA THR A 385 -13.17 18.30 19.21
C THR A 385 -14.69 18.18 19.21
N GLY A 386 -15.18 16.95 19.12
CA GLY A 386 -16.60 16.66 18.98
C GLY A 386 -17.10 15.81 20.13
N VAL A 387 -18.39 15.49 20.08
CA VAL A 387 -18.99 14.63 21.10
C VAL A 387 -18.21 13.31 21.21
N ASN A 388 -17.86 12.74 20.06
CA ASN A 388 -17.21 11.45 20.11
C ASN A 388 -15.67 11.50 20.22
N THR A 389 -15.09 12.49 20.89
CA THR A 389 -13.67 12.67 20.90
C THR A 389 -13.20 12.40 22.30
N GLU A 390 -12.21 11.52 22.43
CA GLU A 390 -11.54 11.24 23.69
C GLU A 390 -10.44 12.32 23.94
N VAL A 391 -10.14 12.59 25.20
CA VAL A 391 -9.11 13.57 25.52
C VAL A 391 -7.99 12.94 26.28
N ILE A 392 -6.79 13.13 25.73
CA ILE A 392 -5.55 12.88 26.45
C ILE A 392 -4.94 14.29 26.73
N ALA A 393 -4.71 14.58 28.01
CA ALA A 393 -4.33 15.96 28.42
C ALA A 393 -2.82 16.04 28.42
N GLY A 394 -2.24 16.79 27.49
CA GLY A 394 -0.80 16.87 27.41
C GLY A 394 -0.25 18.12 28.05
N GLU A 395 -1.11 18.99 28.57
CA GLU A 395 -0.61 20.24 29.19
C GLU A 395 0.49 19.89 30.20
N GLY A 396 1.65 20.50 30.03
CA GLY A 396 2.72 20.28 30.96
C GLY A 396 3.61 19.15 30.58
N LEU A 397 3.22 18.39 29.55
CA LEU A 397 3.94 17.18 29.19
C LEU A 397 4.59 17.36 27.86
N ILE A 398 5.63 16.53 27.60
CA ILE A 398 6.24 16.37 26.26
C ILE A 398 5.75 15.12 25.46
N VAL A 399 5.43 15.29 24.17
CA VAL A 399 5.06 14.14 23.31
C VAL A 399 6.19 13.88 22.32
N THR A 400 6.65 12.64 22.18
CA THR A 400 7.58 12.35 21.08
C THR A 400 7.03 11.18 20.30
N ALA A 401 7.48 10.97 19.07
CA ALA A 401 7.25 9.66 18.42
C ALA A 401 7.68 8.42 19.28
N GLY A 402 7.06 7.26 19.01
CA GLY A 402 7.52 6.00 19.58
C GLY A 402 8.94 5.74 19.12
N ALA A 403 9.84 5.34 20.02
CA ALA A 403 11.16 4.96 19.55
C ALA A 403 11.15 3.72 18.63
N ILE A 404 12.19 3.64 17.79
CA ILE A 404 12.31 2.54 16.86
C ILE A 404 13.68 1.90 17.03
N ASP A 405 13.66 0.68 17.53
CA ASP A 405 14.87 -0.04 17.76
C ASP A 405 15.14 -0.95 16.59
N CYS A 406 16.22 -0.70 15.88
CA CYS A 406 16.44 -1.50 14.70
C CYS A 406 17.63 -2.47 14.77
N HIS A 407 18.15 -2.73 15.98
CA HIS A 407 19.08 -3.83 16.21
C HIS A 407 18.56 -4.76 17.32
N VAL A 408 17.50 -5.49 17.04
CA VAL A 408 16.88 -6.34 18.10
C VAL A 408 17.22 -7.82 17.96
N HIS A 409 17.63 -8.44 19.05
CA HIS A 409 17.72 -9.91 19.05
C HIS A 409 16.50 -10.44 19.84
N TYR A 410 15.66 -11.21 19.17
CA TYR A 410 14.49 -11.82 19.80
C TYR A 410 14.93 -13.01 20.64
N ILE A 411 15.48 -12.71 21.81
CA ILE A 411 15.98 -13.75 22.63
C ILE A 411 14.88 -14.20 23.58
N CYS A 412 14.10 -13.27 24.08
CA CYS A 412 13.00 -13.65 24.96
C CYS A 412 11.88 -12.66 24.74
N PRO A 413 10.64 -13.06 25.02
CA PRO A 413 9.50 -12.17 24.93
C PRO A 413 9.60 -11.00 25.90
N GLN A 414 10.33 -11.17 27.00
CA GLN A 414 10.33 -10.04 27.95
C GLN A 414 11.06 -8.79 27.46
N LEU A 415 12.08 -8.93 26.59
CA LEU A 415 12.73 -7.80 25.94
C LEU A 415 11.61 -6.89 25.48
N VAL A 416 10.52 -7.51 24.98
CA VAL A 416 9.46 -6.75 24.31
C VAL A 416 8.73 -5.82 25.26
N TYR A 417 8.32 -6.32 26.41
CA TYR A 417 7.64 -5.50 27.38
C TYR A 417 8.60 -4.46 27.88
N GLU A 418 9.88 -4.82 27.99
CA GLU A 418 10.87 -3.85 28.54
C GLU A 418 11.02 -2.68 27.53
N ALA A 419 10.97 -3.01 26.23
CA ALA A 419 10.98 -2.00 25.17
C ALA A 419 9.82 -1.00 25.12
N VAL A 420 8.56 -1.45 25.04
CA VAL A 420 7.37 -0.57 25.03
C VAL A 420 7.38 0.24 26.34
N THR A 421 7.70 -0.42 27.47
CA THR A 421 7.69 0.33 28.75
C THR A 421 8.71 1.44 28.86
N SER A 422 9.74 1.41 28.02
CA SER A 422 10.75 2.49 27.98
C SER A 422 10.44 3.55 26.93
N GLY A 423 9.45 3.26 26.06
CA GLY A 423 9.04 4.20 25.04
C GLY A 423 9.33 3.73 23.62
N ILE A 424 9.55 2.44 23.45
CA ILE A 424 9.78 1.88 22.10
C ILE A 424 8.47 1.23 21.59
N THR A 425 8.09 1.57 20.35
CA THR A 425 6.91 0.99 19.70
C THR A 425 7.19 0.19 18.40
N THR A 426 8.36 0.33 17.80
CA THR A 426 8.76 -0.55 16.71
C THR A 426 10.07 -1.31 17.03
N LEU A 427 10.10 -2.61 16.73
CA LEU A 427 11.31 -3.43 16.83
C LEU A 427 11.70 -4.06 15.48
N VAL A 428 12.97 -3.94 15.09
CA VAL A 428 13.45 -4.60 13.89
C VAL A 428 14.70 -5.41 14.24
N GLY A 429 14.71 -6.68 13.88
CA GLY A 429 15.86 -7.52 14.14
C GLY A 429 15.59 -8.91 13.66
N GLY A 430 16.23 -9.89 14.30
CA GLY A 430 16.03 -11.27 13.90
C GLY A 430 16.10 -12.17 15.09
N GLY A 431 15.71 -13.41 14.93
CA GLY A 431 15.85 -14.40 16.00
C GLY A 431 14.71 -15.37 16.04
N THR A 432 14.81 -16.38 16.91
CA THR A 432 13.78 -17.40 17.08
C THR A 432 13.65 -17.78 18.55
N GLY A 433 14.19 -16.97 19.46
CA GLY A 433 14.18 -17.34 20.86
C GLY A 433 15.62 -17.53 21.32
N PRO A 434 15.82 -18.10 22.52
CA PRO A 434 17.16 -18.15 23.16
C PRO A 434 18.15 -19.18 22.67
N THR A 435 18.27 -19.35 21.37
CA THR A 435 19.17 -20.31 20.73
C THR A 435 20.57 -19.70 20.55
N ALA A 436 21.56 -20.53 20.23
CA ALA A 436 22.91 -20.03 20.05
C ALA A 436 22.95 -19.03 18.90
N GLY A 437 22.31 -19.37 17.77
CA GLY A 437 22.23 -18.45 16.59
C GLY A 437 21.64 -17.06 16.81
N THR A 438 20.47 -17.02 17.46
CA THR A 438 19.79 -15.77 17.87
C THR A 438 20.54 -14.99 18.98
N ARG A 439 21.17 -15.69 19.92
CA ARG A 439 21.99 -15.01 20.93
C ARG A 439 23.24 -14.32 20.34
N ALA A 440 23.67 -14.74 19.15
CA ALA A 440 24.82 -14.16 18.47
C ALA A 440 24.43 -13.19 17.35
N THR A 441 23.31 -13.48 16.66
CA THR A 441 23.00 -12.75 15.43
C THR A 441 21.54 -12.31 15.42
N THR A 442 21.23 -11.24 14.68
CA THR A 442 19.84 -10.85 14.48
C THR A 442 19.30 -11.60 13.28
N CYS A 443 19.29 -12.94 13.35
CA CYS A 443 18.77 -13.78 12.26
C CYS A 443 17.60 -14.72 12.61
N THR A 444 16.49 -14.59 11.88
CA THR A 444 15.44 -15.61 11.91
C THR A 444 15.73 -16.45 10.64
N PRO A 445 16.42 -17.59 10.77
CA PRO A 445 16.94 -18.21 9.55
C PRO A 445 15.94 -18.96 8.67
N ALA A 446 15.00 -19.71 9.23
CA ALA A 446 14.11 -20.54 8.36
C ALA A 446 12.77 -19.86 8.02
N PRO A 447 12.22 -20.11 6.80
CA PRO A 447 10.91 -19.61 6.46
C PRO A 447 9.82 -19.91 7.51
N ILE A 448 9.74 -21.17 7.94
CA ILE A 448 9.03 -21.69 9.08
C ILE A 448 9.11 -20.82 10.34
N GLN A 449 10.31 -20.33 10.65
CA GLN A 449 10.52 -19.47 11.82
C GLN A 449 10.03 -18.04 11.60
N MET A 450 10.13 -17.57 10.38
CA MET A 450 9.44 -16.33 10.01
C MET A 450 7.93 -16.38 10.29
N LYS A 451 7.29 -17.44 9.79
CA LYS A 451 5.88 -17.65 9.96
C LYS A 451 5.65 -17.62 11.46
N LEU A 452 6.44 -18.39 12.19
CA LEU A 452 6.25 -18.50 13.62
C LEU A 452 6.44 -17.25 14.41
N MET A 453 7.39 -16.42 14.04
CA MET A 453 7.65 -15.25 14.86
C MET A 453 6.63 -14.15 14.61
N LEU A 454 6.09 -14.14 13.40
CA LEU A 454 5.05 -13.21 13.01
C LEU A 454 3.75 -13.64 13.71
N GLN A 455 3.56 -14.95 13.85
CA GLN A 455 2.36 -15.46 14.51
C GLN A 455 2.45 -15.28 16.01
N SER A 456 3.56 -15.72 16.57
CA SER A 456 3.95 -15.42 17.90
C SER A 456 3.68 -13.98 18.37
N THR A 457 4.08 -12.98 17.57
CA THR A 457 4.12 -11.56 18.07
C THR A 457 2.88 -10.83 17.65
N ASP A 458 1.96 -11.58 17.03
CA ASP A 458 0.73 -11.01 16.45
C ASP A 458 -0.19 -10.23 17.38
N ASP A 459 -0.13 -10.47 18.69
CA ASP A 459 -1.05 -9.79 19.62
C ASP A 459 -0.33 -8.70 20.37
N LEU A 460 0.96 -8.55 20.08
CA LEU A 460 1.74 -7.62 20.88
C LEU A 460 1.63 -6.24 20.23
N PRO A 461 1.33 -5.22 21.04
CA PRO A 461 1.10 -3.88 20.52
C PRO A 461 2.43 -3.14 20.13
N LEU A 462 3.20 -3.72 19.20
CA LEU A 462 4.38 -3.02 18.62
C LEU A 462 4.41 -3.41 17.18
N ASN A 463 4.98 -2.55 16.34
CA ASN A 463 5.28 -2.93 14.95
C ASN A 463 6.52 -3.79 14.96
N PHE A 464 6.57 -4.79 14.09
CA PHE A 464 7.73 -5.71 14.08
C PHE A 464 8.27 -5.93 12.67
N GLY A 465 9.58 -6.07 12.54
CA GLY A 465 10.22 -6.47 11.29
C GLY A 465 11.15 -7.60 11.67
N PHE A 466 11.23 -8.66 10.84
CA PHE A 466 12.17 -9.78 11.05
C PHE A 466 13.16 -9.93 9.88
N THR A 467 14.41 -10.22 10.18
CA THR A 467 15.44 -10.30 9.19
C THR A 467 16.04 -11.69 9.13
N GLY A 468 16.38 -12.10 7.93
CA GLY A 468 16.79 -13.46 7.65
C GLY A 468 18.29 -13.48 7.72
N LYS A 469 18.89 -14.62 7.48
CA LYS A 469 20.33 -14.75 7.43
C LYS A 469 20.89 -14.45 6.05
N GLY A 470 21.63 -13.35 5.93
CA GLY A 470 22.13 -12.89 4.66
C GLY A 470 23.44 -13.48 4.19
N ASN A 471 24.03 -14.30 5.02
CA ASN A 471 25.32 -14.89 4.79
C ASN A 471 25.32 -16.01 3.81
N CYS A 472 25.56 -15.67 2.57
CA CYS A 472 25.54 -16.62 1.54
C CYS A 472 26.27 -16.21 0.31
N ALA A 473 26.87 -17.16 -0.35
CA ALA A 473 27.65 -16.87 -1.50
C ALA A 473 26.84 -17.20 -2.74
N LYS A 474 25.62 -17.65 -2.52
CA LYS A 474 24.63 -17.94 -3.57
C LYS A 474 23.25 -17.34 -3.19
N PRO A 475 22.46 -16.94 -4.20
CA PRO A 475 21.25 -16.26 -3.79
C PRO A 475 20.12 -17.19 -3.44
N ASP A 476 20.27 -18.47 -3.70
CA ASP A 476 19.17 -19.42 -3.68
C ASP A 476 18.28 -19.34 -2.44
N GLU A 477 18.87 -19.34 -1.25
CA GLU A 477 18.07 -19.47 -0.05
C GLU A 477 17.68 -18.08 0.44
N LEU A 478 18.46 -17.09 0.03
CA LEU A 478 18.12 -15.72 0.34
C LEU A 478 16.78 -15.39 -0.33
N HIS A 479 16.62 -15.73 -1.62
CA HIS A 479 15.31 -15.57 -2.28
C HIS A 479 14.22 -16.09 -1.37
N GLU A 480 14.42 -17.27 -0.84
CA GLU A 480 13.40 -17.98 -0.09
C GLU A 480 13.05 -17.30 1.23
N ILE A 481 14.03 -16.77 1.93
CA ILE A 481 13.70 -16.21 3.24
C ILE A 481 12.94 -14.89 3.07
N ILE A 482 13.28 -14.14 2.02
CA ILE A 482 12.58 -12.89 1.73
C ILE A 482 11.15 -13.19 1.27
N LYS A 483 10.99 -14.15 0.37
CA LYS A 483 9.63 -14.59 -0.03
C LYS A 483 8.82 -15.05 1.21
N ALA A 484 9.51 -15.62 2.21
CA ALA A 484 8.81 -16.07 3.43
C ALA A 484 8.30 -14.90 4.23
N GLY A 485 8.97 -13.75 4.12
CA GLY A 485 8.49 -12.59 4.85
C GLY A 485 9.52 -11.75 5.55
N ALA A 486 10.79 -12.18 5.47
CA ALA A 486 11.89 -11.33 6.01
C ALA A 486 11.84 -9.94 5.34
N MET A 487 12.04 -8.87 6.12
CA MET A 487 12.02 -7.52 5.56
C MET A 487 13.40 -6.89 5.45
N GLY A 488 14.45 -7.72 5.48
CA GLY A 488 15.82 -7.24 5.58
C GLY A 488 16.63 -8.47 5.84
N LEU A 489 17.94 -8.41 5.60
CA LEU A 489 18.80 -9.54 5.83
C LEU A 489 19.92 -9.05 6.67
N LEU A 491 23.89 -9.75 7.61
CA LEU A 491 25.21 -10.38 7.39
C LEU A 491 25.96 -10.31 8.67
N HIS A 492 26.28 -11.48 9.22
CA HIS A 492 27.02 -11.55 10.47
C HIS A 492 28.29 -12.40 10.36
N GLU A 493 29.38 -11.97 10.99
CA GLU A 493 30.63 -12.73 10.86
C GLU A 493 30.49 -14.17 11.36
N ASP A 494 29.67 -14.36 12.41
CA ASP A 494 29.46 -15.68 13.01
C ASP A 494 28.88 -16.69 12.01
N TRP A 495 28.21 -16.17 10.97
CA TRP A 495 27.77 -17.01 9.84
C TRP A 495 28.67 -16.83 8.61
N GLY A 496 29.62 -15.90 8.74
CA GLY A 496 30.60 -15.63 7.70
C GLY A 496 30.27 -14.33 7.00
N THR A 497 31.04 -13.26 7.16
CA THR A 497 30.77 -12.06 6.39
C THR A 497 31.94 -11.76 5.51
N THR A 498 32.03 -12.55 4.46
CA THR A 498 33.11 -12.53 3.49
C THR A 498 32.68 -11.67 2.30
N PRO A 499 33.65 -11.16 1.53
CA PRO A 499 33.30 -10.31 0.39
C PRO A 499 32.30 -10.98 -0.59
N ALA A 500 32.48 -12.28 -0.86
CA ALA A 500 31.53 -13.02 -1.67
C ALA A 500 30.14 -13.01 -1.04
N ALA A 501 30.03 -13.25 0.27
CA ALA A 501 28.71 -13.25 0.88
C ALA A 501 28.07 -11.86 0.82
N ILE A 502 28.92 -10.83 1.01
CA ILE A 502 28.49 -9.43 1.05
C ILE A 502 27.94 -9.05 -0.31
N ASP A 503 28.66 -9.44 -1.37
CA ASP A 503 28.21 -9.10 -2.72
C ASP A 503 26.86 -9.79 -3.04
N SER A 504 26.79 -11.08 -2.75
CA SER A 504 25.66 -11.90 -3.13
C SER A 504 24.37 -11.37 -2.41
N CYS A 505 24.57 -10.99 -1.16
CA CYS A 505 23.52 -10.46 -0.30
C CYS A 505 23.01 -9.10 -0.74
N LEU A 506 23.92 -8.24 -1.17
CA LEU A 506 23.53 -6.90 -1.63
C LEU A 506 22.91 -6.97 -3.02
N THR A 507 23.36 -7.89 -3.85
CA THR A 507 22.72 -8.08 -5.14
C THR A 507 21.25 -8.47 -4.93
N ILE A 508 21.00 -9.37 -4.00
CA ILE A 508 19.65 -9.69 -3.60
C ILE A 508 18.89 -8.43 -3.11
N ALA A 509 19.51 -7.65 -2.24
CA ALA A 509 18.80 -6.45 -1.70
C ALA A 509 18.34 -5.51 -2.81
N GLU A 510 19.10 -5.46 -3.90
CA GLU A 510 18.76 -4.63 -5.06
C GLU A 510 17.54 -5.16 -5.75
N GLN A 511 17.42 -6.46 -5.80
CA GLN A 511 16.22 -7.06 -6.36
C GLN A 511 14.97 -6.80 -5.50
N TYR A 512 15.07 -7.02 -4.17
CA TYR A 512 13.86 -7.03 -3.34
C TYR A 512 13.55 -5.75 -2.57
N ASP A 513 14.41 -4.74 -2.68
CA ASP A 513 14.19 -3.46 -1.99
C ASP A 513 14.05 -3.67 -0.46
N ILE A 514 15.08 -4.27 0.15
CA ILE A 514 15.09 -4.56 1.61
C ILE A 514 16.44 -4.06 2.05
N GLN A 515 16.61 -3.83 3.36
CA GLN A 515 17.86 -3.30 3.83
C GLN A 515 18.79 -4.42 4.30
N VAL A 516 20.08 -4.26 4.05
CA VAL A 516 21.06 -5.22 4.47
C VAL A 516 21.73 -4.59 5.69
N ASN A 517 21.67 -5.29 6.82
CA ASN A 517 22.43 -4.90 8.00
C ASN A 517 23.65 -5.78 8.14
N ILE A 518 24.81 -5.19 8.47
CA ILE A 518 26.04 -5.94 8.53
C ILE A 518 26.85 -5.77 9.83
N HIS A 519 27.45 -6.88 10.26
CA HIS A 519 28.41 -6.93 11.36
C HIS A 519 29.60 -7.57 10.64
N THR A 520 30.62 -6.76 10.35
CA THR A 520 31.75 -7.20 9.56
C THR A 520 32.69 -8.23 10.19
N ASP A 521 33.60 -8.73 9.38
CA ASP A 521 34.65 -9.71 9.73
C ASP A 521 35.71 -9.15 10.64
N THR A 522 35.53 -9.27 11.96
CA THR A 522 36.46 -8.73 12.95
C THR A 522 37.92 -9.24 12.79
N LEU A 523 38.02 -10.48 12.35
CA LEU A 523 39.24 -11.22 12.26
C LEU A 523 40.06 -10.79 11.05
N ASN A 524 39.50 -9.89 10.25
CA ASN A 524 40.07 -9.52 8.97
C ASN A 524 40.56 -10.80 8.25
N GLU A 525 39.81 -11.88 8.41
CA GLU A 525 40.15 -13.23 7.93
C GLU A 525 40.27 -13.24 6.41
N SER A 526 39.42 -12.45 5.82
CA SER A 526 39.17 -12.46 4.43
C SER A 526 39.60 -11.18 3.71
N GLY A 527 39.81 -10.14 4.51
CA GLY A 527 40.04 -8.78 4.04
C GLY A 527 40.02 -7.87 5.26
N PHE A 528 40.57 -6.67 5.10
CA PHE A 528 40.50 -5.63 6.11
C PHE A 528 39.32 -4.81 5.70
N VAL A 529 39.10 -3.69 6.38
CA VAL A 529 37.86 -2.97 6.16
C VAL A 529 37.71 -2.51 4.71
N GLU A 530 38.83 -2.04 4.13
CA GLU A 530 38.92 -1.62 2.72
C GLU A 530 38.22 -2.64 1.83
N HIS A 531 38.46 -3.91 2.14
CA HIS A 531 38.03 -5.01 1.24
C HIS A 531 36.55 -5.22 1.37
N THR A 532 36.03 -5.04 2.59
CA THR A 532 34.60 -5.10 2.72
C THR A 532 33.95 -3.88 2.07
N ILE A 533 34.52 -2.70 2.26
CA ILE A 533 33.96 -1.53 1.62
C ILE A 533 33.93 -1.72 0.11
N ALA A 534 35.01 -2.26 -0.47
CA ALA A 534 35.02 -2.53 -1.91
C ALA A 534 33.86 -3.45 -2.28
N ALA A 535 33.64 -4.51 -1.49
CA ALA A 535 32.56 -5.46 -1.76
C ALA A 535 31.15 -4.85 -1.73
N PHE A 536 30.96 -3.81 -0.92
CA PHE A 536 29.69 -3.03 -1.03
C PHE A 536 29.41 -2.67 -2.47
N LYS A 537 30.45 -2.20 -3.19
CA LYS A 537 30.32 -1.67 -4.55
C LYS A 537 29.32 -0.52 -4.63
N GLY A 538 29.46 0.45 -3.72
CA GLY A 538 28.64 1.67 -3.79
C GLY A 538 27.16 1.41 -3.47
N ARG A 539 26.83 0.27 -2.87
CA ARG A 539 25.40 -0.02 -2.67
C ARG A 539 25.01 0.31 -1.24
N THR A 540 23.78 0.75 -1.04
CA THR A 540 23.30 1.11 0.31
C THR A 540 23.45 -0.08 1.28
N ILE A 541 23.97 0.14 2.48
CA ILE A 541 24.10 -0.93 3.46
C ILE A 541 24.06 -0.26 4.82
N HIS A 542 23.37 -0.87 5.76
CA HIS A 542 23.32 -0.39 7.15
C HIS A 542 24.41 -1.07 7.94
N THR A 543 25.36 -0.31 8.47
CA THR A 543 26.41 -0.94 9.27
C THR A 543 26.01 -0.89 10.78
N TYR A 544 25.88 -2.06 11.43
CA TYR A 544 25.55 -2.13 12.85
C TYR A 544 26.79 -1.79 13.64
N HIS A 545 26.56 -1.33 14.88
CA HIS A 545 27.58 -0.85 15.81
C HIS A 545 28.86 -0.49 15.09
N SER A 546 28.76 0.58 14.32
CA SER A 546 29.81 1.04 13.43
C SER A 546 31.14 1.36 14.10
N GLU A 547 31.11 1.53 15.43
CA GLU A 547 32.32 1.82 16.16
C GLU A 547 33.15 0.55 16.29
N GLY A 548 32.47 -0.57 16.53
CA GLY A 548 33.10 -1.88 16.46
C GLY A 548 33.29 -2.70 17.70
N ALA A 549 33.11 -2.10 18.89
CA ALA A 549 33.15 -2.89 20.13
C ALA A 549 32.19 -4.07 20.00
N GLY A 550 31.05 -3.80 19.38
CA GLY A 550 29.99 -4.81 19.22
C GLY A 550 30.29 -5.75 18.07
N GLY A 551 31.37 -5.47 17.32
CA GLY A 551 31.80 -6.30 16.19
C GLY A 551 32.22 -5.56 14.92
N GLY A 552 33.28 -6.07 14.32
CA GLY A 552 33.72 -5.61 13.02
C GLY A 552 35.22 -5.41 12.92
N HIS A 553 35.75 -5.47 11.68
CA HIS A 553 37.17 -5.17 11.35
C HIS A 553 37.98 -4.44 12.46
N ALA A 554 38.91 -5.16 13.07
CA ALA A 554 39.78 -4.57 14.08
C ALA A 554 40.97 -3.90 13.37
N PRO A 555 41.32 -2.67 13.76
CA PRO A 555 40.62 -1.93 14.80
C PRO A 555 39.80 -0.78 14.19
N ASP A 556 39.54 -0.84 12.89
CA ASP A 556 39.14 0.37 12.15
C ASP A 556 37.78 0.35 11.41
N ILE A 557 36.83 -0.49 11.85
CA ILE A 557 35.51 -0.55 11.17
C ILE A 557 34.91 0.86 11.13
N ILE A 558 35.20 1.66 12.15
CA ILE A 558 34.62 3.01 12.23
C ILE A 558 34.77 3.83 10.94
N LYS A 559 35.80 3.55 10.13
CA LYS A 559 35.97 4.20 8.83
C LYS A 559 34.69 4.28 8.01
N VAL A 560 33.74 3.37 8.26
CA VAL A 560 32.49 3.30 7.44
C VAL A 560 31.60 4.52 7.60
N CYS A 561 31.69 5.22 8.73
CA CYS A 561 30.97 6.46 8.93
C CYS A 561 31.36 7.57 7.97
N GLY A 562 32.27 7.27 7.03
CA GLY A 562 32.69 8.26 6.02
C GLY A 562 32.36 7.84 4.61
N GLU A 563 31.67 6.69 4.43
CA GLU A 563 31.22 6.19 3.09
C GLU A 563 29.84 6.62 2.79
N LYS A 564 29.69 7.26 1.64
CA LYS A 564 28.45 7.92 1.27
C LYS A 564 27.28 6.90 1.18
N ASN A 565 27.56 5.66 0.74
CA ASN A 565 26.49 4.65 0.68
C ASN A 565 26.23 3.86 2.01
N VAL A 566 26.92 4.23 3.08
CA VAL A 566 26.76 3.52 4.34
C VAL A 566 25.79 4.33 5.21
N LEU A 567 24.83 3.62 5.80
CA LEU A 567 24.04 4.21 6.85
C LEU A 567 24.54 3.65 8.19
N PRO A 568 25.07 4.49 9.07
CA PRO A 568 25.67 3.76 10.18
C PRO A 568 24.91 3.93 11.52
N SER A 569 24.83 2.86 12.30
CA SER A 569 24.28 2.94 13.65
C SER A 569 25.32 2.59 14.71
N SER A 570 25.07 3.03 15.93
CA SER A 570 25.75 2.51 17.10
C SER A 570 24.77 1.63 17.86
N THR A 571 25.28 0.65 18.58
CA THR A 571 24.50 0.03 19.67
C THR A 571 24.73 0.90 20.93
N ASN A 572 24.00 0.63 22.01
CA ASN A 572 23.94 1.58 23.12
C ASN A 572 24.91 1.40 24.32
N PRO A 573 25.51 0.19 24.51
CA PRO A 573 26.28 0.02 25.75
C PRO A 573 27.57 0.86 25.82
N THR A 574 28.17 1.12 24.66
CA THR A 574 29.34 2.01 24.62
C THR A 574 28.98 3.50 24.65
N ARG A 575 27.70 3.84 24.84
CA ARG A 575 27.20 5.22 24.87
C ARG A 575 26.91 5.73 26.26
N PRO A 576 27.58 6.80 26.69
CA PRO A 576 28.75 7.36 26.02
C PRO A 576 30.01 6.82 26.75
N LEU A 577 31.21 7.30 26.42
CA LEU A 577 32.39 6.83 27.13
C LEU A 577 32.38 7.30 28.62
N THR A 578 32.18 6.36 29.55
CA THR A 578 32.18 6.67 30.97
C THR A 578 33.21 5.76 31.62
N SER A 579 33.45 5.99 32.91
CA SER A 579 34.55 5.38 33.61
C SER A 579 34.51 3.85 33.70
N ASN A 580 33.32 3.24 33.63
CA ASN A 580 33.26 1.76 33.72
C ASN A 580 33.20 1.10 32.35
N THR A 581 33.00 1.91 31.31
CA THR A 581 32.80 1.41 29.96
C THR A 581 33.82 0.30 29.57
N ILE A 582 35.12 0.66 29.54
CA ILE A 582 36.14 -0.20 29.00
C ILE A 582 36.25 -1.48 29.84
N ASP A 583 36.27 -1.35 31.16
CA ASP A 583 36.40 -2.55 31.99
C ASP A 583 35.25 -3.52 31.71
N GLU A 584 34.03 -2.98 31.57
CA GLU A 584 32.82 -3.76 31.43
C GLU A 584 32.87 -4.55 30.13
N HIS A 585 33.29 -3.86 29.07
CA HIS A 585 33.25 -4.39 27.73
C HIS A 585 34.28 -5.44 27.45
N VAL A 586 35.48 -5.23 27.96
CA VAL A 586 36.51 -6.27 27.86
C VAL A 586 35.93 -7.55 28.45
N ASP A 587 35.41 -7.50 29.69
CA ASP A 587 34.90 -8.75 30.29
C ASP A 587 33.76 -9.34 29.51
N MET A 588 32.86 -8.45 29.07
CA MET A 588 31.69 -8.84 28.29
C MET A 588 32.15 -9.55 27.03
N LEU A 589 33.12 -8.95 26.35
CA LEU A 589 33.75 -9.60 25.22
C LEU A 589 34.31 -10.97 25.63
N MET A 590 35.07 -11.02 26.72
CA MET A 590 35.65 -12.29 27.17
C MET A 590 34.56 -13.35 27.39
N VAL A 591 33.41 -12.92 27.91
CA VAL A 591 32.38 -13.84 28.28
C VAL A 591 31.69 -14.34 27.04
N HIS A 593 32.81 -14.36 24.04
CA HIS A 593 33.71 -15.16 23.17
C HIS A 593 34.39 -16.36 23.86
N HIS A 594 34.02 -16.64 25.11
CA HIS A 594 34.56 -17.78 25.86
C HIS A 594 36.10 -17.76 25.89
N LEU A 595 36.65 -16.58 26.18
CA LEU A 595 38.09 -16.36 26.25
C LEU A 595 38.66 -16.41 27.67
N ASP A 596 39.99 -16.61 27.73
CA ASP A 596 40.73 -16.90 28.94
C ASP A 596 41.61 -15.67 29.18
N ALA A 597 41.48 -15.06 30.35
CA ALA A 597 42.29 -13.88 30.73
C ALA A 597 43.82 -14.21 30.75
N ASN A 598 44.12 -15.50 30.85
CA ASN A 598 45.50 -15.97 31.02
C ASN A 598 46.15 -16.54 29.74
N ILE A 599 45.52 -16.37 28.59
CA ILE A 599 46.09 -16.82 27.31
C ILE A 599 46.45 -15.62 26.45
N ALA A 600 47.70 -15.56 25.99
CA ALA A 600 48.22 -14.35 25.34
C ALA A 600 47.31 -13.86 24.19
N GLU A 601 46.85 -14.76 23.34
CA GLU A 601 46.13 -14.31 22.14
C GLU A 601 44.64 -14.02 22.36
N ASP A 602 44.06 -14.69 23.36
CA ASP A 602 42.71 -14.40 23.79
C ASP A 602 42.68 -12.92 24.23
N VAL A 603 43.70 -12.51 25.02
CA VAL A 603 43.77 -11.13 25.54
C VAL A 603 44.15 -10.15 24.43
N ALA A 604 44.82 -10.65 23.39
CA ALA A 604 45.18 -9.83 22.24
C ALA A 604 43.97 -9.48 21.37
N PHE A 605 43.07 -10.46 21.19
CA PHE A 605 41.88 -10.29 20.36
C PHE A 605 40.95 -9.29 21.02
N SER A 606 40.73 -9.55 22.29
CA SER A 606 39.97 -8.71 23.14
C SER A 606 40.43 -7.21 23.17
N ALA A 607 41.73 -6.96 23.32
CA ALA A 607 42.26 -5.58 23.34
C ALA A 607 42.15 -4.94 21.94
N SER A 608 42.12 -5.78 20.90
CA SER A 608 41.96 -5.26 19.54
C SER A 608 40.50 -4.90 19.20
N ARG A 609 39.57 -5.40 20.03
CA ARG A 609 38.13 -5.23 19.81
C ARG A 609 37.54 -4.09 20.62
N ILE A 610 37.98 -3.98 21.87
CA ILE A 610 37.45 -3.00 22.79
C ILE A 610 38.47 -1.90 22.92
N ARG A 611 38.15 -0.67 22.51
CA ARG A 611 39.18 0.38 22.32
C ARG A 611 38.76 1.77 22.82
N GLU A 612 39.41 2.26 23.86
CA GLU A 612 39.08 3.59 24.28
C GLU A 612 39.16 4.60 23.11
N ALA A 613 40.17 4.51 22.26
CA ALA A 613 40.28 5.53 21.25
C ALA A 613 39.03 5.54 20.35
N THR A 614 38.54 4.37 19.95
CA THR A 614 37.40 4.36 19.01
C THR A 614 36.09 4.71 19.67
N ILE A 615 35.91 4.28 20.91
CA ILE A 615 34.70 4.64 21.66
C ILE A 615 34.66 6.13 21.94
N ALA A 616 35.83 6.71 22.22
CA ALA A 616 35.93 8.17 22.37
C ALA A 616 35.49 8.83 21.05
N ALA A 617 36.05 8.36 19.95
CA ALA A 617 35.67 8.84 18.61
C ALA A 617 34.15 8.71 18.28
N GLU A 618 33.53 7.61 18.72
CA GLU A 618 32.08 7.39 18.57
C GLU A 618 31.24 8.48 19.27
N ASP A 619 31.58 8.85 20.53
CA ASP A 619 30.89 9.99 21.17
C ASP A 619 30.89 11.16 20.22
N ILE A 620 32.04 11.44 19.59
CA ILE A 620 32.14 12.64 18.79
C ILE A 620 31.35 12.52 17.49
N LEU A 621 31.57 11.44 16.75
CA LEU A 621 30.93 11.30 15.44
C LEU A 621 29.41 11.23 15.65
N HIS A 622 29.04 10.82 16.85
CA HIS A 622 27.65 10.81 17.17
C HIS A 622 27.13 12.24 17.22
N ASP A 623 27.87 13.10 17.90
CA ASP A 623 27.53 14.48 18.05
C ASP A 623 27.68 15.21 16.74
N MET A 624 28.67 14.82 15.93
CA MET A 624 28.94 15.35 14.57
C MET A 624 27.75 15.09 13.62
N GLY A 625 26.93 14.12 13.94
CA GLY A 625 25.94 13.67 12.98
C GLY A 625 26.57 12.73 11.97
N ALA A 626 27.70 12.12 12.35
CA ALA A 626 28.40 11.16 11.47
C ALA A 626 27.95 9.73 11.73
N ILE A 627 27.36 9.46 12.89
CA ILE A 627 26.67 8.20 13.07
C ILE A 627 25.16 8.51 13.27
N SER A 628 24.30 7.86 12.50
CA SER A 628 22.97 8.40 12.30
C SER A 628 21.89 7.83 13.20
N ILE A 629 22.17 6.66 13.77
CA ILE A 629 21.17 5.90 14.50
C ILE A 629 21.78 5.36 15.79
N ILE A 630 21.00 5.32 16.85
CA ILE A 630 21.34 4.57 18.07
C ILE A 630 20.31 3.45 18.23
N SER A 631 20.78 2.22 18.51
CA SER A 631 19.97 1.01 18.64
C SER A 631 20.41 0.23 19.90
N SER A 632 19.69 -0.84 20.25
CA SER A 632 19.97 -1.61 21.50
C SER A 632 21.07 -2.65 21.42
N ASP A 633 20.90 -3.62 20.51
CA ASP A 633 21.61 -4.91 20.58
C ASP A 633 21.08 -5.75 21.75
N SER A 634 19.74 -5.72 21.91
CA SER A 634 19.09 -6.25 23.10
C SER A 634 19.61 -7.64 23.43
N GLN A 635 20.29 -7.75 24.61
CA GLN A 635 20.75 -9.00 25.19
C GLN A 635 21.86 -9.73 24.37
N ALA A 636 22.53 -8.98 23.50
CA ALA A 636 23.62 -9.53 22.72
C ALA A 636 24.61 -8.40 22.61
N MET A 637 24.94 -7.86 23.78
CA MET A 637 25.85 -6.73 24.04
C MET A 637 25.11 -5.43 24.26
N GLY A 638 23.80 -5.43 24.25
CA GLY A 638 23.12 -4.15 24.37
C GLY A 638 21.85 -4.26 25.17
N ARG A 639 21.16 -3.15 25.37
CA ARG A 639 20.12 -3.06 26.41
C ARG A 639 18.84 -2.42 25.89
N ILE A 640 17.79 -3.24 25.81
CA ILE A 640 16.60 -2.85 25.12
C ILE A 640 15.98 -1.58 25.72
N GLY A 641 15.98 -1.46 27.04
CA GLY A 641 15.25 -0.36 27.65
C GLY A 641 16.02 0.95 27.74
N GLU A 642 17.11 1.05 27.00
CA GLU A 642 18.05 2.17 27.24
C GLU A 642 18.48 2.82 25.92
N VAL A 643 17.72 2.58 24.87
CA VAL A 643 17.99 3.18 23.56
C VAL A 643 17.80 4.65 23.73
N ILE A 644 16.72 5.02 24.39
CA ILE A 644 16.40 6.43 24.59
C ILE A 644 17.37 7.09 25.59
N SER A 645 17.46 6.54 26.81
CA SER A 645 18.31 7.19 27.82
C SER A 645 19.75 7.33 27.33
N ARG A 646 20.27 6.31 26.63
CA ARG A 646 21.63 6.37 26.21
C ARG A 646 21.86 7.42 25.12
N THR A 647 20.79 7.78 24.43
CA THR A 647 20.88 8.75 23.35
C THR A 647 21.05 10.11 24.01
N TRP A 648 20.20 10.36 25.00
CA TRP A 648 20.25 11.63 25.74
C TRP A 648 21.46 11.74 26.63
N GLN A 649 21.88 10.63 27.22
CA GLN A 649 23.13 10.62 27.98
C GLN A 649 24.33 11.05 27.13
N THR A 650 24.48 10.46 25.95
CA THR A 650 25.42 10.92 24.90
C THR A 650 25.28 12.42 24.58
N ALA A 651 24.07 12.89 24.34
CA ALA A 651 23.84 14.30 24.04
C ALA A 651 24.19 15.23 25.22
N ASP A 652 23.92 14.80 26.44
CA ASP A 652 24.26 15.59 27.62
C ASP A 652 25.78 15.71 27.79
N LYS A 653 26.50 14.60 27.55
CA LYS A 653 27.94 14.62 27.71
C LYS A 653 28.60 15.46 26.64
N MET A 654 28.08 15.46 25.43
CA MET A 654 28.68 16.27 24.38
C MET A 654 28.36 17.73 24.59
N LYS A 655 27.15 18.04 25.05
CA LYS A 655 26.84 19.44 25.30
C LYS A 655 27.95 19.99 26.16
N SER A 656 28.20 19.27 27.24
CA SER A 656 29.11 19.69 28.25
C SER A 656 30.57 19.70 27.77
N ALA A 657 30.94 18.80 26.87
CA ALA A 657 32.34 18.75 26.37
C ALA A 657 32.65 19.66 25.17
N ARG A 658 31.71 19.83 24.25
CA ARG A 658 31.97 20.50 22.96
C ARG A 658 31.31 21.88 22.83
N GLY A 659 31.46 22.51 21.66
CA GLY A 659 30.87 23.82 21.38
C GLY A 659 29.37 23.65 21.13
N PRO A 660 28.59 24.75 21.27
CA PRO A 660 27.16 24.71 20.88
C PRO A 660 27.00 24.40 19.38
N LEU A 661 25.83 23.88 18.99
CA LEU A 661 25.70 23.36 17.63
C LEU A 661 24.97 24.25 16.61
N GLN A 662 24.19 25.22 17.08
CA GLN A 662 23.57 26.30 16.24
C GLN A 662 22.84 27.37 17.08
N ALA A 667 20.82 30.32 22.11
CA ALA A 667 20.60 30.30 23.57
C ALA A 667 19.71 29.09 24.01
N ASN A 668 19.92 27.92 23.40
CA ASN A 668 19.12 26.71 23.68
C ASN A 668 19.80 25.51 23.09
N ASP A 669 19.18 24.33 23.16
CA ASP A 669 19.84 23.13 22.69
C ASP A 669 19.07 22.43 21.56
N ASN A 670 18.17 23.19 20.96
CA ASN A 670 17.29 22.72 19.93
C ASN A 670 17.99 21.91 18.87
N PHE A 671 19.08 22.43 18.34
CA PHE A 671 19.71 21.76 17.18
C PHE A 671 20.25 20.40 17.60
N ARG A 672 20.85 20.35 18.79
CA ARG A 672 21.37 19.11 19.26
C ARG A 672 20.17 18.18 19.57
N ILE A 673 19.18 18.71 20.27
CA ILE A 673 18.01 17.90 20.66
C ILE A 673 17.35 17.18 19.46
N LYS A 674 17.16 17.94 18.39
CA LYS A 674 16.55 17.45 17.18
C LYS A 674 17.45 16.44 16.50
N ARG A 675 18.75 16.75 16.44
CA ARG A 675 19.72 15.87 15.80
C ARG A 675 19.67 14.47 16.41
N TYR A 676 19.63 14.42 17.75
CA TYR A 676 19.62 13.19 18.50
C TYR A 676 18.29 12.48 18.46
N VAL A 677 17.17 13.17 18.70
CA VAL A 677 15.87 12.47 18.70
C VAL A 677 15.72 11.72 17.41
N ALA A 678 16.36 12.23 16.35
CA ALA A 678 16.20 11.58 15.01
C ALA A 678 16.93 10.22 14.95
N LYS A 679 17.86 10.01 15.89
CA LYS A 679 18.68 8.78 15.94
C LYS A 679 17.85 7.51 16.27
N TYR A 680 16.78 7.65 17.08
CA TYR A 680 15.92 6.53 17.43
C TYR A 680 14.43 6.67 16.98
N THR A 681 14.17 7.65 16.11
CA THR A 681 12.84 7.83 15.60
C THR A 681 12.91 7.75 14.09
N ILE A 682 13.16 8.86 13.43
CA ILE A 682 13.02 8.92 11.99
C ILE A 682 14.08 8.15 11.21
N ASN A 683 15.33 8.16 11.71
CA ASN A 683 16.40 7.51 10.95
C ASN A 683 16.30 5.97 10.94
N PRO A 684 15.99 5.34 12.08
CA PRO A 684 15.70 3.88 11.93
C PRO A 684 14.55 3.51 10.94
N ALA A 685 13.57 4.37 10.77
CA ALA A 685 12.45 4.08 9.84
C ALA A 685 12.83 4.34 8.38
N ILE A 686 13.62 5.40 8.15
CA ILE A 686 14.15 5.62 6.81
C ILE A 686 15.06 4.45 6.40
N ALA A 687 16.04 4.09 7.22
CA ALA A 687 16.98 3.06 6.88
C ALA A 687 16.33 1.66 6.58
N ASN A 688 15.32 1.31 7.37
CA ASN A 688 14.57 0.09 7.14
C ASN A 688 13.39 0.18 6.15
N GLY A 689 13.05 1.37 5.71
CA GLY A 689 12.08 1.48 4.64
C GLY A 689 10.63 1.54 5.01
N PHE A 690 10.30 2.11 6.14
CA PHE A 690 8.90 2.28 6.48
C PHE A 690 8.61 3.66 7.11
N SER A 691 9.37 4.66 6.69
CA SER A 691 9.21 5.97 7.28
C SER A 691 7.88 6.68 6.91
N GLN A 692 7.14 6.20 5.92
CA GLN A 692 5.81 6.79 5.70
C GLN A 692 4.77 6.41 6.80
N TYR A 693 5.05 5.32 7.54
CA TYR A 693 4.13 4.82 8.54
C TYR A 693 4.45 5.33 9.94
N VAL A 694 5.73 5.39 10.28
CA VAL A 694 6.17 5.69 11.67
C VAL A 694 7.50 6.49 11.75
N GLY A 695 7.92 6.83 12.97
CA GLY A 695 9.22 7.48 13.09
C GLY A 695 9.22 8.99 13.29
N SER A 696 8.05 9.59 13.23
CA SER A 696 7.92 11.01 13.56
C SER A 696 6.47 11.47 13.82
N VAL A 697 6.34 12.61 14.50
CA VAL A 697 5.04 13.13 14.84
C VAL A 697 4.68 14.04 13.68
N GLU A 698 4.12 13.43 12.63
CA GLU A 698 3.70 14.14 11.42
C GLU A 698 2.37 13.57 10.93
N VAL A 699 1.57 14.42 10.31
CA VAL A 699 0.23 14.05 9.88
C VAL A 699 0.33 12.86 8.93
N GLY A 700 -0.55 11.88 9.06
CA GLY A 700 -0.64 10.80 8.10
C GLY A 700 0.03 9.51 8.56
N LYS A 701 0.87 9.59 9.58
CA LYS A 701 1.58 8.44 10.12
C LYS A 701 0.79 7.85 11.30
N LEU A 702 1.16 6.67 11.75
CA LEU A 702 0.49 6.08 12.91
C LEU A 702 0.71 6.96 14.13
N ALA A 703 -0.30 6.96 14.99
CA ALA A 703 -0.27 7.66 16.21
C ALA A 703 0.41 6.76 17.26
N ASP A 704 1.70 6.45 16.99
CA ASP A 704 2.57 5.78 17.94
C ASP A 704 3.30 6.92 18.66
N LEU A 705 2.83 7.25 19.86
CA LEU A 705 3.17 8.49 20.53
C LEU A 705 3.45 8.20 22.00
N VAL A 706 4.49 8.84 22.55
CA VAL A 706 4.88 8.59 23.93
C VAL A 706 4.76 9.91 24.73
N MET A 707 4.06 9.87 25.86
CA MET A 707 3.83 11.05 26.69
C MET A 707 4.87 11.09 27.80
N TRP A 708 5.61 12.19 27.90
CA TRP A 708 6.61 12.33 28.98
C TRP A 708 6.33 13.50 29.93
N LYS A 709 6.55 13.26 31.23
CA LYS A 709 6.83 14.35 32.17
C LYS A 709 8.25 14.89 31.90
N PRO A 710 8.37 16.22 31.69
CA PRO A 710 9.73 16.75 31.49
C PRO A 710 10.70 16.29 32.60
N SER A 711 10.25 16.21 33.86
CA SER A 711 11.21 15.84 34.93
C SER A 711 11.80 14.41 34.75
N PHE A 712 11.05 13.59 34.05
CA PHE A 712 11.42 12.22 33.82
C PHE A 712 11.76 11.91 32.38
N PHE A 713 11.92 12.92 31.54
CA PHE A 713 12.07 12.71 30.09
C PHE A 713 13.35 12.00 29.74
N GLY A 714 13.24 10.91 28.98
CA GLY A 714 14.40 10.14 28.56
C GLY A 714 14.83 9.14 29.62
N ALA A 715 14.10 9.08 30.72
CA ALA A 715 14.28 7.99 31.72
C ALA A 715 13.03 7.06 31.77
N LYS A 716 11.95 7.54 32.39
CA LYS A 716 10.68 6.79 32.39
C LYS A 716 9.47 7.62 31.84
N PRO A 717 8.89 7.22 30.67
CA PRO A 717 7.67 7.89 30.13
C PRO A 717 6.44 7.57 30.97
N GLU A 718 5.32 8.29 30.74
CA GLU A 718 4.07 8.11 31.51
C GLU A 718 3.14 7.11 30.85
N MET A 719 3.13 7.14 29.52
CA MET A 719 2.07 6.59 28.69
C MET A 719 2.61 6.31 27.27
N VAL A 720 2.18 5.18 26.70
CA VAL A 720 2.53 4.80 25.35
C VAL A 720 1.22 4.55 24.59
N ILE A 721 1.05 5.36 23.55
CA ILE A 721 -0.10 5.30 22.68
C ILE A 721 0.35 4.56 21.44
N LYS A 722 -0.33 3.45 21.17
CA LYS A 722 -0.08 2.64 19.99
C LYS A 722 -1.23 2.78 19.03
N GLY A 723 -0.92 3.30 17.84
CA GLY A 723 -1.95 3.53 16.84
C GLY A 723 -3.22 4.13 17.37
N GLY A 724 -3.09 5.12 18.26
CA GLY A 724 -4.25 5.88 18.67
C GLY A 724 -4.93 5.54 19.97
N GLU A 725 -4.36 4.57 20.68
CA GLU A 725 -5.00 3.99 21.83
C GLU A 725 -3.93 3.67 22.85
N VAL A 726 -4.19 3.91 24.13
CA VAL A 726 -3.12 3.73 25.12
C VAL A 726 -2.80 2.24 25.27
N ALA A 727 -1.54 1.88 25.13
CA ALA A 727 -1.13 0.48 25.03
C ALA A 727 -0.48 -0.01 26.30
N TYR A 728 0.17 0.94 27.00
CA TYR A 728 1.04 0.71 28.13
C TYR A 728 1.21 2.04 28.84
N ALA A 729 1.25 2.01 30.18
CA ALA A 729 1.29 3.21 30.98
C ALA A 729 1.57 2.90 32.42
N ASN A 730 2.10 3.89 33.13
CA ASN A 730 2.19 3.90 34.60
C ASN A 730 0.80 3.67 35.17
N MET A 731 0.66 2.71 36.09
CA MET A 731 -0.61 2.54 36.73
C MET A 731 -0.40 2.13 38.16
N GLY A 732 -1.21 2.70 39.06
CA GLY A 732 -1.18 2.38 40.47
C GLY A 732 -2.21 1.33 40.82
N ASP A 733 -2.47 1.21 42.13
CA ASP A 733 -3.36 0.24 42.74
C ASP A 733 -4.74 0.15 42.03
N PRO A 734 -4.99 -1.00 41.35
CA PRO A 734 -6.23 -1.25 40.62
C PRO A 734 -7.44 -1.23 41.51
N ASN A 735 -7.27 -1.45 42.82
CA ASN A 735 -8.42 -1.35 43.74
C ASN A 735 -8.71 0.10 44.20
N ALA A 736 -7.82 1.05 43.88
CA ALA A 736 -7.84 2.34 44.59
C ALA A 736 -8.89 3.25 44.03
N SER A 737 -9.18 4.34 44.75
CA SER A 737 -10.15 5.35 44.29
C SER A 737 -9.60 6.23 43.15
N ILE A 738 -8.28 6.22 42.97
CA ILE A 738 -7.69 6.94 41.84
C ILE A 738 -6.58 6.07 41.26
N PRO A 739 -6.04 6.44 40.07
CA PRO A 739 -5.04 5.59 39.45
C PRO A 739 -3.64 5.82 39.97
N THR A 740 -3.44 6.86 40.79
CA THR A 740 -2.09 7.26 41.20
C THR A 740 -1.51 6.64 42.49
N PRO A 741 -2.36 5.98 43.33
CA PRO A 741 -1.80 5.42 44.55
C PRO A 741 -0.91 4.21 44.30
N GLU A 742 0.04 4.00 45.21
CA GLU A 742 1.08 2.98 45.06
C GLU A 742 0.53 1.54 45.09
N PRO A 743 1.22 0.60 44.42
CA PRO A 743 2.50 0.80 43.73
C PRO A 743 2.27 1.19 42.28
N VAL A 744 2.81 2.34 41.86
CA VAL A 744 2.73 2.75 40.48
C VAL A 744 3.84 2.07 39.69
N LYS A 745 3.45 1.37 38.64
CA LYS A 745 4.42 0.70 37.78
C LYS A 745 3.85 0.65 36.37
N MET A 746 4.73 0.52 35.40
CA MET A 746 4.41 0.36 33.97
C MET A 746 3.68 -0.99 33.71
N ARG A 747 2.49 -0.90 33.16
CA ARG A 747 1.59 -2.04 33.02
C ARG A 747 1.01 -2.01 31.62
N PRO A 748 0.71 -3.19 31.04
CA PRO A 748 0.02 -3.13 29.79
C PRO A 748 -1.40 -2.56 29.97
N MET A 749 -1.90 -1.84 28.98
CA MET A 749 -3.22 -1.26 29.08
C MET A 749 -4.20 -1.97 28.11
N TYR A 750 -5.39 -1.40 27.86
CA TYR A 750 -6.36 -2.04 26.96
C TYR A 750 -5.87 -2.29 25.50
N GLY A 751 -4.86 -1.54 25.05
CA GLY A 751 -4.27 -1.73 23.72
C GLY A 751 -3.40 -2.97 23.68
N ALA A 752 -3.07 -3.51 24.86
CA ALA A 752 -2.31 -4.78 24.96
C ALA A 752 -3.12 -6.05 25.24
N LEU A 753 -4.43 -6.05 25.13
CA LEU A 753 -5.19 -7.23 25.52
C LEU A 753 -5.95 -7.78 24.38
N GLY A 754 -6.27 -9.07 24.48
CA GLY A 754 -7.04 -9.76 23.44
C GLY A 754 -6.52 -9.45 22.04
N LYS A 755 -7.45 -9.08 21.16
CA LYS A 755 -7.21 -8.69 19.74
C LYS A 755 -6.63 -7.30 19.44
N ALA A 756 -6.56 -6.43 20.47
CA ALA A 756 -6.25 -5.02 20.30
C ALA A 756 -4.84 -4.76 19.80
N GLY A 757 -3.83 -5.44 20.36
CA GLY A 757 -2.46 -5.21 19.90
C GLY A 757 -2.34 -5.33 18.40
N GLY A 758 -2.99 -6.35 17.84
CA GLY A 758 -2.94 -6.55 16.41
C GLY A 758 -3.60 -5.43 15.61
N ALA A 759 -4.69 -4.87 16.16
CA ALA A 759 -5.51 -3.88 15.45
C ALA A 759 -4.77 -2.56 15.42
N LEU A 760 -3.76 -2.43 16.28
CA LEU A 760 -3.12 -1.15 16.49
C LEU A 760 -1.73 -1.03 15.86
N SER A 761 -1.25 -2.08 15.20
CA SER A 761 0.16 -2.14 14.88
C SER A 761 0.40 -2.71 13.51
N ILE A 762 1.66 -2.62 13.06
CA ILE A 762 2.06 -3.20 11.79
C ILE A 762 3.16 -4.27 11.89
N ALA A 763 3.02 -5.31 11.09
CA ALA A 763 4.11 -6.23 10.87
C ALA A 763 4.65 -5.88 9.48
N PHE A 764 5.95 -5.64 9.40
CA PHE A 764 6.61 -5.29 8.16
C PHE A 764 7.21 -6.51 7.51
N VAL A 765 6.94 -6.67 6.22
CA VAL A 765 7.54 -7.72 5.43
C VAL A 765 8.16 -7.14 4.11
N SER A 766 8.72 -8.02 3.26
CA SER A 766 9.24 -7.64 1.94
C SER A 766 8.05 -7.50 1.00
N LYS A 767 8.16 -6.71 -0.06
CA LYS A 767 7.08 -6.62 -1.05
C LYS A 767 6.76 -8.01 -1.64
N ALA A 768 7.79 -8.77 -2.02
CA ALA A 768 7.60 -10.13 -2.51
C ALA A 768 6.73 -10.98 -1.57
N ALA A 769 6.88 -10.87 -0.27
CA ALA A 769 6.06 -11.69 0.65
C ALA A 769 4.60 -11.21 0.68
N LEU A 770 4.42 -9.89 0.69
CA LEU A 770 3.10 -9.34 0.59
C LEU A 770 2.44 -9.63 -0.76
N ASP A 771 3.24 -9.75 -1.84
CA ASP A 771 2.69 -10.08 -3.18
C ASP A 771 1.95 -11.41 -3.14
N GLN A 772 2.44 -12.33 -2.31
CA GLN A 772 1.87 -13.65 -2.04
C GLN A 772 0.84 -13.66 -0.89
N ARG A 773 0.63 -12.52 -0.26
CA ARG A 773 -0.31 -12.43 0.85
C ARG A 773 0.08 -13.33 2.06
N VAL A 774 1.29 -13.15 2.59
CA VAL A 774 1.69 -13.93 3.74
C VAL A 774 0.84 -13.56 4.93
N LYS A 775 0.24 -12.38 4.89
CA LYS A 775 -0.67 -11.97 5.94
C LYS A 775 -1.83 -12.93 5.95
N VAL A 776 -2.35 -13.32 4.77
CA VAL A 776 -3.46 -14.28 4.65
C VAL A 776 -2.96 -15.72 4.97
N LEU A 777 -1.89 -16.15 4.29
CA LEU A 777 -1.30 -17.44 4.59
C LEU A 777 -1.01 -17.70 6.11
N TYR A 778 -0.46 -16.73 6.80
CA TYR A 778 -0.02 -16.88 8.22
C TYR A 778 -1.15 -16.66 9.25
N GLY A 779 -2.32 -16.24 8.76
CA GLY A 779 -3.52 -16.03 9.56
C GLY A 779 -3.29 -14.90 10.54
N LEU A 780 -2.63 -13.83 10.09
CA LEU A 780 -2.20 -12.72 10.99
C LEU A 780 -3.30 -11.71 11.18
N ASN A 781 -3.56 -11.32 12.42
CA ASN A 781 -4.55 -10.29 12.64
C ASN A 781 -3.94 -8.91 12.60
N LYS A 782 -2.62 -8.80 12.76
CA LYS A 782 -1.93 -7.52 12.67
C LYS A 782 -1.89 -7.07 11.23
N ARG A 783 -2.08 -5.79 10.97
CA ARG A 783 -1.90 -5.25 9.63
C ARG A 783 -0.49 -5.58 9.07
N VAL A 784 -0.38 -6.00 7.83
CA VAL A 784 0.95 -6.27 7.24
C VAL A 784 1.27 -5.30 6.12
N GLU A 785 2.47 -4.72 6.10
CA GLU A 785 2.86 -3.80 5.01
C GLU A 785 4.26 -4.10 4.57
N ALA A 786 4.61 -3.66 3.38
CA ALA A 786 5.93 -3.90 2.81
C ALA A 786 6.84 -2.75 3.10
N VAL A 787 8.11 -3.02 3.36
CA VAL A 787 9.14 -2.00 3.45
C VAL A 787 9.50 -1.62 2.02
N SER A 788 9.97 -0.39 1.80
CA SER A 788 10.42 0.03 0.47
C SER A 788 11.32 1.25 0.53
N ASN A 789 11.83 1.64 -0.65
CA ASN A 789 12.62 2.89 -0.78
C ASN A 789 13.88 2.82 0.07
N VAL A 790 14.57 1.70 -0.07
CA VAL A 790 15.81 1.48 0.70
C VAL A 790 17.09 1.29 -0.09
N ARG A 791 17.01 1.00 -1.40
CA ARG A 791 18.24 0.82 -2.23
C ARG A 791 18.85 2.12 -2.87
N LYS A 792 18.31 3.29 -2.52
CA LYS A 792 18.80 4.54 -3.10
C LYS A 792 19.17 5.55 -2.03
N LEU A 793 19.12 5.10 -0.79
CA LEU A 793 19.55 5.90 0.36
C LEU A 793 21.08 6.13 0.35
N THR A 794 21.51 7.31 0.83
CA THR A 794 22.91 7.56 1.12
C THR A 794 22.90 8.23 2.49
N LYS A 795 24.06 8.42 3.09
CA LYS A 795 24.17 9.11 4.36
C LYS A 795 23.43 10.45 4.40
N LEU A 796 23.17 11.02 3.22
CA LEU A 796 22.56 12.34 3.08
C LEU A 796 21.05 12.28 3.29
N ASP A 797 20.50 11.07 3.22
CA ASP A 797 19.09 10.83 3.54
C ASP A 797 18.82 10.68 5.06
N MET A 798 19.88 10.70 5.88
CA MET A 798 19.69 10.62 7.31
C MET A 798 19.38 12.00 7.89
N LYS A 799 18.18 12.19 8.43
CA LYS A 799 17.78 13.49 8.92
C LYS A 799 18.77 14.03 9.98
N LEU A 800 19.33 15.22 9.75
CA LEU A 800 20.21 15.89 10.74
C LEU A 800 21.49 15.09 11.16
N ASN A 801 21.84 14.08 10.37
CA ASN A 801 22.96 13.20 10.71
C ASN A 801 23.53 12.72 9.40
N ASP A 802 24.04 13.66 8.61
CA ASP A 802 24.45 13.40 7.25
C ASP A 802 25.92 13.72 7.04
N ALA A 803 26.69 13.82 8.12
CA ALA A 803 28.10 14.22 8.01
C ALA A 803 28.96 13.09 7.43
N LEU A 804 29.97 13.43 6.63
CA LEU A 804 30.81 12.44 5.95
C LEU A 804 32.30 12.75 6.09
N PRO A 805 32.83 12.66 7.34
CA PRO A 805 34.24 12.95 7.58
C PRO A 805 35.17 12.02 6.80
N ALA A 806 36.36 12.47 6.41
CA ALA A 806 37.42 11.56 5.99
C ALA A 806 38.02 11.00 7.27
N ILE A 807 37.90 9.68 7.45
CA ILE A 807 38.35 9.05 8.68
C ILE A 807 39.61 8.19 8.50
N THR A 808 40.59 8.39 9.39
CA THR A 808 41.67 7.42 9.48
C THR A 808 41.83 6.88 10.87
N VAL A 809 42.36 5.67 10.95
CA VAL A 809 42.57 5.03 12.26
C VAL A 809 43.96 4.47 12.32
N ASP A 810 44.73 4.92 13.30
CA ASP A 810 46.09 4.42 13.46
C ASP A 810 46.09 2.93 13.87
N PRO A 811 46.67 2.04 13.04
CA PRO A 811 46.60 0.61 13.38
C PRO A 811 47.29 0.21 14.70
N ASP A 812 48.10 1.08 15.28
CA ASP A 812 48.74 0.70 16.54
C ASP A 812 48.18 1.44 17.73
N SER A 813 48.06 2.77 17.60
CA SER A 813 47.58 3.62 18.70
C SER A 813 46.04 3.64 18.75
N TYR A 814 45.41 3.16 17.66
CA TYR A 814 43.95 3.17 17.45
C TYR A 814 43.37 4.56 17.40
N THR A 815 44.23 5.58 17.39
CA THR A 815 43.78 6.97 17.36
C THR A 815 42.95 7.22 16.10
N VAL A 816 41.79 7.86 16.26
CA VAL A 816 40.93 8.19 15.13
C VAL A 816 41.08 9.64 14.75
N THR A 817 41.17 9.87 13.45
CA THR A 817 41.28 11.21 12.90
C THR A 817 40.11 11.36 11.98
N ALA A 818 39.39 12.46 12.15
CA ALA A 818 38.27 12.83 11.27
C ALA A 818 38.50 14.23 10.69
N ASP A 819 38.46 14.32 9.35
CA ASP A 819 38.77 15.55 8.62
C ASP A 819 40.06 16.24 9.13
N GLY A 820 41.12 15.46 9.38
CA GLY A 820 42.39 16.00 9.90
C GLY A 820 42.51 16.21 11.42
N VAL A 821 41.37 16.27 12.13
CA VAL A 821 41.30 16.51 13.58
C VAL A 821 41.42 15.21 14.39
N VAL A 822 42.34 15.18 15.35
CA VAL A 822 42.48 13.99 16.19
C VAL A 822 41.31 14.00 17.17
N LEU A 823 40.52 12.92 17.17
CA LEU A 823 39.37 12.77 18.08
C LEU A 823 39.76 12.22 19.47
N THR A 824 39.65 13.08 20.48
CA THR A 824 39.90 12.66 21.86
C THR A 824 38.73 13.14 22.70
N CYS A 825 38.28 12.32 23.67
CA CYS A 825 37.21 12.75 24.58
C CYS A 825 37.42 12.17 25.96
N PHE A 826 36.89 12.88 26.95
CA PHE A 826 37.19 12.52 28.32
C PHE A 826 36.30 11.36 28.75
N VAL A 827 36.75 10.64 29.76
CA VAL A 827 35.95 9.63 30.40
C VAL A 827 35.07 10.25 31.48
N ALA A 828 33.78 10.46 31.18
CA ALA A 828 32.79 10.97 32.15
C ALA A 828 32.68 10.08 33.38
N THR A 829 32.61 10.66 34.57
CA THR A 829 32.46 9.79 35.76
C THR A 829 31.00 9.41 36.09
N THR A 830 30.05 10.21 35.61
CA THR A 830 28.65 9.99 35.91
C THR A 830 27.78 10.25 34.65
N VAL A 831 26.48 9.89 34.72
CA VAL A 831 25.54 10.25 33.66
C VAL A 831 24.23 10.58 34.33
N PRO A 832 23.45 11.47 33.69
CA PRO A 832 22.09 11.78 34.17
C PRO A 832 21.16 10.56 33.90
N LEU A 833 19.85 10.71 34.12
CA LEU A 833 18.88 9.64 33.73
C LEU A 833 19.29 8.26 34.24
N SER A 834 19.75 8.22 35.49
CA SER A 834 20.19 6.98 36.12
C SER A 834 19.91 7.00 37.64
N ARG A 835 20.83 7.54 38.43
CA ARG A 835 20.74 7.41 39.90
C ARG A 835 19.44 8.01 40.44
N ASN A 836 18.96 9.09 39.81
CA ASN A 836 17.74 9.74 40.22
C ASN A 836 16.43 8.97 39.99
N TYR A 837 16.50 7.98 39.09
CA TYR A 837 15.32 7.34 38.58
C TYR A 837 15.12 5.89 38.97
N PHE A 838 16.21 5.11 39.11
CA PHE A 838 16.10 3.64 39.19
C PHE A 838 16.29 3.01 40.55
N ILE A 839 15.57 1.91 40.80
CA ILE A 839 15.59 1.35 42.15
C ILE A 839 16.75 0.38 42.30
N PHE A 840 17.32 -0.03 41.16
CA PHE A 840 18.48 -0.90 41.09
C PHE A 840 19.31 -0.47 39.89
N MET B 1 -35.63 -38.64 -18.46
CA MET B 1 -34.64 -38.73 -19.57
C MET B 1 -33.27 -39.02 -19.01
N LYS B 2 -33.07 -38.79 -17.72
CA LYS B 2 -31.78 -38.98 -17.13
C LYS B 2 -30.71 -38.25 -17.97
N LEU B 3 -30.95 -36.98 -18.32
CA LEU B 3 -29.97 -36.23 -19.18
C LEU B 3 -28.69 -35.91 -18.43
N SER B 4 -27.59 -36.36 -18.98
CA SER B 4 -26.26 -35.99 -18.46
C SER B 4 -25.96 -34.58 -18.95
N PRO B 5 -24.97 -33.89 -18.35
CA PRO B 5 -24.78 -32.51 -18.81
C PRO B 5 -24.52 -32.42 -20.31
N ARG B 6 -23.77 -33.39 -20.86
CA ARG B 6 -23.33 -33.26 -22.22
C ARG B 6 -24.51 -33.34 -23.16
N GLU B 7 -25.50 -34.13 -22.79
CA GLU B 7 -26.73 -34.23 -23.54
C GLU B 7 -27.46 -32.89 -23.57
N ILE B 8 -27.51 -32.22 -22.42
CA ILE B 8 -28.15 -30.91 -22.35
C ILE B 8 -27.46 -29.92 -23.26
N GLU B 9 -26.15 -29.91 -23.26
CA GLU B 9 -25.40 -28.98 -24.08
C GLU B 9 -25.60 -29.23 -25.57
N LYS B 10 -25.60 -30.50 -25.95
CA LYS B 10 -25.76 -30.83 -27.37
C LYS B 10 -27.14 -30.47 -27.91
N LEU B 11 -28.16 -30.56 -27.08
CA LEU B 11 -29.48 -30.10 -27.43
C LEU B 11 -29.37 -28.64 -27.83
N GLY B 12 -28.64 -27.85 -27.02
CA GLY B 12 -28.40 -26.43 -27.36
C GLY B 12 -27.66 -26.28 -28.69
N LEU B 13 -26.69 -27.13 -28.94
CA LEU B 13 -25.88 -27.04 -30.12
C LEU B 13 -26.72 -27.35 -31.33
N HIS B 14 -27.59 -28.34 -31.15
CA HIS B 14 -28.52 -28.72 -32.16
C HIS B 14 -29.45 -27.57 -32.45
N ASN B 15 -30.00 -26.94 -31.40
CA ASN B 15 -30.88 -25.81 -31.63
C ASN B 15 -30.21 -24.71 -32.48
N ALA B 16 -28.88 -24.60 -32.36
CA ALA B 16 -28.20 -23.52 -33.01
C ALA B 16 -28.01 -23.92 -34.46
N GLY B 17 -27.74 -25.21 -34.69
CA GLY B 17 -27.70 -25.77 -36.05
C GLY B 17 -29.01 -25.58 -36.79
N TYR B 18 -30.11 -25.85 -36.12
CA TYR B 18 -31.43 -25.72 -36.72
C TYR B 18 -31.80 -24.28 -37.07
N LEU B 19 -31.47 -23.34 -36.20
CA LEU B 19 -31.59 -21.91 -36.50
C LEU B 19 -30.75 -21.55 -37.74
N ALA B 20 -29.52 -22.04 -37.78
CA ALA B 20 -28.64 -21.86 -38.94
C ALA B 20 -29.27 -22.49 -40.18
N GLN B 21 -29.96 -23.60 -39.96
CA GLN B 21 -30.61 -24.28 -41.05
C GLN B 21 -31.76 -23.42 -41.58
N LYS B 22 -32.54 -22.83 -40.68
CA LYS B 22 -33.61 -21.93 -41.07
C LYS B 22 -33.08 -20.67 -41.83
N ARG B 23 -31.98 -20.09 -41.37
CA ARG B 23 -31.38 -18.98 -42.10
C ARG B 23 -30.87 -19.43 -43.47
N LEU B 24 -30.28 -20.61 -43.56
CA LEU B 24 -29.80 -21.11 -44.85
C LEU B 24 -30.89 -21.28 -45.88
N ALA B 25 -32.02 -21.82 -45.45
CA ALA B 25 -33.17 -22.12 -46.30
C ALA B 25 -33.86 -20.85 -46.78
N ARG B 26 -33.56 -19.77 -46.08
CA ARG B 26 -33.97 -18.42 -46.46
C ARG B 26 -33.00 -17.85 -47.47
N GLY B 27 -31.95 -18.60 -47.79
CA GLY B 27 -30.94 -18.11 -48.71
C GLY B 27 -30.07 -17.04 -48.11
N LEU B 28 -29.90 -17.03 -46.78
CA LEU B 28 -28.93 -16.17 -46.14
C LEU B 28 -27.54 -16.76 -46.21
N ARG B 29 -26.54 -15.93 -46.46
CA ARG B 29 -25.16 -16.42 -46.38
C ARG B 29 -24.75 -16.51 -44.92
N LEU B 30 -24.23 -17.67 -44.52
CA LEU B 30 -23.98 -17.95 -43.11
C LEU B 30 -22.67 -17.33 -42.67
N ASN B 31 -22.59 -16.93 -41.39
CA ASN B 31 -21.32 -16.43 -40.85
C ASN B 31 -20.60 -17.60 -40.22
N TYR B 32 -19.45 -17.31 -39.61
CA TYR B 32 -18.64 -18.34 -38.96
C TYR B 32 -19.43 -19.17 -37.96
N THR B 33 -20.13 -18.49 -37.07
CA THR B 33 -20.74 -19.20 -35.97
C THR B 33 -21.86 -20.08 -36.46
N GLU B 34 -22.58 -19.57 -37.45
CA GLU B 34 -23.62 -20.33 -38.10
C GLU B 34 -23.06 -21.55 -38.87
N ALA B 35 -21.99 -21.37 -39.61
CA ALA B 35 -21.44 -22.47 -40.37
C ALA B 35 -21.11 -23.61 -39.41
N VAL B 36 -20.44 -23.28 -38.31
CA VAL B 36 -20.06 -24.23 -37.29
C VAL B 36 -21.24 -24.99 -36.71
N ALA B 37 -22.26 -24.27 -36.24
CA ALA B 37 -23.38 -24.92 -35.58
C ALA B 37 -24.00 -25.91 -36.55
N LEU B 38 -24.14 -25.48 -37.81
CA LEU B 38 -24.88 -26.22 -38.79
C LEU B 38 -24.20 -27.55 -39.08
N ILE B 39 -22.89 -27.51 -39.17
CA ILE B 39 -22.14 -28.66 -39.59
C ILE B 39 -22.03 -29.67 -38.45
N ALA B 40 -21.74 -29.16 -37.25
CA ALA B 40 -21.68 -30.01 -36.04
C ALA B 40 -23.02 -30.69 -35.82
N THR B 41 -24.10 -29.95 -36.07
CA THR B 41 -25.45 -30.44 -35.89
C THR B 41 -25.73 -31.63 -36.80
N GLN B 42 -25.47 -31.46 -38.11
CA GLN B 42 -25.60 -32.54 -39.09
C GLN B 42 -24.69 -33.69 -38.75
N ILE B 43 -23.42 -33.44 -38.48
CA ILE B 43 -22.56 -34.56 -38.09
C ILE B 43 -23.23 -35.39 -37.00
N MET B 44 -23.85 -34.73 -36.02
CA MET B 44 -24.42 -35.46 -34.88
C MET B 44 -25.62 -36.31 -35.34
N GLU B 45 -26.44 -35.73 -36.22
CA GLU B 45 -27.58 -36.44 -36.76
C GLU B 45 -27.12 -37.64 -37.59
N PHE B 46 -26.10 -37.47 -38.43
CA PHE B 46 -25.58 -38.59 -39.25
C PHE B 46 -25.08 -39.74 -38.40
N VAL B 47 -24.57 -39.40 -37.24
CA VAL B 47 -24.13 -40.39 -36.28
C VAL B 47 -25.32 -41.11 -35.64
N ARG B 48 -26.37 -40.31 -35.35
CA ARG B 48 -27.63 -40.86 -34.86
C ARG B 48 -28.20 -41.89 -35.87
N ASP B 49 -28.15 -41.57 -37.17
CA ASP B 49 -28.65 -42.43 -38.26
C ASP B 49 -27.93 -43.81 -38.24
N GLY B 50 -26.63 -43.82 -37.98
CA GLY B 50 -25.91 -45.08 -37.71
C GLY B 50 -25.31 -45.73 -38.95
N ASP B 51 -25.42 -45.00 -40.06
CA ASP B 51 -25.12 -45.47 -41.40
C ASP B 51 -23.69 -45.14 -41.81
N LYS B 52 -23.12 -44.14 -41.16
CA LYS B 52 -21.92 -43.55 -41.63
C LYS B 52 -20.80 -43.75 -40.62
N THR B 53 -19.57 -43.93 -41.08
CA THR B 53 -18.40 -44.09 -40.18
C THR B 53 -17.74 -42.73 -39.93
N VAL B 54 -16.81 -42.67 -38.99
CA VAL B 54 -16.05 -41.44 -38.78
C VAL B 54 -15.35 -40.95 -40.07
N ALA B 55 -14.70 -41.87 -40.79
CA ALA B 55 -13.96 -41.51 -42.03
C ALA B 55 -14.90 -40.88 -43.08
N GLN B 56 -16.12 -41.42 -43.12
CA GLN B 56 -17.15 -40.89 -44.00
C GLN B 56 -17.55 -39.47 -43.71
N LEU B 57 -17.76 -39.19 -42.44
CA LEU B 57 -18.28 -37.90 -42.07
C LEU B 57 -17.18 -36.87 -42.22
N MET B 58 -15.94 -37.29 -42.01
CA MET B 58 -14.79 -36.47 -42.29
C MET B 58 -14.81 -35.90 -43.73
N SER B 59 -15.28 -36.72 -44.67
CA SER B 59 -15.47 -36.33 -46.07
C SER B 59 -16.82 -35.62 -46.20
N ILE B 60 -17.93 -36.28 -45.88
CA ILE B 60 -19.24 -35.64 -45.93
C ILE B 60 -19.29 -34.22 -45.33
N GLY B 61 -18.54 -33.95 -44.27
CA GLY B 61 -18.58 -32.63 -43.67
C GLY B 61 -17.98 -31.51 -44.50
N ARG B 62 -17.06 -31.86 -45.39
CA ARG B 62 -16.48 -30.86 -46.29
C ARG B 62 -17.46 -30.49 -47.44
N GLU B 63 -18.48 -31.31 -47.65
CA GLU B 63 -19.37 -31.13 -48.77
C GLU B 63 -20.78 -30.80 -48.33
N LEU B 64 -20.95 -29.97 -47.31
CA LEU B 64 -22.29 -29.49 -46.94
C LEU B 64 -22.44 -28.03 -47.32
N LEU B 65 -21.58 -27.17 -46.78
CA LEU B 65 -21.63 -25.76 -47.11
C LEU B 65 -20.51 -25.40 -48.07
N GLY B 66 -20.86 -24.66 -49.10
CA GLY B 66 -19.88 -24.25 -50.07
C GLY B 66 -19.66 -22.77 -50.04
N ARG B 67 -18.67 -22.32 -50.80
CA ARG B 67 -18.36 -20.89 -50.88
C ARG B 67 -19.64 -20.04 -51.08
N ARG B 68 -20.55 -20.51 -51.93
CA ARG B 68 -21.78 -19.82 -52.19
C ARG B 68 -22.66 -19.57 -50.94
N GLN B 69 -22.74 -20.54 -50.05
CA GLN B 69 -23.62 -20.41 -48.89
C GLN B 69 -23.03 -19.63 -47.70
N VAL B 70 -21.80 -19.12 -47.81
CA VAL B 70 -21.12 -18.44 -46.67
C VAL B 70 -20.68 -17.01 -46.96
N LEU B 71 -20.35 -16.26 -45.92
CA LEU B 71 -19.91 -14.88 -46.11
C LEU B 71 -18.42 -14.85 -46.50
N PRO B 72 -17.94 -13.74 -47.13
CA PRO B 72 -16.57 -13.68 -47.63
C PRO B 72 -15.47 -14.09 -46.62
N ALA B 73 -15.63 -13.77 -45.34
CA ALA B 73 -14.59 -14.10 -44.36
C ALA B 73 -14.57 -15.59 -43.94
N VAL B 74 -15.70 -16.26 -44.06
CA VAL B 74 -15.89 -17.61 -43.51
C VAL B 74 -14.85 -18.63 -43.96
N PRO B 75 -14.48 -18.63 -45.25
CA PRO B 75 -13.52 -19.66 -45.62
C PRO B 75 -12.21 -19.48 -44.92
N LYS B 76 -11.90 -18.29 -44.43
CA LYS B 76 -10.61 -18.11 -43.75
C LYS B 76 -10.76 -18.36 -42.25
N LEU B 77 -11.91 -17.95 -41.70
CA LEU B 77 -12.25 -18.15 -40.28
C LEU B 77 -12.46 -19.64 -39.93
N VAL B 78 -13.11 -20.42 -40.81
CA VAL B 78 -13.46 -21.80 -40.46
C VAL B 78 -12.34 -22.77 -40.90
N GLU B 79 -11.38 -22.98 -40.01
CA GLU B 79 -10.30 -23.92 -40.29
C GLU B 79 -10.82 -25.33 -40.21
N SER B 80 -11.77 -25.53 -39.29
CA SER B 80 -12.48 -26.78 -39.15
C SER B 80 -13.64 -26.81 -38.15
N VAL B 81 -14.41 -27.91 -38.17
CA VAL B 81 -15.54 -28.11 -37.26
C VAL B 81 -15.36 -29.47 -36.59
N GLN B 82 -15.41 -29.51 -35.26
CA GLN B 82 -15.29 -30.75 -34.50
C GLN B 82 -16.55 -30.99 -33.66
N VAL B 83 -16.96 -32.25 -33.56
CA VAL B 83 -17.99 -32.64 -32.66
C VAL B 83 -17.86 -34.12 -32.39
N GLU B 84 -18.36 -34.52 -31.23
CA GLU B 84 -18.40 -35.91 -30.80
C GLU B 84 -19.86 -36.33 -30.77
N ALA B 85 -20.12 -37.60 -31.05
CA ALA B 85 -21.48 -38.08 -30.93
C ALA B 85 -21.45 -39.57 -30.66
N THR B 86 -22.60 -40.14 -30.35
CA THR B 86 -22.67 -41.55 -30.04
C THR B 86 -22.89 -42.34 -31.33
N PHE B 87 -21.84 -42.98 -31.84
CA PHE B 87 -22.01 -43.92 -32.96
C PHE B 87 -22.56 -45.25 -32.47
N PRO B 88 -22.79 -46.21 -33.40
CA PRO B 88 -23.25 -47.55 -32.94
C PRO B 88 -22.20 -48.18 -32.06
N ASP B 89 -20.93 -47.78 -32.26
CA ASP B 89 -19.81 -48.23 -31.40
C ASP B 89 -19.29 -47.14 -30.45
N GLY B 90 -20.20 -46.42 -29.80
CA GLY B 90 -19.81 -45.52 -28.74
C GLY B 90 -19.40 -44.13 -29.22
N THR B 91 -18.91 -43.32 -28.31
CA THR B 91 -18.59 -41.95 -28.66
C THR B 91 -17.33 -41.88 -29.51
N GLU B 92 -17.41 -41.13 -30.59
CA GLU B 92 -16.28 -40.90 -31.45
C GLU B 92 -16.19 -39.43 -31.84
N LEU B 93 -14.97 -38.93 -31.94
CA LEU B 93 -14.69 -37.58 -32.43
C LEU B 93 -14.56 -37.54 -33.96
N VAL B 94 -15.27 -36.59 -34.58
CA VAL B 94 -15.20 -36.31 -36.00
C VAL B 94 -14.65 -34.92 -36.17
N THR B 95 -13.52 -34.78 -36.86
CA THR B 95 -13.03 -33.47 -37.26
C THR B 95 -13.20 -33.27 -38.75
N ILE B 96 -13.90 -32.20 -39.14
CA ILE B 96 -14.04 -31.82 -40.53
C ILE B 96 -13.04 -30.71 -40.81
N HIS B 97 -11.97 -31.02 -41.54
CA HIS B 97 -10.96 -30.01 -41.89
C HIS B 97 -11.35 -29.24 -43.11
N ASP B 98 -11.21 -27.91 -43.06
CA ASP B 98 -11.52 -27.02 -44.20
C ASP B 98 -12.86 -27.27 -44.82
N PRO B 99 -13.95 -27.11 -44.03
CA PRO B 99 -15.29 -27.48 -44.46
C PRO B 99 -15.78 -26.76 -45.71
N ILE B 100 -15.27 -25.57 -45.98
CA ILE B 100 -15.64 -24.93 -47.24
C ILE B 100 -14.65 -25.39 -48.31
N ALA B 101 -14.85 -26.62 -48.79
CA ALA B 101 -13.89 -27.29 -49.67
C ALA B 101 -14.41 -27.23 -51.09
N CYS B 102 -15.49 -26.49 -51.30
CA CYS B 102 -16.01 -26.37 -52.63
C CYS B 102 -16.90 -25.15 -52.83
N GLU B 103 -17.41 -25.02 -54.05
CA GLU B 103 -18.08 -23.81 -54.52
C GLU B 103 -19.58 -23.82 -54.17
N ASN B 104 -20.23 -24.97 -54.29
CA ASN B 104 -21.69 -25.07 -54.15
C ASN B 104 -22.22 -25.81 -52.91
N GLY B 105 -21.33 -26.47 -52.18
CA GLY B 105 -21.78 -27.36 -51.11
C GLY B 105 -22.84 -28.33 -51.63
N ASN B 106 -23.75 -28.73 -50.76
CA ASN B 106 -24.80 -29.68 -51.10
C ASN B 106 -25.95 -29.35 -50.17
N LEU B 107 -26.81 -28.45 -50.64
CA LEU B 107 -27.85 -27.85 -49.82
C LEU B 107 -28.74 -28.89 -49.21
N GLU B 108 -29.18 -29.81 -50.07
CA GLU B 108 -30.11 -30.84 -49.70
C GLU B 108 -29.61 -31.55 -48.45
N LEU B 109 -28.33 -31.89 -48.52
CA LEU B 109 -27.66 -32.61 -47.47
C LEU B 109 -27.32 -31.75 -46.25
N ALA B 110 -27.11 -30.44 -46.44
CA ALA B 110 -26.97 -29.52 -45.33
C ALA B 110 -28.28 -29.34 -44.51
N LEU B 111 -29.40 -29.73 -45.08
CA LEU B 111 -30.71 -29.48 -44.46
C LEU B 111 -31.40 -30.78 -44.09
N LEU B 112 -30.77 -31.84 -44.54
CA LEU B 112 -31.33 -33.13 -44.51
C LEU B 112 -31.71 -33.50 -43.07
N GLY B 113 -32.99 -33.74 -42.84
CA GLY B 113 -33.49 -34.15 -41.53
C GLY B 113 -34.10 -32.98 -40.78
N SER B 114 -33.99 -31.77 -41.33
CA SER B 114 -34.57 -30.61 -40.70
C SER B 114 -36.01 -30.47 -41.17
N PHE B 115 -36.34 -31.13 -42.30
CA PHE B 115 -37.63 -30.97 -42.97
C PHE B 115 -37.88 -29.52 -43.36
N LEU B 116 -36.81 -28.83 -43.72
CA LEU B 116 -36.93 -27.50 -44.25
C LEU B 116 -36.80 -27.60 -45.78
N PRO B 117 -37.64 -26.85 -46.55
CA PRO B 117 -37.51 -26.91 -48.00
C PRO B 117 -36.11 -26.47 -48.40
N VAL B 118 -35.49 -27.22 -49.31
CA VAL B 118 -34.15 -26.95 -49.82
C VAL B 118 -34.19 -25.76 -50.84
N PRO B 119 -33.52 -24.64 -50.50
CA PRO B 119 -33.51 -23.53 -51.42
C PRO B 119 -32.71 -23.86 -52.70
N SER B 120 -33.02 -23.16 -53.78
CA SER B 120 -32.18 -23.20 -54.99
C SER B 120 -31.01 -22.23 -54.87
N LEU B 121 -29.91 -22.50 -55.57
CA LEU B 121 -28.72 -21.61 -55.56
C LEU B 121 -29.04 -20.16 -55.81
N ASP B 122 -29.87 -19.87 -56.80
CA ASP B 122 -30.14 -18.46 -57.15
C ASP B 122 -30.86 -17.65 -56.07
N LYS B 123 -31.18 -18.31 -54.94
CA LYS B 123 -31.81 -17.64 -53.79
C LYS B 123 -30.76 -16.97 -52.93
N PHE B 124 -29.56 -17.52 -53.02
CA PHE B 124 -28.38 -16.92 -52.42
C PHE B 124 -27.83 -15.75 -53.19
N THR B 125 -27.43 -14.73 -52.44
CA THR B 125 -26.67 -13.60 -52.99
C THR B 125 -25.42 -14.03 -53.81
N ALA B 126 -24.87 -13.12 -54.60
CA ALA B 126 -23.65 -13.38 -55.37
C ALA B 126 -22.38 -13.15 -54.53
N ASN B 127 -21.36 -14.00 -54.72
CA ASN B 127 -20.10 -13.91 -53.95
C ASN B 127 -19.42 -12.56 -54.08
N ASP B 128 -19.02 -11.96 -52.95
CA ASP B 128 -18.16 -10.77 -52.94
C ASP B 128 -16.75 -11.23 -52.78
N GLU B 129 -15.77 -10.34 -52.87
CA GLU B 129 -14.38 -10.80 -52.78
C GLU B 129 -14.03 -11.26 -51.38
N ILE B 133 -10.17 -11.01 -45.33
CA ILE B 133 -9.41 -12.00 -44.55
C ILE B 133 -9.10 -11.42 -43.18
N PRO B 134 -9.96 -11.64 -42.17
CA PRO B 134 -9.74 -10.97 -40.86
C PRO B 134 -8.48 -11.50 -40.18
N GLY B 135 -7.76 -10.63 -39.47
CA GLY B 135 -6.49 -10.98 -38.83
C GLY B 135 -5.33 -11.50 -39.67
N GLU B 136 -5.25 -11.07 -40.93
CA GLU B 136 -4.24 -11.58 -41.82
C GLU B 136 -2.91 -11.02 -41.44
N ILE B 137 -1.89 -11.86 -41.55
CA ILE B 137 -0.53 -11.43 -41.33
C ILE B 137 0.10 -11.05 -42.67
N ILE B 138 0.51 -9.79 -42.79
CA ILE B 138 1.26 -9.36 -43.95
C ILE B 138 2.74 -9.39 -43.57
N VAL B 139 3.39 -10.42 -44.11
CA VAL B 139 4.76 -10.79 -43.90
C VAL B 139 5.64 -9.86 -44.77
N VAL B 140 6.73 -9.28 -44.26
CA VAL B 140 7.79 -8.73 -45.15
C VAL B 140 8.38 -9.87 -46.06
N GLY B 141 8.63 -9.64 -47.35
CA GLY B 141 9.31 -10.63 -48.24
C GLY B 141 10.72 -11.01 -47.76
N GLY B 142 11.15 -12.26 -47.98
CA GLY B 142 12.50 -12.70 -47.53
C GLY B 142 12.65 -13.93 -46.62
N ASN B 143 13.86 -14.15 -46.10
CA ASN B 143 14.24 -15.34 -45.27
C ASN B 143 14.98 -14.81 -44.02
N LEU B 144 15.08 -15.62 -42.96
CA LEU B 144 15.87 -15.25 -41.78
C LEU B 144 16.87 -16.33 -41.54
N VAL B 145 18.12 -15.98 -41.27
CA VAL B 145 19.12 -17.03 -40.93
C VAL B 145 19.02 -17.32 -39.43
N LEU B 146 18.82 -18.58 -39.08
CA LEU B 146 18.69 -18.95 -37.68
C LEU B 146 20.03 -19.01 -36.97
N ASN B 147 20.06 -18.65 -35.70
CA ASN B 147 21.19 -19.04 -34.85
C ASN B 147 22.59 -18.46 -35.23
N ASP B 148 22.63 -17.27 -35.82
CA ASP B 148 23.88 -16.59 -36.20
C ASP B 148 24.98 -16.50 -35.18
N GLY B 149 26.22 -16.54 -35.67
CA GLY B 149 27.42 -16.21 -34.89
C GLY B 149 27.78 -17.33 -33.94
N ARG B 150 27.54 -18.58 -34.37
CA ARG B 150 27.74 -19.75 -33.47
C ARG B 150 28.63 -20.77 -34.15
N LYS B 151 29.45 -21.46 -33.36
CA LYS B 151 30.27 -22.55 -33.87
C LYS B 151 29.33 -23.59 -34.49
N ALA B 152 29.75 -24.22 -35.59
CA ALA B 152 28.89 -25.21 -36.29
C ALA B 152 29.66 -26.44 -36.84
N VAL B 153 28.93 -27.53 -37.11
CA VAL B 153 29.48 -28.74 -37.69
C VAL B 153 28.40 -29.59 -38.36
N ILE B 154 28.75 -30.23 -39.48
CA ILE B 154 27.84 -31.13 -40.17
C ILE B 154 28.37 -32.53 -39.91
N LEU B 155 27.50 -33.45 -39.48
CA LEU B 155 27.90 -34.82 -39.09
C LEU B 155 27.03 -35.87 -39.75
N LYS B 156 27.62 -36.99 -40.15
CA LYS B 156 26.88 -38.16 -40.61
C LYS B 156 26.24 -38.87 -39.39
N VAL B 157 24.95 -39.17 -39.45
CA VAL B 157 24.28 -39.90 -38.35
C VAL B 157 23.54 -41.15 -38.86
N VAL B 158 23.75 -42.30 -38.23
CA VAL B 158 23.06 -43.51 -38.65
C VAL B 158 22.11 -44.06 -37.57
N ASN B 159 20.94 -44.53 -37.95
CA ASN B 159 20.11 -45.23 -37.00
C ASN B 159 20.33 -46.74 -37.12
N ASN B 160 21.17 -47.27 -36.22
CA ASN B 160 21.49 -48.68 -36.09
C ASN B 160 20.54 -49.46 -35.17
N GLY B 161 19.46 -48.80 -34.75
CA GLY B 161 18.43 -49.47 -33.96
C GLY B 161 17.43 -50.13 -34.89
N ASP B 162 16.46 -50.84 -34.33
CA ASP B 162 15.44 -51.46 -35.15
C ASP B 162 14.09 -50.71 -35.09
N ARG B 163 14.07 -49.59 -34.40
CA ARG B 163 12.85 -48.79 -34.23
C ARG B 163 13.12 -47.29 -34.57
N PRO B 164 12.06 -46.50 -34.88
CA PRO B 164 12.29 -45.09 -35.25
C PRO B 164 12.80 -44.20 -34.13
N VAL B 165 13.73 -43.32 -34.48
CA VAL B 165 14.31 -42.38 -33.51
C VAL B 165 14.12 -40.99 -34.08
N GLN B 166 13.58 -40.06 -33.28
CA GLN B 166 13.36 -38.67 -33.72
C GLN B 166 13.89 -37.68 -32.67
N VAL B 167 14.57 -36.62 -33.13
CA VAL B 167 15.35 -35.73 -32.25
C VAL B 167 14.82 -34.32 -32.41
N GLY B 168 14.56 -33.64 -31.30
CA GLY B 168 14.04 -32.27 -31.41
C GLY B 168 15.13 -31.22 -31.57
N SER B 169 14.72 -30.02 -31.98
CA SER B 169 15.64 -28.95 -32.35
C SER B 169 16.60 -28.57 -31.23
N HIS B 170 16.23 -28.86 -29.99
CA HIS B 170 17.01 -28.33 -28.86
C HIS B 170 17.55 -29.38 -27.89
N TYR B 171 17.35 -30.63 -28.27
CA TYR B 171 17.93 -31.75 -27.58
C TYR B 171 19.46 -31.70 -27.69
N HIS B 172 20.15 -31.97 -26.59
CA HIS B 172 21.59 -31.95 -26.55
C HIS B 172 22.08 -33.14 -27.37
N PHE B 173 22.76 -32.88 -28.48
CA PHE B 173 22.92 -33.97 -29.42
C PHE B 173 23.77 -35.14 -28.90
N ILE B 174 24.77 -34.85 -28.08
CA ILE B 174 25.54 -35.94 -27.49
C ILE B 174 24.67 -36.93 -26.68
N GLU B 175 23.46 -36.53 -26.28
CA GLU B 175 22.63 -37.28 -25.31
C GLU B 175 21.59 -38.17 -26.01
N LEU B 176 21.68 -38.26 -27.31
CA LEU B 176 20.83 -39.12 -28.10
C LEU B 176 20.88 -40.58 -27.78
N ASN B 177 19.76 -41.25 -28.09
CA ASN B 177 19.62 -42.71 -28.05
C ASN B 177 20.95 -43.40 -28.41
N PRO B 178 21.42 -44.37 -27.61
CA PRO B 178 22.74 -44.97 -27.86
C PRO B 178 22.84 -45.64 -29.24
N TYR B 179 21.69 -45.93 -29.87
CA TYR B 179 21.66 -46.55 -31.19
C TYR B 179 21.90 -45.64 -32.40
N LEU B 180 21.95 -44.33 -32.20
CA LEU B 180 22.36 -43.49 -33.29
C LEU B 180 23.87 -43.45 -33.25
N THR B 181 24.48 -43.65 -34.41
CA THR B 181 25.94 -43.68 -34.47
C THR B 181 26.47 -42.47 -35.23
N PHE B 182 27.39 -41.74 -34.61
CA PHE B 182 27.96 -40.53 -35.25
C PHE B 182 29.15 -40.17 -34.44
N ASP B 183 29.76 -39.02 -34.71
CA ASP B 183 30.93 -38.57 -33.95
C ASP B 183 30.50 -37.85 -32.67
N ARG B 184 30.38 -38.61 -31.58
CA ARG B 184 29.86 -38.06 -30.31
C ARG B 184 30.69 -36.90 -29.81
N ARG B 185 32.00 -36.91 -30.09
CA ARG B 185 32.88 -35.86 -29.63
C ARG B 185 32.63 -34.57 -30.39
N LYS B 186 32.35 -34.66 -31.67
CA LYS B 186 32.04 -33.46 -32.42
C LYS B 186 30.64 -32.91 -32.07
N ALA B 187 29.70 -33.80 -31.74
CA ALA B 187 28.32 -33.45 -31.30
C ALA B 187 28.26 -32.72 -29.94
N TYR B 188 29.26 -32.96 -29.11
CA TYR B 188 29.39 -32.33 -27.81
C TYR B 188 29.09 -30.82 -27.84
N GLY B 189 28.09 -30.41 -27.07
CA GLY B 189 27.79 -28.98 -26.93
C GLY B 189 26.92 -28.51 -28.06
N MET B 190 26.55 -29.45 -28.93
CA MET B 190 25.79 -29.09 -30.11
C MET B 190 24.32 -29.50 -30.01
N ARG B 191 23.52 -28.93 -30.90
CA ARG B 191 22.14 -29.30 -31.09
C ARG B 191 21.78 -29.04 -32.57
N LEU B 192 20.64 -29.56 -33.01
CA LEU B 192 20.27 -29.42 -34.39
C LEU B 192 20.03 -27.97 -34.79
N ASN B 193 20.69 -27.55 -35.85
CA ASN B 193 20.38 -26.27 -36.48
C ASN B 193 19.09 -26.31 -37.34
N ILE B 194 17.92 -26.38 -36.68
CA ILE B 194 16.65 -26.45 -37.42
C ILE B 194 15.68 -25.49 -36.75
N ALA B 195 14.59 -25.14 -37.44
CA ALA B 195 13.57 -24.26 -36.85
C ALA B 195 13.19 -24.70 -35.42
N ALA B 196 13.13 -23.76 -34.46
CA ALA B 196 12.79 -24.11 -33.05
C ALA B 196 11.50 -24.92 -32.99
N GLY B 197 11.57 -26.07 -32.32
CA GLY B 197 10.42 -26.91 -32.11
C GLY B 197 10.10 -27.92 -33.19
N ASN B 198 10.92 -28.06 -34.21
CA ASN B 198 10.77 -29.31 -34.95
C ASN B 198 11.91 -30.24 -34.82
N ALA B 199 11.91 -31.24 -35.69
CA ALA B 199 12.56 -32.47 -35.37
C ALA B 199 13.18 -33.11 -36.60
N SER B 200 14.20 -33.98 -36.41
CA SER B 200 14.63 -34.91 -37.48
C SER B 200 14.25 -36.32 -37.12
N ARG B 201 13.56 -36.99 -38.04
CA ARG B 201 13.14 -38.36 -37.86
C ARG B 201 14.14 -39.32 -38.57
N PHE B 202 14.63 -40.31 -37.84
CA PHE B 202 15.44 -41.37 -38.42
C PHE B 202 14.69 -42.68 -38.37
N GLU B 203 14.09 -43.12 -39.48
CA GLU B 203 13.67 -44.51 -39.59
C GLU B 203 14.84 -45.49 -39.31
N PRO B 204 14.54 -46.74 -38.97
CA PRO B 204 15.68 -47.64 -38.70
C PRO B 204 16.55 -47.85 -39.96
N GLY B 205 17.87 -47.86 -39.77
CA GLY B 205 18.81 -48.04 -40.86
C GLY B 205 19.13 -46.76 -41.62
N GLU B 206 18.40 -45.68 -41.38
CA GLU B 206 18.62 -44.44 -42.14
C GLU B 206 19.88 -43.66 -41.82
N LYS B 208 21.57 -39.93 -42.26
CA LYS B 208 21.29 -38.51 -42.49
C LYS B 208 22.51 -37.68 -42.24
N GLU B 209 22.56 -36.54 -42.89
CA GLU B 209 23.68 -35.63 -42.81
C GLU B 209 23.07 -34.41 -42.04
N VAL B 210 23.50 -34.18 -40.79
CA VAL B 210 22.83 -33.16 -39.96
C VAL B 210 23.64 -31.90 -39.68
N LEU B 211 23.00 -30.74 -39.89
CA LEU B 211 23.60 -29.45 -39.52
C LEU B 211 23.46 -29.26 -37.98
N LEU B 212 24.56 -29.18 -37.25
CA LEU B 212 24.45 -28.97 -35.82
C LEU B 212 25.01 -27.60 -35.52
N VAL B 213 24.46 -26.94 -34.49
CA VAL B 213 24.97 -25.63 -34.08
C VAL B 213 25.25 -25.64 -32.57
N SER B 214 26.18 -24.82 -32.11
CA SER B 214 26.43 -24.70 -30.67
C SER B 214 25.22 -24.19 -29.84
N ILE B 215 25.06 -24.73 -28.64
CA ILE B 215 24.14 -24.15 -27.65
C ILE B 215 24.73 -22.77 -27.20
N GLY B 216 23.90 -21.90 -26.63
CA GLY B 216 24.34 -20.58 -26.22
C GLY B 216 24.31 -20.38 -24.72
N GLY B 217 24.16 -19.13 -24.32
CA GLY B 217 24.19 -18.75 -22.92
C GLY B 217 25.40 -19.30 -22.23
N ASN B 218 25.19 -19.87 -21.04
CA ASN B 218 26.30 -20.41 -20.24
C ASN B 218 26.90 -21.66 -20.85
N LYS B 219 26.20 -22.28 -21.79
CA LYS B 219 26.67 -23.57 -22.36
C LYS B 219 26.90 -24.61 -21.28
N VAL B 220 25.82 -24.94 -20.56
CA VAL B 220 25.78 -26.03 -19.62
C VAL B 220 24.77 -27.05 -20.08
N ILE B 221 25.21 -28.30 -20.17
CA ILE B 221 24.34 -29.39 -20.55
C ILE B 221 23.73 -30.04 -19.30
N ARG B 222 22.40 -30.24 -19.30
CA ARG B 222 21.72 -31.02 -18.24
C ARG B 222 20.73 -31.98 -18.90
N GLY B 223 20.47 -33.11 -18.23
CA GLY B 223 19.47 -34.11 -18.63
C GLY B 223 19.86 -35.16 -19.68
N GLY B 224 18.89 -35.51 -20.51
CA GLY B 224 19.07 -36.59 -21.47
C GLY B 224 19.43 -37.87 -20.77
N ASN B 225 20.66 -38.34 -21.04
CA ASN B 225 21.19 -39.59 -20.48
C ASN B 225 22.23 -39.32 -19.41
N ALA B 226 22.46 -38.03 -19.15
CA ALA B 226 23.50 -37.62 -18.25
C ALA B 226 24.92 -37.96 -18.72
N ILE B 227 25.08 -38.14 -20.03
CA ILE B 227 26.38 -38.39 -20.67
C ILE B 227 27.34 -37.22 -20.42
N ALA B 228 26.85 -36.01 -20.64
CA ALA B 228 27.70 -34.84 -20.72
C ALA B 228 27.40 -33.85 -19.61
N ASP B 229 26.75 -34.29 -18.52
CA ASP B 229 26.39 -33.42 -17.42
C ASP B 229 27.49 -32.36 -17.21
N GLY B 230 27.13 -31.09 -17.10
CA GLY B 230 28.10 -30.05 -16.78
C GLY B 230 28.29 -28.98 -17.84
N PRO B 231 29.00 -27.88 -17.51
CA PRO B 231 29.39 -26.87 -18.51
C PRO B 231 30.25 -27.41 -19.68
N VAL B 232 30.06 -26.85 -20.87
CA VAL B 232 30.84 -27.25 -22.02
C VAL B 232 32.27 -26.73 -21.89
N ASN B 233 33.24 -27.63 -21.65
CA ASN B 233 34.69 -27.33 -21.65
C ASN B 233 35.53 -28.61 -21.95
N ALA B 234 36.82 -28.42 -22.30
CA ALA B 234 37.72 -29.53 -22.62
C ALA B 234 37.68 -30.62 -21.54
N SER B 235 37.64 -30.21 -20.27
CA SER B 235 37.64 -31.20 -19.19
C SER B 235 36.36 -32.10 -19.09
N ASN B 236 35.17 -31.51 -19.21
CA ASN B 236 33.91 -32.31 -19.29
C ASN B 236 33.71 -33.09 -20.61
N CYS B 237 34.34 -32.65 -21.69
CA CYS B 237 34.34 -33.40 -22.95
C CYS B 237 35.03 -34.77 -22.76
N ILE B 238 36.19 -34.74 -22.11
CA ILE B 238 36.93 -35.96 -21.81
C ILE B 238 36.01 -36.90 -20.99
N ALA B 239 35.30 -36.38 -20.01
CA ALA B 239 34.40 -37.19 -19.20
C ALA B 239 33.21 -37.75 -19.98
N ALA B 240 32.66 -36.94 -20.87
CA ALA B 240 31.55 -37.38 -21.72
C ALA B 240 31.98 -38.53 -22.63
N MET B 241 33.19 -38.42 -23.18
CA MET B 241 33.72 -39.46 -24.02
C MET B 241 33.97 -40.77 -23.26
N GLN B 242 34.55 -40.67 -22.05
CA GLN B 242 34.64 -41.82 -21.16
C GLN B 242 33.29 -42.53 -21.01
N ALA B 243 32.23 -41.75 -20.77
CA ALA B 243 30.87 -42.28 -20.58
C ALA B 243 30.22 -42.83 -21.87
N VAL B 244 30.46 -42.16 -22.98
CA VAL B 244 30.08 -42.68 -24.29
C VAL B 244 30.66 -44.09 -24.54
N ILE B 245 31.99 -44.25 -24.36
CA ILE B 245 32.67 -45.57 -24.42
C ILE B 245 32.09 -46.58 -23.42
N THR B 246 32.18 -46.31 -22.10
CA THR B 246 31.70 -47.25 -21.04
C THR B 246 30.27 -47.74 -21.26
N ARG B 247 29.37 -46.81 -21.59
CA ARG B 247 27.93 -47.13 -21.64
C ARG B 247 27.43 -47.59 -23.02
N GLY B 248 28.35 -47.67 -24.00
CA GLY B 248 28.03 -48.18 -25.32
C GLY B 248 27.17 -47.27 -26.18
N PHE B 249 27.37 -45.97 -26.06
CA PHE B 249 26.70 -45.04 -26.96
C PHE B 249 27.39 -44.98 -28.32
N GLY B 250 26.61 -45.20 -29.37
CA GLY B 250 27.16 -45.33 -30.69
C GLY B 250 28.09 -44.21 -31.04
N HIS B 251 29.32 -44.56 -31.40
CA HIS B 251 30.36 -43.60 -31.73
C HIS B 251 31.30 -44.06 -32.84
N VAL B 252 31.36 -43.33 -33.95
CA VAL B 252 32.40 -43.49 -34.97
C VAL B 252 32.93 -42.11 -35.31
N GLU B 253 34.23 -41.94 -35.06
CA GLU B 253 35.01 -40.74 -35.39
C GLU B 253 34.78 -40.30 -36.83
N GLU B 254 34.57 -39.00 -37.05
CA GLU B 254 34.50 -38.48 -38.40
C GLU B 254 35.59 -37.46 -38.53
N ALA B 255 36.83 -37.93 -38.68
CA ALA B 255 37.97 -36.99 -38.68
C ALA B 255 37.76 -35.84 -39.66
N ASN B 256 37.12 -36.12 -40.80
CA ASN B 256 36.94 -35.15 -41.88
C ASN B 256 35.79 -34.11 -41.80
N ALA B 257 35.06 -34.06 -40.69
CA ALA B 257 33.74 -33.37 -40.67
C ALA B 257 33.90 -31.92 -40.94
N ALA B 258 33.08 -31.36 -41.83
CA ALA B 258 33.17 -29.95 -42.10
C ALA B 258 32.81 -29.14 -40.81
N GLU B 259 33.67 -28.19 -40.42
CA GLU B 259 33.45 -27.31 -39.24
C GLU B 259 33.52 -25.83 -39.63
N GLY B 260 32.80 -24.97 -38.91
CA GLY B 260 32.77 -23.54 -39.20
C GLY B 260 31.90 -22.79 -38.20
N GLN B 261 31.15 -21.81 -38.70
CA GLN B 261 30.20 -21.04 -37.92
C GLN B 261 29.03 -20.66 -38.77
N THR B 262 27.94 -20.32 -38.11
CA THR B 262 26.80 -19.72 -38.77
C THR B 262 27.08 -18.25 -39.15
N GLY B 263 27.60 -17.99 -40.33
CA GLY B 263 27.99 -16.60 -40.69
C GLY B 263 26.80 -15.94 -41.34
N GLU B 264 26.64 -14.63 -41.11
CA GLU B 264 25.57 -13.87 -41.81
C GLU B 264 25.85 -13.53 -43.28
N ASP B 265 26.17 -14.51 -44.11
CA ASP B 265 26.36 -14.28 -45.55
C ASP B 265 25.73 -15.40 -46.42
N ALA B 266 25.66 -15.20 -47.73
CA ALA B 266 24.90 -16.11 -48.58
C ALA B 266 25.64 -17.46 -48.75
N SER B 267 24.91 -18.55 -49.01
CA SER B 267 25.47 -19.90 -49.26
C SER B 267 26.67 -20.36 -48.37
N CYS B 268 26.45 -20.33 -47.06
CA CYS B 268 27.33 -20.98 -46.09
C CYS B 268 26.58 -22.25 -45.71
N PRO B 269 27.23 -23.41 -45.82
CA PRO B 269 26.53 -24.71 -45.68
C PRO B 269 26.17 -25.08 -44.24
N PHE B 270 26.65 -24.32 -43.28
CA PHE B 270 26.27 -24.58 -41.89
C PHE B 270 24.95 -23.88 -41.51
N THR B 271 24.53 -22.87 -42.27
CA THR B 271 23.41 -22.04 -41.84
C THR B 271 22.05 -22.62 -42.28
N THR B 272 21.01 -22.32 -41.50
CA THR B 272 19.66 -22.74 -41.83
C THR B 272 18.80 -21.50 -41.89
N VAL B 273 18.01 -21.41 -42.93
CA VAL B 273 17.13 -20.27 -43.10
C VAL B 273 15.69 -20.70 -43.02
N ILE B 274 14.87 -19.76 -42.62
CA ILE B 274 13.47 -20.02 -42.52
C ILE B 274 12.77 -18.96 -43.33
N SER B 275 11.93 -19.46 -44.21
CA SER B 275 11.15 -18.60 -44.98
C SER B 275 10.30 -17.70 -44.04
N ARG B 276 10.33 -16.41 -44.30
CA ARG B 276 9.65 -15.40 -43.50
C ARG B 276 8.10 -15.49 -43.30
N GLU B 277 7.38 -15.87 -44.34
CA GLU B 277 5.97 -16.18 -44.21
C GLU B 277 5.80 -17.34 -43.24
N GLU B 278 6.73 -18.26 -43.28
CA GLU B 278 6.62 -19.46 -42.51
C GLU B 278 7.01 -19.19 -41.04
N TYR B 279 7.94 -18.27 -40.84
CA TYR B 279 8.29 -17.83 -39.50
C TYR B 279 7.05 -17.30 -38.78
N ALA B 280 6.30 -16.43 -39.48
CA ALA B 280 5.10 -15.81 -38.94
C ALA B 280 4.03 -16.86 -38.56
N ASN B 281 3.93 -17.91 -39.38
CA ASN B 281 2.92 -18.95 -39.18
C ASN B 281 3.25 -19.84 -38.01
N LYS B 282 4.55 -20.12 -37.81
CA LYS B 282 4.98 -20.94 -36.68
C LYS B 282 4.98 -20.14 -35.39
N TYR B 283 5.54 -18.94 -35.41
CA TYR B 283 5.84 -18.27 -34.15
C TYR B 283 5.09 -16.94 -34.00
N GLY B 284 4.20 -16.62 -34.94
CA GLY B 284 3.57 -15.30 -34.98
C GLY B 284 4.47 -14.27 -35.65
N PRO B 285 3.96 -13.06 -35.93
CA PRO B 285 4.73 -12.09 -36.73
C PRO B 285 5.92 -11.53 -35.95
N THR B 286 6.90 -11.00 -36.68
CA THR B 286 8.09 -10.38 -36.09
C THR B 286 8.25 -8.94 -36.65
N THR B 287 9.35 -8.28 -36.29
CA THR B 287 9.53 -6.85 -36.57
C THR B 287 9.30 -6.52 -38.01
N GLY B 288 8.45 -5.56 -38.28
CA GLY B 288 8.13 -5.25 -39.65
C GLY B 288 6.84 -5.87 -40.14
N ASP B 289 6.41 -7.01 -39.58
CA ASP B 289 5.13 -7.60 -40.03
C ASP B 289 3.92 -6.77 -39.56
N LYS B 290 2.83 -6.86 -40.31
CA LYS B 290 1.62 -6.18 -39.91
C LYS B 290 0.42 -7.12 -39.73
N ILE B 291 -0.51 -6.70 -38.86
CA ILE B 291 -1.59 -7.62 -38.46
C ILE B 291 -2.87 -6.85 -38.50
N ARG B 292 -3.82 -7.36 -39.28
CA ARG B 292 -5.14 -6.78 -39.37
C ARG B 292 -5.88 -7.03 -38.08
N LEU B 293 -6.36 -5.97 -37.45
CA LEU B 293 -7.22 -6.14 -36.30
C LEU B 293 -8.61 -6.62 -36.65
N GLY B 294 -8.85 -7.89 -36.36
CA GLY B 294 -10.17 -8.51 -36.62
C GLY B 294 -10.55 -8.37 -38.07
N ASP B 295 -11.81 -8.03 -38.34
CA ASP B 295 -12.22 -7.67 -39.68
C ASP B 295 -12.34 -6.12 -39.88
N THR B 296 -11.66 -5.31 -39.06
CA THR B 296 -11.52 -3.87 -39.34
C THR B 296 -10.48 -3.62 -40.47
N ALA B 297 -10.27 -2.35 -40.79
CA ALA B 297 -9.22 -1.94 -41.70
C ALA B 297 -7.90 -1.51 -40.97
N LEU B 298 -7.79 -1.80 -39.67
CA LEU B 298 -6.62 -1.42 -38.92
C LEU B 298 -5.48 -2.43 -39.07
N PHE B 299 -4.26 -1.93 -39.28
CA PHE B 299 -3.04 -2.74 -39.23
C PHE B 299 -2.06 -2.31 -38.17
N ALA B 300 -1.67 -3.29 -37.36
CA ALA B 300 -0.68 -3.12 -36.31
C ALA B 300 0.65 -3.71 -36.81
N GLU B 301 1.70 -2.91 -36.75
CA GLU B 301 3.02 -3.32 -37.19
C GLU B 301 3.85 -3.59 -35.94
N ILE B 302 4.43 -4.78 -35.88
CA ILE B 302 5.43 -5.13 -34.89
C ILE B 302 6.58 -4.12 -34.86
N GLU B 303 6.69 -3.39 -33.77
CA GLU B 303 7.69 -2.33 -33.62
C GLU B 303 9.05 -2.80 -33.17
N LYS B 304 9.08 -3.87 -32.40
CA LYS B 304 10.28 -4.40 -31.75
C LYS B 304 10.01 -5.87 -31.41
N ASP B 305 11.03 -6.72 -31.59
CA ASP B 305 10.94 -8.13 -31.21
C ASP B 305 12.10 -8.48 -30.29
N PHE B 306 11.84 -9.20 -29.20
CA PHE B 306 12.93 -9.62 -28.30
C PHE B 306 13.51 -10.98 -28.68
N ALA B 307 12.84 -11.71 -29.55
CA ALA B 307 13.32 -13.00 -30.01
C ALA B 307 14.69 -12.91 -30.70
N ILE B 308 15.52 -13.90 -30.42
CA ILE B 308 16.79 -14.17 -31.07
C ILE B 308 16.48 -15.34 -32.01
N TYR B 309 16.54 -15.13 -33.33
CA TYR B 309 15.93 -16.10 -34.25
C TYR B 309 16.53 -17.47 -34.12
N GLY B 310 15.69 -18.43 -33.80
CA GLY B 310 16.11 -19.79 -33.65
C GLY B 310 16.00 -20.37 -32.25
N ASP B 311 15.77 -19.50 -31.25
CA ASP B 311 15.61 -19.93 -29.85
C ASP B 311 14.21 -19.64 -29.27
N GLU B 312 13.21 -19.44 -30.12
CA GLU B 312 11.83 -19.17 -29.69
C GLU B 312 11.34 -20.23 -28.71
N CYS B 313 10.54 -19.78 -27.75
CA CYS B 313 10.03 -20.66 -26.70
C CYS B 313 8.72 -21.25 -27.19
N THR B 314 8.77 -22.51 -27.58
CA THR B 314 7.61 -23.22 -28.03
C THR B 314 7.61 -24.56 -27.31
N PHE B 315 6.40 -24.91 -26.85
CA PHE B 315 6.20 -26.01 -25.96
C PHE B 315 5.46 -27.11 -26.67
N GLY B 316 5.84 -28.36 -26.42
CA GLY B 316 5.17 -29.48 -27.08
C GLY B 316 6.14 -30.62 -27.19
N GLY B 317 5.65 -31.77 -27.65
CA GLY B 317 6.51 -32.92 -27.90
C GLY B 317 7.61 -32.60 -28.88
N GLY B 318 8.82 -33.03 -28.55
CA GLY B 318 10.06 -32.67 -29.27
C GLY B 318 10.42 -31.18 -29.30
N LYS B 319 9.61 -30.34 -28.65
CA LYS B 319 9.74 -28.89 -28.81
C LYS B 319 10.75 -28.32 -27.83
N VAL B 320 10.78 -26.99 -27.72
CA VAL B 320 11.93 -26.31 -27.09
C VAL B 320 11.88 -26.36 -25.55
N ILE B 321 10.68 -26.26 -25.01
CA ILE B 321 10.50 -26.11 -23.56
C ILE B 321 10.50 -27.47 -22.84
N ARG B 322 11.69 -28.07 -22.80
CA ARG B 322 11.91 -29.39 -22.21
C ARG B 322 13.12 -29.37 -21.28
N ASP B 323 13.11 -30.26 -20.27
CA ASP B 323 14.15 -30.32 -19.23
C ASP B 323 15.57 -30.22 -19.76
N GLY B 324 16.27 -29.19 -19.34
CA GLY B 324 17.67 -28.95 -19.66
C GLY B 324 17.92 -28.31 -21.01
N MET B 325 16.84 -28.09 -21.76
CA MET B 325 16.91 -27.43 -23.06
C MET B 325 16.43 -26.00 -22.90
N GLY B 326 15.26 -25.66 -23.45
CA GLY B 326 14.57 -24.40 -23.17
C GLY B 326 14.11 -24.25 -21.72
N GLN B 327 13.80 -25.37 -21.04
CA GLN B 327 13.43 -25.39 -19.60
C GLN B 327 14.67 -25.55 -18.74
N SER B 328 14.96 -24.55 -17.94
CA SER B 328 16.13 -24.54 -17.15
C SER B 328 16.11 -25.52 -15.99
N CYS B 329 17.31 -25.89 -15.58
CA CYS B 329 17.46 -26.93 -14.62
C CYS B 329 18.65 -26.49 -13.76
N GLY B 330 18.42 -26.08 -12.51
CA GLY B 330 19.56 -25.71 -11.66
C GLY B 330 19.72 -24.26 -11.20
N HIS B 331 19.01 -23.35 -11.85
CA HIS B 331 18.78 -21.98 -11.29
C HIS B 331 18.05 -22.05 -9.93
N PRO B 332 18.08 -20.94 -9.18
CA PRO B 332 17.41 -20.97 -7.84
C PRO B 332 15.91 -21.08 -8.05
N PRO B 333 15.28 -22.09 -7.39
CA PRO B 333 13.86 -22.44 -7.59
C PRO B 333 12.89 -21.25 -7.44
N ALA B 334 13.22 -20.28 -6.58
CA ALA B 334 12.31 -19.18 -6.28
C ALA B 334 12.15 -18.26 -7.46
N LEU B 335 13.05 -18.32 -8.43
CA LEU B 335 12.93 -17.40 -9.54
C LEU B 335 12.33 -17.99 -10.83
N SER B 336 12.02 -19.28 -10.84
CA SER B 336 11.19 -19.79 -11.91
C SER B 336 9.88 -18.96 -12.05
N LEU B 337 9.55 -18.61 -13.30
CA LEU B 337 8.28 -17.98 -13.58
C LEU B 337 7.15 -18.92 -13.25
N ASP B 338 6.10 -18.39 -12.63
CA ASP B 338 4.89 -19.16 -12.44
C ASP B 338 4.28 -19.54 -13.79
N THR B 339 4.12 -18.57 -14.68
CA THR B 339 3.61 -18.85 -16.01
C THR B 339 4.39 -18.00 -16.99
N VAL B 340 4.65 -18.54 -18.16
CA VAL B 340 5.20 -17.74 -19.25
C VAL B 340 4.15 -17.76 -20.37
N ILE B 341 3.89 -16.58 -20.94
CA ILE B 341 3.14 -16.52 -22.18
C ILE B 341 4.16 -16.38 -23.32
N THR B 342 4.18 -17.35 -24.22
CA THR B 342 5.25 -17.38 -25.21
C THR B 342 4.86 -16.72 -26.52
N ASN B 343 5.82 -16.01 -27.11
CA ASN B 343 5.64 -15.45 -28.46
C ASN B 343 4.38 -14.58 -28.63
N ALA B 344 4.13 -13.70 -27.68
CA ALA B 344 2.96 -12.83 -27.73
C ALA B 344 3.18 -11.58 -28.59
N VAL B 345 2.17 -11.21 -29.35
CA VAL B 345 2.12 -9.86 -29.84
C VAL B 345 1.39 -9.09 -28.76
N ILE B 346 2.07 -8.12 -28.18
CA ILE B 346 1.46 -7.21 -27.22
C ILE B 346 1.04 -5.94 -27.93
N ILE B 347 -0.25 -5.63 -27.82
CA ILE B 347 -0.77 -4.31 -28.17
C ILE B 347 -1.18 -3.59 -26.89
N ASP B 348 -0.57 -2.44 -26.64
CA ASP B 348 -0.70 -1.69 -25.39
C ASP B 348 -0.50 -0.22 -25.75
N TYR B 349 -0.92 0.70 -24.91
CA TYR B 349 -0.73 2.11 -25.29
C TYR B 349 0.78 2.40 -25.41
N SER B 350 1.61 1.61 -24.73
CA SER B 350 3.03 1.93 -24.62
C SER B 350 3.86 1.28 -25.72
N GLY B 351 3.25 0.50 -26.61
CA GLY B 351 4.01 -0.13 -27.70
C GLY B 351 3.35 -1.37 -28.25
N ILE B 352 3.59 -1.65 -29.53
CA ILE B 352 3.13 -2.85 -30.19
C ILE B 352 4.40 -3.65 -30.44
N ILE B 353 4.56 -4.76 -29.73
CA ILE B 353 5.83 -5.49 -29.77
C ILE B 353 5.64 -7.00 -29.78
N LYS B 354 6.75 -7.74 -29.93
CA LYS B 354 6.71 -9.19 -29.86
C LYS B 354 7.62 -9.60 -28.72
N ALA B 355 7.14 -10.41 -27.79
CA ALA B 355 7.85 -10.63 -26.56
C ALA B 355 7.29 -11.84 -25.86
N ASP B 356 8.08 -12.47 -25.00
CA ASP B 356 7.57 -13.42 -24.04
C ASP B 356 7.20 -12.62 -22.80
N ILE B 357 6.20 -13.08 -22.07
CA ILE B 357 5.71 -12.39 -20.88
C ILE B 357 5.83 -13.37 -19.75
N GLY B 358 6.52 -13.01 -18.68
CA GLY B 358 6.57 -13.85 -17.53
C GLY B 358 5.70 -13.32 -16.41
N ILE B 359 5.07 -14.26 -15.71
CA ILE B 359 4.14 -13.95 -14.64
C ILE B 359 4.66 -14.60 -13.40
N LYS B 360 4.68 -13.84 -12.31
CA LYS B 360 5.09 -14.38 -11.03
C LYS B 360 4.23 -13.76 -9.91
N ASP B 361 3.68 -14.58 -9.02
CA ASP B 361 2.86 -14.09 -7.89
C ASP B 361 1.63 -13.27 -8.36
N GLY B 362 1.00 -13.69 -9.43
CA GLY B 362 -0.12 -12.93 -9.94
C GLY B 362 0.27 -11.66 -10.66
N LEU B 363 1.56 -11.32 -10.68
CA LEU B 363 2.02 -10.08 -11.33
C LEU B 363 2.76 -10.31 -12.64
N ILE B 364 2.81 -9.30 -13.49
CA ILE B 364 3.67 -9.35 -14.66
C ILE B 364 5.11 -9.19 -14.19
N HIS B 365 5.93 -10.22 -14.32
CA HIS B 365 7.29 -10.14 -13.74
C HIS B 365 8.28 -9.57 -14.75
N SER B 366 8.05 -9.80 -16.03
CA SER B 366 8.99 -9.42 -17.04
C SER B 366 8.44 -9.62 -18.44
N ILE B 367 9.03 -8.92 -19.37
CA ILE B 367 8.57 -8.84 -20.76
C ILE B 367 9.88 -8.84 -21.57
N GLY B 368 10.05 -9.79 -22.46
CA GLY B 368 11.34 -9.93 -23.18
C GLY B 368 11.55 -11.30 -23.75
N LYS B 369 12.79 -11.77 -23.73
CA LYS B 369 13.16 -13.06 -24.31
C LYS B 369 13.27 -14.06 -23.19
N SER B 370 12.45 -15.08 -23.20
CA SER B 370 12.59 -15.92 -22.03
C SER B 370 13.16 -17.27 -22.34
N GLY B 371 13.47 -18.08 -21.32
CA GLY B 371 13.96 -19.44 -21.59
C GLY B 371 15.01 -19.91 -20.61
N ASN B 372 16.14 -20.44 -21.11
CA ASN B 372 17.12 -21.08 -20.24
C ASN B 372 18.52 -20.50 -20.42
N PRO B 373 19.04 -19.83 -19.39
CA PRO B 373 20.31 -19.17 -19.55
C PRO B 373 21.48 -20.16 -19.75
N ASP B 374 21.27 -21.42 -19.40
CA ASP B 374 22.30 -22.44 -19.59
C ASP B 374 22.48 -22.80 -21.09
N VAL B 375 21.48 -22.51 -21.92
CA VAL B 375 21.50 -22.99 -23.27
C VAL B 375 21.26 -21.91 -24.32
N MET B 376 20.83 -20.74 -23.88
CA MET B 376 20.37 -19.70 -24.79
C MET B 376 20.99 -18.38 -24.43
N ASP B 377 21.38 -17.62 -25.44
CA ASP B 377 21.88 -16.27 -25.21
C ASP B 377 20.69 -15.39 -24.91
N GLY B 378 20.95 -14.33 -24.15
CA GLY B 378 19.99 -13.26 -24.03
C GLY B 378 18.87 -13.46 -23.03
N VAL B 379 18.99 -14.47 -22.17
CA VAL B 379 17.97 -14.72 -21.16
C VAL B 379 18.39 -14.09 -19.84
N PHE B 380 17.67 -13.06 -19.43
CA PHE B 380 17.96 -12.44 -18.14
C PHE B 380 17.41 -13.26 -16.99
N GLN B 381 17.89 -12.98 -15.79
CA GLN B 381 17.63 -13.77 -14.63
C GLN B 381 16.17 -13.65 -14.18
N ASN B 382 15.39 -12.75 -14.81
CA ASN B 382 13.94 -12.58 -14.45
C ASN B 382 12.99 -13.17 -15.47
N MET B 383 13.54 -13.97 -16.37
CA MET B 383 12.75 -14.59 -17.42
C MET B 383 13.09 -16.04 -17.55
N THR B 384 13.30 -16.73 -16.44
CA THR B 384 13.63 -18.16 -16.55
C THR B 384 12.36 -19.07 -16.61
N THR B 385 12.20 -19.81 -17.71
CA THR B 385 11.25 -20.93 -17.75
C THR B 385 11.92 -22.09 -17.02
N GLY B 386 11.33 -22.51 -15.92
CA GLY B 386 11.92 -23.59 -15.09
C GLY B 386 10.98 -24.79 -14.95
N VAL B 387 11.36 -25.79 -14.16
CA VAL B 387 10.49 -26.95 -13.92
C VAL B 387 9.06 -26.48 -13.52
N ASN B 388 9.00 -25.56 -12.56
CA ASN B 388 7.74 -25.16 -11.98
C ASN B 388 7.03 -24.02 -12.70
N THR B 389 7.20 -23.92 -14.02
CA THR B 389 6.59 -22.85 -14.82
C THR B 389 5.55 -23.45 -15.74
N GLU B 390 4.34 -22.92 -15.68
CA GLU B 390 3.28 -23.23 -16.63
C GLU B 390 3.45 -22.40 -17.94
N VAL B 391 2.88 -22.94 -19.03
CA VAL B 391 3.01 -22.35 -20.34
C VAL B 391 1.65 -22.07 -20.98
N ILE B 392 1.49 -20.82 -21.35
CA ILE B 392 0.37 -20.36 -22.14
C ILE B 392 1.00 -19.95 -23.48
N ALA B 393 0.57 -20.62 -24.53
CA ALA B 393 1.17 -20.44 -25.88
C ALA B 393 0.59 -19.20 -26.56
N GLY B 394 1.38 -18.14 -26.68
CA GLY B 394 0.91 -16.99 -27.40
C GLY B 394 1.20 -16.96 -28.90
N GLU B 395 1.95 -17.94 -29.43
CA GLU B 395 2.39 -17.85 -30.83
C GLU B 395 1.18 -17.65 -31.74
N GLY B 396 1.22 -16.57 -32.50
CA GLY B 396 0.16 -16.26 -33.42
C GLY B 396 -1.01 -15.49 -32.86
N LEU B 397 -0.97 -15.14 -31.57
CA LEU B 397 -2.07 -14.47 -30.87
C LEU B 397 -1.65 -13.08 -30.45
N ILE B 398 -2.64 -12.24 -30.16
CA ILE B 398 -2.43 -10.93 -29.52
C ILE B 398 -2.80 -10.92 -28.02
N VAL B 399 -1.96 -10.32 -27.18
CA VAL B 399 -2.27 -10.13 -25.77
C VAL B 399 -2.48 -8.65 -25.54
N THR B 400 -3.49 -8.30 -24.77
CA THR B 400 -3.65 -6.91 -24.38
C THR B 400 -3.99 -6.96 -22.93
N ALA B 401 -3.86 -5.82 -22.25
CA ALA B 401 -4.41 -5.70 -20.91
C ALA B 401 -5.93 -6.04 -20.84
N GLY B 402 -6.38 -6.57 -19.71
CA GLY B 402 -7.81 -6.61 -19.42
C GLY B 402 -8.42 -5.22 -19.52
N ALA B 403 -9.64 -5.11 -20.05
CA ALA B 403 -10.28 -3.82 -20.23
C ALA B 403 -10.82 -3.36 -18.90
N ILE B 404 -10.94 -2.05 -18.74
CA ILE B 404 -11.46 -1.47 -17.52
C ILE B 404 -12.64 -0.59 -17.85
N ASP B 405 -13.81 -0.96 -17.38
CA ASP B 405 -15.02 -0.22 -17.71
C ASP B 405 -15.33 0.63 -16.48
N CYS B 406 -15.38 1.96 -16.66
CA CYS B 406 -15.49 2.80 -15.52
C CYS B 406 -16.81 3.58 -15.46
N HIS B 407 -17.80 3.13 -16.28
CA HIS B 407 -19.19 3.59 -16.17
C HIS B 407 -20.18 2.41 -16.02
N VAL B 408 -20.06 1.68 -14.91
CA VAL B 408 -20.88 0.46 -14.69
C VAL B 408 -22.09 0.70 -13.81
N HIS B 409 -23.25 0.20 -14.24
CA HIS B 409 -24.41 0.18 -13.34
C HIS B 409 -24.57 -1.27 -12.87
N TYR B 410 -24.37 -1.53 -11.57
CA TYR B 410 -24.60 -2.87 -11.06
C TYR B 410 -26.10 -3.14 -10.98
N ILE B 411 -26.69 -3.44 -12.15
CA ILE B 411 -28.14 -3.72 -12.22
C ILE B 411 -28.37 -5.24 -12.00
N CYS B 412 -27.51 -6.07 -12.53
CA CYS B 412 -27.68 -7.51 -12.36
C CYS B 412 -26.31 -8.14 -12.37
N PRO B 413 -26.17 -9.28 -11.67
CA PRO B 413 -24.88 -9.96 -11.66
C PRO B 413 -24.49 -10.40 -13.08
N GLN B 414 -25.47 -10.69 -13.94
CA GLN B 414 -25.07 -11.19 -15.28
C GLN B 414 -24.32 -10.24 -16.17
N LEU B 415 -24.49 -8.92 -15.97
CA LEU B 415 -23.60 -7.92 -16.58
C LEU B 415 -22.17 -8.36 -16.37
N VAL B 416 -21.85 -8.85 -15.17
CA VAL B 416 -20.45 -9.18 -14.84
C VAL B 416 -19.92 -10.27 -15.76
N TYR B 417 -20.69 -11.35 -15.92
CA TYR B 417 -20.24 -12.45 -16.79
C TYR B 417 -20.14 -11.99 -18.20
N GLU B 418 -21.04 -11.12 -18.60
CA GLU B 418 -20.95 -10.65 -19.94
C GLU B 418 -19.68 -9.80 -20.12
N ALA B 419 -19.27 -9.08 -19.09
CA ALA B 419 -18.08 -8.23 -19.15
C ALA B 419 -16.75 -9.01 -19.31
N VAL B 420 -16.47 -9.90 -18.35
CA VAL B 420 -15.25 -10.67 -18.33
C VAL B 420 -15.22 -11.46 -19.66
N THR B 421 -16.39 -11.93 -20.13
CA THR B 421 -16.38 -12.76 -21.35
C THR B 421 -16.02 -11.99 -22.61
N SER B 422 -16.17 -10.67 -22.59
CA SER B 422 -15.80 -9.85 -23.71
C SER B 422 -14.38 -9.35 -23.60
N GLY B 423 -13.72 -9.57 -22.45
CA GLY B 423 -12.37 -9.03 -22.23
C GLY B 423 -12.19 -7.94 -21.15
N ILE B 424 -13.22 -7.72 -20.32
CA ILE B 424 -13.17 -6.76 -19.23
C ILE B 424 -12.80 -7.46 -17.92
N THR B 425 -11.86 -6.87 -17.17
CA THR B 425 -11.42 -7.48 -15.92
C THR B 425 -11.58 -6.53 -14.71
N THR B 426 -11.86 -5.26 -14.95
CA THR B 426 -12.09 -4.34 -13.84
C THR B 426 -13.39 -3.61 -14.15
N LEU B 427 -14.28 -3.48 -13.14
CA LEU B 427 -15.52 -2.67 -13.29
C LEU B 427 -15.55 -1.60 -12.24
N VAL B 428 -15.93 -0.38 -12.61
CA VAL B 428 -16.10 0.73 -11.66
C VAL B 428 -17.44 1.38 -11.96
N GLY B 429 -18.26 1.56 -10.93
CA GLY B 429 -19.48 2.30 -11.07
C GLY B 429 -20.19 2.13 -9.74
N GLY B 430 -21.51 2.20 -9.76
CA GLY B 430 -22.32 2.09 -8.54
C GLY B 430 -23.60 1.35 -8.79
N GLY B 431 -24.29 1.02 -7.71
CA GLY B 431 -25.57 0.28 -7.83
C GLY B 431 -25.82 -0.68 -6.67
N THR B 432 -27.05 -1.20 -6.56
CA THR B 432 -27.41 -2.18 -5.52
C THR B 432 -28.31 -3.28 -6.06
N GLY B 433 -28.30 -3.42 -7.39
CA GLY B 433 -29.17 -4.35 -8.07
C GLY B 433 -30.19 -3.56 -8.86
N PRO B 434 -31.28 -4.21 -9.33
CA PRO B 434 -32.28 -3.60 -10.25
C PRO B 434 -33.28 -2.60 -9.65
N THR B 435 -32.84 -1.70 -8.80
CA THR B 435 -33.71 -0.66 -8.24
C THR B 435 -33.83 0.52 -9.21
N ALA B 436 -34.86 1.36 -9.03
CA ALA B 436 -34.98 2.61 -9.78
C ALA B 436 -33.68 3.45 -9.71
N GLY B 437 -33.10 3.62 -8.51
CA GLY B 437 -31.88 4.42 -8.31
C GLY B 437 -30.65 3.98 -9.11
N THR B 438 -30.41 2.67 -9.05
CA THR B 438 -29.31 2.02 -9.75
C THR B 438 -29.50 1.99 -11.27
N ARG B 439 -30.75 1.78 -11.70
CA ARG B 439 -31.12 1.82 -13.11
C ARG B 439 -30.91 3.20 -13.75
N ALA B 440 -30.86 4.25 -12.92
CA ALA B 440 -30.74 5.61 -13.41
C ALA B 440 -29.35 6.18 -13.24
N THR B 441 -28.65 5.75 -12.18
CA THR B 441 -27.41 6.35 -11.71
C THR B 441 -26.41 5.27 -11.22
N THR B 442 -25.10 5.50 -11.44
CA THR B 442 -24.04 4.66 -10.88
C THR B 442 -23.81 4.96 -9.42
N CYS B 443 -24.80 4.74 -8.56
CA CYS B 443 -24.68 5.03 -7.12
C CYS B 443 -25.05 3.85 -6.21
N THR B 444 -24.18 3.55 -5.25
CA THR B 444 -24.50 2.61 -4.17
C THR B 444 -24.68 3.56 -3.00
N PRO B 445 -25.93 3.83 -2.60
CA PRO B 445 -26.04 5.00 -1.71
C PRO B 445 -25.75 4.80 -0.23
N ALA B 446 -26.06 3.65 0.33
CA ALA B 446 -25.96 3.52 1.78
C ALA B 446 -24.72 2.75 2.18
N PRO B 447 -24.13 3.08 3.34
CA PRO B 447 -22.90 2.40 3.72
C PRO B 447 -23.05 0.89 3.75
N ILE B 448 -24.14 0.44 4.39
CA ILE B 448 -24.72 -0.88 4.36
C ILE B 448 -24.65 -1.54 3.00
N GLN B 449 -24.95 -0.80 1.95
CA GLN B 449 -24.98 -1.36 0.60
C GLN B 449 -23.60 -1.48 0.01
N MET B 450 -22.71 -0.56 0.36
CA MET B 450 -21.30 -0.73 0.10
C MET B 450 -20.78 -2.06 0.66
N LYS B 451 -21.13 -2.29 1.92
CA LYS B 451 -20.73 -3.45 2.64
C LYS B 451 -21.20 -4.62 1.80
N LEU B 452 -22.44 -4.58 1.38
CA LEU B 452 -23.05 -5.72 0.76
C LEU B 452 -22.57 -5.99 -0.64
N MET B 453 -22.32 -4.95 -1.43
CA MET B 453 -21.83 -5.12 -2.82
C MET B 453 -20.41 -5.67 -2.86
N LEU B 454 -19.54 -5.14 -2.00
CA LEU B 454 -18.22 -5.72 -1.77
C LEU B 454 -18.27 -7.19 -1.36
N GLN B 455 -19.10 -7.53 -0.37
CA GLN B 455 -19.24 -8.92 0.05
C GLN B 455 -19.87 -9.77 -1.10
N SER B 456 -20.83 -9.18 -1.80
CA SER B 456 -21.58 -9.89 -2.86
C SER B 456 -20.64 -10.30 -3.97
N THR B 457 -19.74 -9.40 -4.37
CA THR B 457 -18.91 -9.59 -5.54
C THR B 457 -17.55 -10.19 -5.15
N ASP B 458 -17.43 -10.59 -3.88
CA ASP B 458 -16.15 -11.01 -3.28
C ASP B 458 -15.56 -12.24 -3.95
N ASP B 459 -16.37 -13.12 -4.51
CA ASP B 459 -15.80 -14.32 -5.17
C ASP B 459 -15.59 -14.16 -6.67
N LEU B 460 -16.02 -13.03 -7.21
CA LEU B 460 -15.97 -12.84 -8.65
C LEU B 460 -14.58 -12.40 -9.06
N PRO B 461 -14.08 -12.99 -10.15
CA PRO B 461 -12.71 -12.76 -10.63
C PRO B 461 -12.57 -11.47 -11.43
N LEU B 462 -13.02 -10.36 -10.88
CA LEU B 462 -12.77 -9.04 -11.50
C LEU B 462 -12.34 -8.12 -10.39
N ASN B 463 -11.64 -7.06 -10.74
CA ASN B 463 -11.43 -5.96 -9.82
C ASN B 463 -12.68 -5.11 -9.78
N PHE B 464 -13.05 -4.62 -8.59
CA PHE B 464 -14.25 -3.79 -8.47
C PHE B 464 -14.00 -2.50 -7.73
N GLY B 465 -14.70 -1.47 -8.18
CA GLY B 465 -14.84 -0.24 -7.41
C GLY B 465 -16.31 0.15 -7.32
N PHE B 466 -16.73 0.74 -6.19
CA PHE B 466 -18.12 1.19 -6.05
C PHE B 466 -18.17 2.64 -5.68
N THR B 467 -19.12 3.36 -6.25
CA THR B 467 -19.23 4.79 -6.07
C THR B 467 -20.54 5.15 -5.38
N GLY B 468 -20.45 6.13 -4.48
CA GLY B 468 -21.62 6.60 -3.75
C GLY B 468 -22.34 7.69 -4.48
N LYS B 469 -23.34 8.22 -3.81
CA LYS B 469 -24.18 9.28 -4.34
C LYS B 469 -23.57 10.59 -3.90
N GLY B 470 -23.04 11.34 -4.83
CA GLY B 470 -22.38 12.60 -4.58
C GLY B 470 -23.22 13.85 -4.54
N ASN B 471 -24.49 13.73 -4.84
CA ASN B 471 -25.42 14.83 -4.85
C ASN B 471 -25.78 15.39 -3.48
N CYS B 472 -25.01 16.32 -2.99
CA CYS B 472 -25.25 16.83 -1.68
C CYS B 472 -24.71 18.21 -1.51
N ALA B 473 -25.48 19.07 -0.89
CA ALA B 473 -25.02 20.41 -0.67
C ALA B 473 -24.44 20.58 0.72
N LYS B 474 -24.22 19.49 1.42
CA LYS B 474 -23.52 19.42 2.70
C LYS B 474 -22.62 18.19 2.74
N PRO B 475 -21.46 18.27 3.38
CA PRO B 475 -20.56 17.13 3.19
C PRO B 475 -20.91 15.95 4.09
N ASP B 476 -21.70 16.20 5.12
CA ASP B 476 -21.97 15.24 6.15
C ASP B 476 -22.03 13.77 5.67
N GLU B 477 -22.97 13.46 4.78
CA GLU B 477 -23.23 12.08 4.39
C GLU B 477 -22.21 11.56 3.40
N LEU B 478 -21.52 12.48 2.72
CA LEU B 478 -20.44 12.07 1.81
C LEU B 478 -19.29 11.47 2.60
N HIS B 479 -18.87 12.15 3.68
CA HIS B 479 -17.82 11.62 4.53
C HIS B 479 -18.20 10.18 4.80
N GLU B 480 -19.45 9.94 5.21
CA GLU B 480 -19.91 8.57 5.59
C GLU B 480 -19.78 7.52 4.51
N ILE B 481 -20.16 7.86 3.30
CA ILE B 481 -20.16 6.85 2.26
C ILE B 481 -18.74 6.50 1.78
N ILE B 482 -17.84 7.47 1.82
CA ILE B 482 -16.45 7.23 1.57
C ILE B 482 -15.77 6.43 2.68
N LYS B 483 -15.99 6.81 3.94
CA LYS B 483 -15.47 6.08 5.05
C LYS B 483 -15.95 4.64 4.95
N ALA B 484 -17.15 4.43 4.41
CA ALA B 484 -17.76 3.08 4.28
C ALA B 484 -17.04 2.23 3.22
N GLY B 485 -16.37 2.87 2.27
CA GLY B 485 -15.65 2.14 1.22
C GLY B 485 -15.88 2.55 -0.21
N ALA B 486 -16.72 3.56 -0.45
CA ALA B 486 -16.87 4.13 -1.79
C ALA B 486 -15.48 4.64 -2.24
N MET B 487 -15.07 4.29 -3.45
CA MET B 487 -13.81 4.77 -4.01
C MET B 487 -13.95 5.95 -4.97
N GLY B 488 -15.11 6.61 -4.96
CA GLY B 488 -15.47 7.64 -5.91
C GLY B 488 -16.93 8.03 -5.69
N LEU B 489 -17.33 9.21 -6.16
CA LEU B 489 -18.68 9.68 -5.98
C LEU B 489 -19.33 10.00 -7.33
N LEU B 491 -22.05 12.26 -9.19
CA LEU B 491 -22.99 13.37 -9.27
C LEU B 491 -23.93 13.13 -10.45
N HIS B 492 -25.21 12.89 -10.14
CA HIS B 492 -26.17 12.64 -11.20
C HIS B 492 -27.35 13.62 -11.16
N GLU B 493 -27.84 14.06 -12.31
CA GLU B 493 -28.92 15.03 -12.29
C GLU B 493 -30.19 14.50 -11.61
N ASP B 494 -30.44 13.18 -11.71
CA ASP B 494 -31.64 12.55 -11.15
C ASP B 494 -31.65 12.66 -9.64
N TRP B 495 -30.49 12.87 -9.05
CA TRP B 495 -30.43 13.18 -7.63
C TRP B 495 -30.18 14.68 -7.38
N GLY B 496 -30.03 15.39 -8.51
CA GLY B 496 -29.78 16.83 -8.56
C GLY B 496 -28.31 17.13 -8.77
N THR B 497 -27.89 17.56 -9.96
CA THR B 497 -26.51 18.08 -10.11
C THR B 497 -26.45 19.60 -10.22
N THR B 498 -26.39 20.28 -9.08
CA THR B 498 -26.53 21.72 -9.04
C THR B 498 -25.16 22.28 -8.72
N PRO B 499 -24.92 23.58 -9.03
CA PRO B 499 -23.64 24.12 -8.69
C PRO B 499 -23.24 23.87 -7.21
N ALA B 500 -24.18 23.98 -6.28
CA ALA B 500 -23.91 23.78 -4.86
C ALA B 500 -23.49 22.35 -4.59
N ALA B 501 -24.21 21.39 -5.17
CA ALA B 501 -23.84 19.99 -5.02
C ALA B 501 -22.49 19.73 -5.65
N ILE B 502 -22.27 20.26 -6.87
CA ILE B 502 -21.02 20.08 -7.56
C ILE B 502 -19.84 20.56 -6.70
N ASP B 503 -19.94 21.77 -6.17
CA ASP B 503 -18.92 22.30 -5.28
C ASP B 503 -18.66 21.44 -4.03
N SER B 504 -19.75 21.09 -3.34
CA SER B 504 -19.64 20.40 -2.05
C SER B 504 -18.95 19.02 -2.22
N CYS B 505 -19.33 18.35 -3.29
CA CYS B 505 -18.78 17.10 -3.70
C CYS B 505 -17.29 17.15 -4.14
N LEU B 506 -16.89 18.18 -4.87
CA LEU B 506 -15.46 18.34 -5.20
C LEU B 506 -14.60 18.73 -3.99
N THR B 507 -15.16 19.50 -3.08
CA THR B 507 -14.39 19.84 -1.90
C THR B 507 -14.13 18.55 -1.14
N ILE B 508 -15.13 17.67 -1.09
CA ILE B 508 -14.96 16.32 -0.50
C ILE B 508 -13.93 15.49 -1.25
N ALA B 509 -13.91 15.56 -2.59
CA ALA B 509 -12.90 14.84 -3.35
C ALA B 509 -11.49 15.29 -3.05
N GLU B 510 -11.34 16.57 -2.77
CA GLU B 510 -10.03 17.12 -2.45
C GLU B 510 -9.55 16.56 -1.16
N GLN B 511 -10.43 16.38 -0.20
CA GLN B 511 -10.00 15.79 1.07
C GLN B 511 -9.64 14.27 0.97
N TYR B 512 -10.46 13.50 0.26
CA TYR B 512 -10.34 12.04 0.28
C TYR B 512 -9.57 11.44 -0.90
N ASP B 513 -9.16 12.26 -1.87
CA ASP B 513 -8.37 11.75 -3.02
C ASP B 513 -9.17 10.60 -3.74
N ILE B 514 -10.39 10.94 -4.16
CA ILE B 514 -11.26 9.99 -4.89
C ILE B 514 -11.70 10.75 -6.11
N GLN B 515 -12.19 10.06 -7.15
CA GLN B 515 -12.62 10.75 -8.35
C GLN B 515 -14.11 11.10 -8.26
N VAL B 516 -14.47 12.21 -8.87
CA VAL B 516 -15.86 12.60 -8.95
C VAL B 516 -16.25 12.36 -10.41
N ASN B 517 -17.26 11.54 -10.64
CA ASN B 517 -17.82 11.34 -11.95
C ASN B 517 -19.12 12.07 -12.06
N ILE B 518 -19.32 12.81 -13.16
CA ILE B 518 -20.53 13.61 -13.27
C ILE B 518 -21.40 13.39 -14.52
N HIS B 519 -22.72 13.42 -14.30
CA HIS B 519 -23.72 13.47 -15.34
C HIS B 519 -24.45 14.80 -15.04
N THR B 520 -24.30 15.79 -15.92
CA THR B 520 -24.76 17.15 -15.63
C THR B 520 -26.28 17.40 -15.77
N ASP B 521 -26.69 18.59 -15.36
CA ASP B 521 -28.07 19.11 -15.39
C ASP B 521 -28.54 19.36 -16.81
N THR B 522 -29.09 18.33 -17.45
CA THR B 522 -29.53 18.41 -18.84
C THR B 522 -30.52 19.56 -19.08
N LEU B 523 -31.29 19.85 -18.05
CA LEU B 523 -32.42 20.75 -18.13
C LEU B 523 -31.96 22.19 -18.06
N ASN B 524 -30.67 22.40 -17.82
CA ASN B 524 -30.10 23.70 -17.53
C ASN B 524 -30.96 24.41 -16.48
N GLU B 525 -31.38 23.66 -15.46
CA GLU B 525 -32.35 24.11 -14.47
C GLU B 525 -31.78 25.22 -13.63
N SER B 526 -30.54 25.02 -13.25
CA SER B 526 -29.88 25.98 -12.38
C SER B 526 -28.69 26.71 -12.98
N GLY B 527 -28.36 26.36 -14.23
CA GLY B 527 -27.29 27.01 -14.96
C GLY B 527 -27.15 26.26 -16.26
N PHE B 528 -26.48 26.88 -17.23
CA PHE B 528 -26.07 26.23 -18.48
C PHE B 528 -24.70 25.66 -18.20
N VAL B 529 -24.10 25.03 -19.20
CA VAL B 529 -22.83 24.36 -18.99
C VAL B 529 -21.71 25.23 -18.34
N GLU B 530 -21.65 26.51 -18.74
CA GLU B 530 -20.65 27.43 -18.20
C GLU B 530 -20.76 27.57 -16.68
N HIS B 531 -21.98 27.48 -16.15
CA HIS B 531 -22.20 27.56 -14.73
C HIS B 531 -21.74 26.32 -13.99
N THR B 532 -21.91 25.17 -14.64
CA THR B 532 -21.39 23.94 -14.07
C THR B 532 -19.84 23.93 -14.17
N ILE B 533 -19.29 24.37 -15.29
CA ILE B 533 -17.85 24.49 -15.40
C ILE B 533 -17.28 25.44 -14.35
N ALA B 534 -17.92 26.60 -14.15
CA ALA B 534 -17.48 27.52 -13.10
C ALA B 534 -17.47 26.83 -11.74
N ALA B 535 -18.50 26.05 -11.44
CA ALA B 535 -18.64 25.39 -10.17
C ALA B 535 -17.54 24.34 -9.93
N PHE B 536 -16.92 23.83 -11.02
CA PHE B 536 -15.78 22.89 -10.88
C PHE B 536 -14.66 23.57 -10.15
N LYS B 537 -14.51 24.87 -10.43
CA LYS B 537 -13.43 25.70 -9.87
C LYS B 537 -12.06 25.07 -10.10
N GLY B 538 -11.77 24.72 -11.36
CA GLY B 538 -10.45 24.24 -11.77
C GLY B 538 -10.07 22.91 -11.12
N ARG B 539 -11.03 22.17 -10.56
CA ARG B 539 -10.72 20.91 -9.84
C ARG B 539 -10.96 19.73 -10.78
N THR B 540 -10.14 18.69 -10.65
CA THR B 540 -10.22 17.55 -11.55
C THR B 540 -11.64 16.96 -11.45
N ILE B 541 -12.23 16.55 -12.56
CA ILE B 541 -13.54 15.89 -12.48
C ILE B 541 -13.64 15.03 -13.72
N HIS B 542 -14.26 13.87 -13.58
CA HIS B 542 -14.50 13.00 -14.70
C HIS B 542 -15.94 13.23 -15.23
N THR B 543 -16.02 13.66 -16.49
CA THR B 543 -17.32 13.85 -17.08
C THR B 543 -17.75 12.58 -17.85
N TYR B 544 -18.82 11.96 -17.39
CA TYR B 544 -19.43 10.81 -18.10
C TYR B 544 -20.12 11.22 -19.40
N HIS B 545 -20.19 10.26 -20.33
CA HIS B 545 -20.74 10.45 -21.67
C HIS B 545 -20.74 11.90 -22.07
N SER B 546 -19.53 12.42 -22.24
CA SER B 546 -19.24 13.85 -22.47
C SER B 546 -19.97 14.45 -23.67
N GLU B 547 -20.39 13.61 -24.60
CA GLU B 547 -21.08 14.07 -25.77
C GLU B 547 -22.51 14.47 -25.42
N GLY B 548 -23.14 13.72 -24.53
CA GLY B 548 -24.36 14.20 -23.90
C GLY B 548 -25.64 13.44 -24.20
N ALA B 549 -25.67 12.61 -25.25
CA ALA B 549 -26.85 11.77 -25.54
C ALA B 549 -27.27 11.02 -24.27
N GLY B 550 -26.29 10.54 -23.50
CA GLY B 550 -26.55 9.81 -22.28
C GLY B 550 -26.73 10.69 -21.04
N GLY B 551 -26.66 12.03 -21.23
CA GLY B 551 -26.93 13.01 -20.16
C GLY B 551 -26.07 14.26 -20.08
N GLY B 552 -26.70 15.39 -19.76
CA GLY B 552 -25.96 16.63 -19.53
C GLY B 552 -26.46 17.82 -20.34
N HIS B 553 -26.11 19.01 -19.85
CA HIS B 553 -26.50 20.30 -20.47
C HIS B 553 -26.80 20.21 -21.97
N ALA B 554 -28.06 20.42 -22.32
CA ALA B 554 -28.53 20.51 -23.70
C ALA B 554 -28.25 21.92 -24.20
N PRO B 555 -27.61 22.05 -25.37
CA PRO B 555 -27.14 20.93 -26.18
C PRO B 555 -25.60 20.81 -26.18
N ASP B 556 -24.94 21.49 -25.26
CA ASP B 556 -23.54 21.74 -25.41
C ASP B 556 -22.62 21.21 -24.28
N ILE B 557 -23.00 20.13 -23.59
CA ILE B 557 -22.12 19.55 -22.59
C ILE B 557 -20.74 19.17 -23.19
N ILE B 558 -20.72 18.80 -24.47
CA ILE B 558 -19.47 18.46 -25.14
C ILE B 558 -18.35 19.53 -25.02
N LYS B 559 -18.74 20.79 -24.80
CA LYS B 559 -17.77 21.81 -24.49
C LYS B 559 -16.73 21.37 -23.48
N VAL B 560 -17.07 20.39 -22.63
CA VAL B 560 -16.18 20.04 -21.52
C VAL B 560 -14.87 19.40 -21.97
N CYS B 561 -14.87 18.81 -23.17
CA CYS B 561 -13.69 18.18 -23.74
C CYS B 561 -12.56 19.19 -24.00
N GLY B 562 -12.77 20.45 -23.62
CA GLY B 562 -11.77 21.48 -23.84
C GLY B 562 -11.32 22.14 -22.56
N GLU B 563 -11.77 21.63 -21.39
CA GLU B 563 -11.35 22.12 -20.06
C GLU B 563 -10.22 21.32 -19.57
N LYS B 564 -9.18 22.00 -19.11
CA LYS B 564 -7.94 21.34 -18.80
C LYS B 564 -8.09 20.38 -17.60
N ASN B 565 -8.95 20.75 -16.64
CA ASN B 565 -9.16 19.93 -15.45
C ASN B 565 -10.21 18.81 -15.61
N VAL B 566 -10.86 18.74 -16.78
CA VAL B 566 -11.87 17.71 -17.05
C VAL B 566 -11.25 16.50 -17.69
N LEU B 567 -11.57 15.32 -17.16
CA LEU B 567 -11.18 14.08 -17.78
C LEU B 567 -12.43 13.53 -18.45
N PRO B 568 -12.48 13.55 -19.79
CA PRO B 568 -13.78 13.18 -20.36
C PRO B 568 -13.86 11.74 -20.95
N SER B 569 -14.98 11.07 -20.73
CA SER B 569 -15.25 9.77 -21.34
C SER B 569 -16.51 9.84 -22.19
N SER B 570 -16.63 8.90 -23.12
CA SER B 570 -17.85 8.63 -23.81
C SER B 570 -18.39 7.32 -23.28
N THR B 571 -19.71 7.13 -23.37
CA THR B 571 -20.34 5.82 -23.27
C THR B 571 -20.45 5.22 -24.70
N ASN B 572 -20.72 3.94 -24.82
CA ASN B 572 -20.50 3.23 -26.09
C ASN B 572 -21.63 3.18 -27.15
N PRO B 573 -22.88 3.52 -26.80
CA PRO B 573 -23.91 3.22 -27.79
C PRO B 573 -23.98 4.22 -28.95
N THR B 574 -23.49 5.42 -28.71
CA THR B 574 -23.39 6.40 -29.77
C THR B 574 -22.12 6.17 -30.60
N ARG B 575 -21.42 5.06 -30.40
CA ARG B 575 -20.10 4.86 -31.02
C ARG B 575 -20.14 3.79 -32.08
N PRO B 576 -19.81 4.14 -33.33
CA PRO B 576 -19.67 5.50 -33.81
C PRO B 576 -20.99 5.90 -34.46
N LEU B 577 -21.02 7.06 -35.12
CA LEU B 577 -22.27 7.48 -35.79
C LEU B 577 -22.61 6.57 -36.98
N THR B 578 -23.64 5.74 -36.83
CA THR B 578 -24.06 4.86 -37.91
C THR B 578 -25.56 5.10 -38.26
N SER B 579 -26.01 4.44 -39.32
CA SER B 579 -27.34 4.71 -39.83
C SER B 579 -28.50 4.54 -38.87
N ASN B 580 -28.40 3.66 -37.88
CA ASN B 580 -29.52 3.47 -36.93
C ASN B 580 -29.36 4.24 -35.63
N THR B 581 -28.22 4.89 -35.47
CA THR B 581 -27.89 5.55 -34.24
C THR B 581 -28.99 6.47 -33.73
N ILE B 582 -29.36 7.47 -34.54
CA ILE B 582 -30.27 8.52 -34.09
C ILE B 582 -31.65 7.94 -33.75
N ASP B 583 -32.19 7.14 -34.66
CA ASP B 583 -33.52 6.56 -34.45
C ASP B 583 -33.61 5.78 -33.15
N GLU B 584 -32.60 4.93 -32.93
CA GLU B 584 -32.50 4.09 -31.74
C GLU B 584 -32.48 4.93 -30.46
N HIS B 585 -31.68 5.98 -30.47
CA HIS B 585 -31.42 6.78 -29.28
C HIS B 585 -32.56 7.68 -28.90
N VAL B 586 -33.24 8.21 -29.92
CA VAL B 586 -34.46 8.94 -29.65
C VAL B 586 -35.44 8.03 -28.91
N ASP B 587 -35.66 6.82 -29.42
CA ASP B 587 -36.68 6.02 -28.80
C ASP B 587 -36.23 5.56 -27.44
N MET B 588 -34.94 5.25 -27.31
CA MET B 588 -34.39 4.84 -26.04
C MET B 588 -34.59 5.96 -25.01
N LEU B 589 -34.35 7.20 -25.43
CA LEU B 589 -34.61 8.34 -24.55
C LEU B 589 -36.12 8.40 -24.19
N MET B 590 -37.00 8.35 -25.18
CA MET B 590 -38.44 8.30 -24.93
C MET B 590 -38.81 7.22 -23.89
N VAL B 591 -38.20 6.05 -24.00
CA VAL B 591 -38.47 4.96 -23.10
C VAL B 591 -37.91 5.23 -21.70
N HIS B 593 -37.22 8.05 -20.38
CA HIS B 593 -37.83 9.22 -19.71
C HIS B 593 -39.35 9.21 -19.66
N HIS B 594 -39.97 8.13 -20.13
CA HIS B 594 -41.42 7.92 -20.00
C HIS B 594 -42.16 9.05 -20.73
N LEU B 595 -41.65 9.38 -21.91
CA LEU B 595 -42.17 10.46 -22.72
C LEU B 595 -43.16 9.98 -23.79
N ASP B 596 -43.84 10.94 -24.38
CA ASP B 596 -45.00 10.71 -25.25
C ASP B 596 -44.72 11.30 -26.65
N ALA B 597 -44.70 10.43 -27.67
CA ALA B 597 -44.37 10.79 -29.05
C ALA B 597 -45.26 11.89 -29.52
N ASN B 598 -46.41 12.03 -28.85
CA ASN B 598 -47.51 12.93 -29.28
C ASN B 598 -47.66 14.25 -28.48
N ILE B 599 -46.68 14.57 -27.63
CA ILE B 599 -46.72 15.79 -26.81
C ILE B 599 -45.57 16.73 -27.18
N ALA B 600 -45.90 17.98 -27.52
CA ALA B 600 -44.97 18.96 -28.09
C ALA B 600 -43.63 19.02 -27.34
N GLU B 601 -43.70 19.15 -26.03
CA GLU B 601 -42.51 19.36 -25.21
C GLU B 601 -41.70 18.10 -24.86
N ASP B 602 -42.36 16.94 -24.77
CA ASP B 602 -41.66 15.71 -24.61
C ASP B 602 -40.72 15.57 -25.81
N VAL B 603 -41.23 15.81 -27.02
CA VAL B 603 -40.46 15.62 -28.25
C VAL B 603 -39.38 16.72 -28.39
N ALA B 604 -39.63 17.89 -27.81
CA ALA B 604 -38.62 18.96 -27.75
C ALA B 604 -37.41 18.60 -26.88
N PHE B 605 -37.70 18.01 -25.72
CA PHE B 605 -36.67 17.60 -24.78
C PHE B 605 -35.75 16.58 -25.41
N SER B 606 -36.37 15.63 -26.09
CA SER B 606 -35.69 14.55 -26.71
C SER B 606 -34.86 14.96 -27.97
N ALA B 607 -35.39 15.84 -28.81
CA ALA B 607 -34.62 16.41 -29.91
C ALA B 607 -33.48 17.32 -29.39
N SER B 608 -33.65 17.91 -28.19
CA SER B 608 -32.58 18.69 -27.57
C SER B 608 -31.45 17.80 -26.98
N ARG B 609 -31.76 16.50 -26.75
CA ARG B 609 -30.82 15.58 -26.07
C ARG B 609 -30.02 14.74 -27.04
N ILE B 610 -30.73 14.22 -28.06
CA ILE B 610 -30.15 13.30 -29.03
C ILE B 610 -29.92 14.05 -30.34
N ARG B 611 -28.65 14.30 -30.67
CA ARG B 611 -28.33 15.27 -31.71
C ARG B 611 -27.26 14.72 -32.65
N GLU B 612 -27.61 14.60 -33.94
CA GLU B 612 -26.62 14.15 -34.90
C GLU B 612 -25.35 15.02 -34.91
N ALA B 613 -25.54 16.34 -34.94
CA ALA B 613 -24.37 17.18 -34.98
C ALA B 613 -23.33 16.86 -33.84
N THR B 614 -23.79 16.59 -32.62
CA THR B 614 -22.85 16.33 -31.52
C THR B 614 -22.28 14.88 -31.52
N ILE B 615 -23.08 13.90 -31.93
CA ILE B 615 -22.57 12.56 -32.06
C ILE B 615 -21.50 12.49 -33.17
N ALA B 616 -21.71 13.19 -34.28
CA ALA B 616 -20.68 13.27 -35.33
C ALA B 616 -19.42 13.88 -34.78
N ALA B 617 -19.55 14.97 -34.03
CA ALA B 617 -18.40 15.57 -33.34
C ALA B 617 -17.71 14.60 -32.36
N GLU B 618 -18.49 13.71 -31.74
CA GLU B 618 -17.93 12.74 -30.83
C GLU B 618 -17.01 11.74 -31.53
N ASP B 619 -17.40 11.21 -32.68
CA ASP B 619 -16.47 10.43 -33.52
C ASP B 619 -15.12 11.18 -33.72
N ILE B 620 -15.17 12.46 -34.07
CA ILE B 620 -13.95 13.15 -34.37
C ILE B 620 -13.10 13.43 -33.13
N LEU B 621 -13.73 13.84 -32.02
CA LEU B 621 -13.00 14.25 -30.83
C LEU B 621 -12.42 13.04 -30.21
N HIS B 622 -13.03 11.94 -30.56
CA HIS B 622 -12.56 10.70 -30.10
C HIS B 622 -11.30 10.33 -30.85
N ASP B 623 -11.33 10.45 -32.18
CA ASP B 623 -10.14 10.29 -33.00
C ASP B 623 -9.04 11.32 -32.71
N MET B 624 -9.41 12.52 -32.27
CA MET B 624 -8.51 13.67 -32.02
C MET B 624 -7.76 13.41 -30.71
N GLY B 625 -8.28 12.53 -29.88
CA GLY B 625 -7.73 12.36 -28.54
C GLY B 625 -8.29 13.42 -27.64
N ALA B 626 -9.37 14.04 -28.09
CA ALA B 626 -10.06 15.00 -27.24
C ALA B 626 -11.05 14.32 -26.27
N ILE B 627 -11.42 13.08 -26.51
CA ILE B 627 -12.17 12.34 -25.48
C ILE B 627 -11.36 11.09 -25.08
N SER B 628 -11.02 11.00 -23.80
CA SER B 628 -9.93 10.13 -23.39
C SER B 628 -10.28 8.67 -23.11
N ILE B 629 -11.55 8.37 -22.82
CA ILE B 629 -11.99 7.05 -22.36
C ILE B 629 -13.28 6.66 -23.09
N ILE B 630 -13.43 5.35 -23.31
CA ILE B 630 -14.69 4.78 -23.67
C ILE B 630 -15.14 3.79 -22.56
N SER B 631 -16.43 3.84 -22.20
CA SER B 631 -17.06 3.04 -21.13
C SER B 631 -18.43 2.54 -21.59
N SER B 632 -19.10 1.71 -20.80
CA SER B 632 -20.35 1.06 -21.27
C SER B 632 -21.61 1.88 -21.00
N ASP B 633 -21.82 2.22 -19.73
CA ASP B 633 -23.13 2.64 -19.22
C ASP B 633 -24.07 1.43 -19.13
N SER B 634 -23.54 0.32 -18.64
CA SER B 634 -24.18 -1.03 -18.68
C SER B 634 -25.66 -1.02 -18.30
N GLN B 635 -26.54 -1.23 -19.27
CA GLN B 635 -27.99 -1.36 -19.06
C GLN B 635 -28.69 -0.06 -18.62
N ALA B 636 -28.02 1.06 -18.83
CA ALA B 636 -28.59 2.33 -18.50
C ALA B 636 -28.19 3.28 -19.60
N MET B 637 -28.39 2.80 -20.82
CA MET B 637 -28.08 3.46 -22.09
C MET B 637 -26.86 2.83 -22.80
N GLY B 638 -26.09 1.96 -22.15
CA GLY B 638 -24.99 1.35 -22.87
C GLY B 638 -24.84 -0.12 -22.67
N ARG B 639 -23.75 -0.68 -23.18
CA ARG B 639 -23.63 -2.12 -23.38
C ARG B 639 -22.34 -2.70 -22.85
N ILE B 640 -22.44 -3.48 -21.77
CA ILE B 640 -21.28 -4.01 -21.10
C ILE B 640 -20.30 -4.78 -22.02
N GLY B 641 -20.83 -5.69 -22.86
CA GLY B 641 -19.99 -6.50 -23.70
C GLY B 641 -19.43 -5.79 -24.91
N GLU B 642 -19.57 -4.47 -25.00
CA GLU B 642 -19.26 -3.79 -26.26
C GLU B 642 -18.36 -2.57 -26.08
N VAL B 643 -17.76 -2.44 -24.89
CA VAL B 643 -16.71 -1.46 -24.64
C VAL B 643 -15.56 -1.60 -25.62
N ILE B 644 -15.08 -2.82 -25.81
CA ILE B 644 -13.92 -3.05 -26.67
C ILE B 644 -14.28 -2.92 -28.14
N SER B 645 -15.28 -3.68 -28.60
CA SER B 645 -15.71 -3.58 -30.00
C SER B 645 -16.09 -2.15 -30.48
N ARG B 646 -16.82 -1.39 -29.67
CA ARG B 646 -17.20 -0.06 -30.08
C ARG B 646 -15.99 0.88 -30.18
N THR B 647 -14.97 0.61 -29.38
CA THR B 647 -13.72 1.35 -29.48
C THR B 647 -13.07 1.13 -30.89
N TRP B 648 -12.93 -0.13 -31.28
CA TRP B 648 -12.34 -0.46 -32.57
C TRP B 648 -13.20 -0.10 -33.74
N GLN B 649 -14.52 -0.26 -33.59
CA GLN B 649 -15.43 0.25 -34.60
C GLN B 649 -15.34 1.80 -34.80
N THR B 650 -15.06 2.55 -33.74
CA THR B 650 -14.87 3.99 -33.86
C THR B 650 -13.56 4.25 -34.62
N ALA B 651 -12.48 3.54 -34.23
CA ALA B 651 -11.18 3.61 -34.93
C ALA B 651 -11.26 3.24 -36.41
N ASP B 652 -12.03 2.21 -36.71
CA ASP B 652 -12.11 1.74 -38.06
C ASP B 652 -12.79 2.79 -38.91
N LYS B 653 -13.88 3.37 -38.40
CA LYS B 653 -14.58 4.38 -39.16
C LYS B 653 -13.70 5.59 -39.38
N MET B 654 -12.97 6.02 -38.36
CA MET B 654 -12.17 7.21 -38.51
C MET B 654 -10.98 6.99 -39.41
N LYS B 655 -10.44 5.77 -39.45
CA LYS B 655 -9.30 5.51 -40.31
C LYS B 655 -9.78 5.77 -41.74
N SER B 656 -10.96 5.26 -42.04
CA SER B 656 -11.50 5.36 -43.34
C SER B 656 -11.97 6.79 -43.68
N ALA B 657 -12.48 7.56 -42.72
CA ALA B 657 -12.89 8.95 -42.99
C ALA B 657 -11.76 10.00 -42.98
N ARG B 658 -10.80 9.92 -42.05
CA ARG B 658 -9.86 11.03 -41.82
C ARG B 658 -8.44 10.77 -42.32
N GLY B 659 -7.54 11.72 -42.10
CA GLY B 659 -6.11 11.57 -42.46
C GLY B 659 -5.42 10.51 -41.59
N PRO B 660 -4.28 9.94 -42.06
CA PRO B 660 -3.48 9.09 -41.16
C PRO B 660 -2.98 9.93 -39.98
N LEU B 661 -2.64 9.29 -38.87
CA LEU B 661 -2.35 10.05 -37.64
C LEU B 661 -0.87 10.22 -37.28
N GLN B 662 0.00 9.37 -37.84
CA GLN B 662 1.48 9.52 -37.78
C GLN B 662 2.22 8.49 -38.66
N ALA B 667 2.97 4.03 -42.80
CA ALA B 667 2.59 2.80 -43.52
C ALA B 667 1.89 1.76 -42.63
N ASN B 668 1.34 2.21 -41.48
CA ASN B 668 0.58 1.36 -40.52
C ASN B 668 -0.37 2.17 -39.67
N ASP B 669 -1.06 1.55 -38.72
CA ASP B 669 -2.04 2.25 -37.95
C ASP B 669 -1.66 2.30 -36.47
N ASN B 670 -0.37 2.08 -36.22
CA ASN B 670 0.13 2.03 -34.86
C ASN B 670 -0.36 3.16 -33.95
N PHE B 671 -0.21 4.40 -34.40
CA PHE B 671 -0.49 5.58 -33.58
C PHE B 671 -1.98 5.64 -33.21
N ARG B 672 -2.83 5.37 -34.19
CA ARG B 672 -4.25 5.25 -33.88
C ARG B 672 -4.56 4.03 -32.97
N ILE B 673 -3.98 2.86 -33.30
CA ILE B 673 -4.18 1.68 -32.45
C ILE B 673 -3.84 1.96 -30.96
N LYS B 674 -2.74 2.65 -30.73
CA LYS B 674 -2.31 2.89 -29.37
C LYS B 674 -3.16 3.96 -28.69
N ARG B 675 -3.50 4.99 -29.43
CA ARG B 675 -4.41 6.01 -28.91
C ARG B 675 -5.71 5.39 -28.40
N TYR B 676 -6.28 4.49 -29.19
CA TYR B 676 -7.56 3.88 -28.87
C TYR B 676 -7.48 2.81 -27.79
N VAL B 677 -6.48 1.92 -27.84
CA VAL B 677 -6.42 0.89 -26.81
C VAL B 677 -6.37 1.57 -25.43
N ALA B 678 -5.72 2.74 -25.36
CA ALA B 678 -5.58 3.55 -24.12
C ALA B 678 -6.90 4.00 -23.48
N LYS B 679 -7.93 4.09 -24.32
CA LYS B 679 -9.23 4.58 -23.92
C LYS B 679 -9.98 3.64 -23.00
N TYR B 680 -9.72 2.33 -23.07
CA TYR B 680 -10.36 1.37 -22.17
C TYR B 680 -9.42 0.56 -21.32
N THR B 681 -8.16 0.96 -21.24
CA THR B 681 -7.18 0.24 -20.42
C THR B 681 -6.55 1.20 -19.46
N ILE B 682 -5.51 1.90 -19.93
CA ILE B 682 -4.74 2.76 -19.06
C ILE B 682 -5.51 3.98 -18.58
N ASN B 683 -6.30 4.62 -19.45
CA ASN B 683 -6.95 5.87 -19.04
C ASN B 683 -8.07 5.72 -18.00
N PRO B 684 -8.91 4.67 -18.14
CA PRO B 684 -9.77 4.44 -16.98
C PRO B 684 -9.02 4.23 -15.67
N ALA B 685 -7.83 3.64 -15.70
CA ALA B 685 -7.15 3.35 -14.43
C ALA B 685 -6.54 4.62 -13.83
N ILE B 686 -5.99 5.45 -14.69
CA ILE B 686 -5.48 6.75 -14.26
C ILE B 686 -6.59 7.62 -13.62
N ALA B 687 -7.72 7.74 -14.33
CA ALA B 687 -8.84 8.59 -13.92
C ALA B 687 -9.37 8.17 -12.55
N ASN B 688 -9.50 6.86 -12.34
CA ASN B 688 -10.01 6.38 -11.06
C ASN B 688 -8.96 6.16 -9.97
N GLY B 689 -7.68 6.31 -10.31
CA GLY B 689 -6.60 6.23 -9.32
C GLY B 689 -6.05 4.87 -8.91
N PHE B 690 -6.01 3.91 -9.83
CA PHE B 690 -5.40 2.67 -9.51
C PHE B 690 -4.52 2.14 -10.62
N SER B 691 -3.85 3.06 -11.33
CA SER B 691 -3.07 2.71 -12.50
C SER B 691 -1.73 2.04 -12.22
N GLN B 692 -1.29 2.05 -10.96
CA GLN B 692 -0.09 1.23 -10.61
C GLN B 692 -0.43 -0.26 -10.54
N TYR B 693 -1.71 -0.61 -10.42
CA TYR B 693 -2.10 -2.01 -10.23
C TYR B 693 -2.57 -2.60 -11.55
N VAL B 694 -3.28 -1.86 -12.37
CA VAL B 694 -3.85 -2.44 -13.61
C VAL B 694 -3.95 -1.44 -14.76
N GLY B 695 -4.48 -1.87 -15.91
CA GLY B 695 -4.66 -0.99 -17.06
C GLY B 695 -3.65 -0.98 -18.19
N SER B 696 -2.58 -1.75 -18.05
CA SER B 696 -1.55 -1.90 -19.09
C SER B 696 -0.62 -3.11 -18.87
N VAL B 697 -0.02 -3.57 -19.97
CA VAL B 697 0.91 -4.68 -19.96
C VAL B 697 2.24 -4.09 -19.65
N GLU B 698 2.58 -4.03 -18.35
CA GLU B 698 3.86 -3.52 -17.89
C GLU B 698 4.27 -4.25 -16.60
N VAL B 699 5.56 -4.36 -16.41
CA VAL B 699 6.08 -5.08 -15.29
C VAL B 699 5.58 -4.46 -13.98
N GLY B 700 5.13 -5.31 -13.05
CA GLY B 700 4.85 -4.87 -11.68
C GLY B 700 3.34 -4.75 -11.46
N LYS B 701 2.59 -4.87 -12.55
CA LYS B 701 1.12 -4.74 -12.49
C LYS B 701 0.48 -6.13 -12.49
N LEU B 702 -0.77 -6.21 -12.07
CA LEU B 702 -1.50 -7.48 -12.12
C LEU B 702 -1.46 -8.09 -13.49
N ALA B 703 -1.32 -9.41 -13.57
CA ALA B 703 -1.33 -10.08 -14.85
C ALA B 703 -2.81 -10.35 -15.19
N ASP B 704 -3.56 -9.24 -15.41
CA ASP B 704 -4.90 -9.22 -15.98
C ASP B 704 -4.75 -9.03 -17.49
N LEU B 705 -4.96 -10.12 -18.25
CA LEU B 705 -4.41 -10.27 -19.57
C LEU B 705 -5.39 -11.03 -20.46
N VAL B 706 -5.61 -10.55 -21.69
CA VAL B 706 -6.59 -11.19 -22.53
C VAL B 706 -5.90 -11.63 -23.79
N MET B 707 -6.11 -12.87 -24.15
CA MET B 707 -5.52 -13.44 -25.34
C MET B 707 -6.50 -13.31 -26.47
N TRP B 708 -6.03 -12.82 -27.63
CA TRP B 708 -6.89 -12.75 -28.82
C TRP B 708 -6.37 -13.45 -30.05
N LYS B 709 -7.29 -14.03 -30.81
CA LYS B 709 -6.95 -14.42 -32.18
C LYS B 709 -7.02 -13.18 -33.02
N PRO B 710 -6.01 -12.94 -33.87
CA PRO B 710 -6.16 -11.71 -34.70
C PRO B 710 -7.43 -11.70 -35.57
N SER B 711 -7.80 -12.84 -36.12
CA SER B 711 -9.07 -12.92 -36.86
C SER B 711 -10.32 -12.53 -36.05
N PHE B 712 -10.24 -12.59 -34.72
CA PHE B 712 -11.36 -12.27 -33.82
C PHE B 712 -11.09 -11.07 -32.93
N PHE B 713 -9.96 -10.38 -33.13
CA PHE B 713 -9.58 -9.32 -32.20
C PHE B 713 -10.61 -8.22 -32.15
N GLY B 714 -10.98 -7.80 -30.95
CA GLY B 714 -11.99 -6.73 -30.79
C GLY B 714 -13.44 -7.22 -30.81
N ALA B 715 -13.69 -8.49 -31.14
CA ALA B 715 -15.05 -9.06 -31.09
C ALA B 715 -15.16 -10.09 -29.96
N LYS B 716 -14.44 -11.21 -30.10
CA LYS B 716 -14.51 -12.27 -29.09
C LYS B 716 -13.12 -12.86 -28.77
N PRO B 717 -12.63 -12.69 -27.52
CA PRO B 717 -11.29 -13.16 -27.16
C PRO B 717 -11.26 -14.65 -26.90
N GLU B 718 -10.09 -15.26 -26.75
CA GLU B 718 -9.98 -16.69 -26.46
C GLU B 718 -10.08 -17.03 -24.99
N MET B 719 -9.46 -16.18 -24.19
CA MET B 719 -8.99 -16.52 -22.83
C MET B 719 -8.76 -15.26 -21.99
N VAL B 720 -9.21 -15.29 -20.74
CA VAL B 720 -9.02 -14.15 -19.86
C VAL B 720 -8.23 -14.63 -18.68
N ILE B 721 -7.04 -14.07 -18.56
CA ILE B 721 -6.19 -14.29 -17.43
C ILE B 721 -6.44 -13.21 -16.36
N LYS B 722 -6.70 -13.66 -15.13
CA LYS B 722 -6.93 -12.78 -14.01
C LYS B 722 -5.89 -13.03 -12.96
N GLY B 723 -5.03 -12.07 -12.74
CA GLY B 723 -4.02 -12.27 -11.69
C GLY B 723 -3.18 -13.50 -11.91
N GLY B 724 -2.96 -13.86 -13.19
CA GLY B 724 -1.93 -14.85 -13.51
C GLY B 724 -2.50 -16.23 -13.70
N GLU B 725 -3.80 -16.31 -13.61
CA GLU B 725 -4.46 -17.59 -13.67
C GLU B 725 -5.71 -17.47 -14.61
N VAL B 726 -6.01 -18.50 -15.40
CA VAL B 726 -7.08 -18.37 -16.38
C VAL B 726 -8.44 -18.32 -15.68
N ALA B 727 -9.16 -17.22 -15.89
CA ALA B 727 -10.41 -16.99 -15.15
C ALA B 727 -11.64 -17.36 -15.98
N TYR B 728 -11.55 -17.13 -17.28
CA TYR B 728 -12.66 -17.35 -18.17
C TYR B 728 -12.06 -17.59 -19.55
N ALA B 729 -12.75 -18.40 -20.38
CA ALA B 729 -12.22 -18.85 -21.68
C ALA B 729 -13.23 -19.64 -22.53
N ASN B 730 -13.01 -19.61 -23.86
CA ASN B 730 -13.69 -20.49 -24.79
C ASN B 730 -13.44 -21.91 -24.38
N MET B 731 -14.51 -22.70 -24.36
CA MET B 731 -14.43 -24.11 -23.96
C MET B 731 -15.50 -24.92 -24.64
N GLY B 732 -15.06 -26.02 -25.23
CA GLY B 732 -15.99 -26.92 -25.89
C GLY B 732 -16.49 -27.99 -24.96
N ASP B 733 -16.96 -29.08 -25.56
CA ASP B 733 -17.53 -30.26 -24.93
C ASP B 733 -16.68 -30.81 -23.78
N PRO B 734 -17.13 -30.63 -22.51
CA PRO B 734 -16.42 -31.16 -21.33
C PRO B 734 -16.19 -32.67 -21.34
N ASN B 735 -17.03 -33.41 -22.05
CA ASN B 735 -16.84 -34.84 -22.16
C ASN B 735 -15.88 -35.26 -23.25
N ALA B 736 -15.49 -34.32 -24.12
CA ALA B 736 -14.77 -34.66 -25.35
C ALA B 736 -13.32 -35.00 -25.07
N SER B 737 -12.68 -35.61 -26.09
CA SER B 737 -11.25 -35.97 -26.07
C SER B 737 -10.28 -34.80 -26.20
N ILE B 738 -10.78 -33.65 -26.65
CA ILE B 738 -10.01 -32.41 -26.65
C ILE B 738 -10.97 -31.25 -26.24
N PRO B 739 -10.43 -30.04 -25.99
CA PRO B 739 -11.28 -28.94 -25.56
C PRO B 739 -12.01 -28.21 -26.66
N THR B 740 -11.71 -28.52 -27.91
CA THR B 740 -12.18 -27.70 -29.05
C THR B 740 -13.48 -28.11 -29.71
N PRO B 741 -13.99 -29.35 -29.44
CA PRO B 741 -15.24 -29.78 -30.06
C PRO B 741 -16.48 -29.08 -29.51
N GLU B 742 -17.52 -29.00 -30.35
CA GLU B 742 -18.72 -28.20 -30.10
C GLU B 742 -19.59 -28.71 -28.96
N PRO B 743 -20.33 -27.81 -28.28
CA PRO B 743 -20.39 -26.34 -28.48
C PRO B 743 -19.29 -25.59 -27.76
N VAL B 744 -18.57 -24.74 -28.48
CA VAL B 744 -17.54 -23.98 -27.84
C VAL B 744 -18.24 -22.72 -27.42
N LYS B 745 -18.12 -22.38 -26.12
CA LYS B 745 -18.59 -21.09 -25.62
C LYS B 745 -17.74 -20.60 -24.48
N MET B 746 -17.87 -19.31 -24.18
CA MET B 746 -17.18 -18.66 -23.07
C MET B 746 -17.76 -19.20 -21.76
N ARG B 747 -16.90 -19.79 -20.94
CA ARG B 747 -17.31 -20.38 -19.66
C ARG B 747 -16.31 -19.95 -18.61
N PRO B 748 -16.74 -19.89 -17.33
CA PRO B 748 -15.81 -19.59 -16.25
C PRO B 748 -14.79 -20.68 -16.09
N MET B 749 -13.58 -20.34 -15.67
CA MET B 749 -12.59 -21.40 -15.55
C MET B 749 -12.19 -21.51 -14.07
N TYR B 750 -11.05 -22.18 -13.78
CA TYR B 750 -10.69 -22.41 -12.37
C TYR B 750 -10.50 -21.13 -11.51
N GLY B 751 -10.21 -20.03 -12.20
CA GLY B 751 -10.05 -18.73 -11.57
C GLY B 751 -11.34 -18.13 -11.08
N ALA B 752 -12.46 -18.77 -11.43
CA ALA B 752 -13.77 -18.27 -11.09
C ALA B 752 -14.55 -19.19 -10.13
N LEU B 753 -13.85 -20.18 -9.55
CA LEU B 753 -14.50 -21.15 -8.65
C LEU B 753 -14.05 -21.00 -7.24
N GLY B 754 -14.95 -21.31 -6.30
CA GLY B 754 -14.56 -21.31 -4.90
C GLY B 754 -13.97 -19.97 -4.49
N LYS B 755 -12.81 -20.05 -3.86
CA LYS B 755 -12.10 -18.92 -3.29
C LYS B 755 -11.17 -18.22 -4.28
N ALA B 756 -11.06 -18.78 -5.50
CA ALA B 756 -10.02 -18.34 -6.43
C ALA B 756 -10.28 -16.92 -6.89
N GLY B 757 -11.52 -16.60 -7.27
CA GLY B 757 -11.84 -15.27 -7.76
C GLY B 757 -11.27 -14.20 -6.85
N GLY B 758 -11.40 -14.41 -5.54
CA GLY B 758 -10.90 -13.47 -4.52
C GLY B 758 -9.40 -13.35 -4.41
N ALA B 759 -8.72 -14.48 -4.55
CA ALA B 759 -7.27 -14.59 -4.48
C ALA B 759 -6.59 -13.91 -5.68
N LEU B 760 -7.37 -13.68 -6.72
CA LEU B 760 -6.82 -13.20 -8.01
C LEU B 760 -7.07 -11.72 -8.36
N SER B 761 -7.79 -11.02 -7.47
CA SER B 761 -8.43 -9.71 -7.76
C SER B 761 -8.35 -8.66 -6.65
N ILE B 762 -8.76 -7.44 -7.00
CA ILE B 762 -8.72 -6.33 -6.07
C ILE B 762 -10.07 -5.63 -5.94
N ALA B 763 -10.54 -5.45 -4.72
CA ALA B 763 -11.61 -4.50 -4.41
C ALA B 763 -10.96 -3.17 -4.06
N PHE B 764 -11.35 -2.11 -4.73
CA PHE B 764 -10.77 -0.75 -4.55
C PHE B 764 -11.67 0.07 -3.68
N VAL B 765 -11.09 0.68 -2.65
CA VAL B 765 -11.86 1.55 -1.72
C VAL B 765 -11.10 2.85 -1.56
N SER B 766 -11.67 3.78 -0.79
CA SER B 766 -10.98 5.04 -0.50
C SER B 766 -9.88 4.70 0.54
N LYS B 767 -8.87 5.55 0.69
CA LYS B 767 -7.85 5.39 1.71
C LYS B 767 -8.47 5.43 3.14
N ALA B 768 -9.38 6.38 3.39
CA ALA B 768 -10.11 6.45 4.66
C ALA B 768 -10.75 5.11 5.05
N ALA B 769 -11.37 4.42 4.09
CA ALA B 769 -12.02 3.14 4.38
C ALA B 769 -10.98 2.08 4.71
N LEU B 770 -9.87 2.14 4.01
CA LEU B 770 -8.79 1.22 4.26
C LEU B 770 -8.08 1.50 5.61
N ASP B 771 -8.02 2.78 6.00
CA ASP B 771 -7.40 3.20 7.26
C ASP B 771 -8.09 2.53 8.44
N GLN B 772 -9.37 2.24 8.27
CA GLN B 772 -10.27 1.53 9.16
C GLN B 772 -10.32 0.01 8.91
N ARG B 773 -9.62 -0.46 7.89
CA ARG B 773 -9.59 -1.87 7.62
C ARG B 773 -10.99 -2.41 7.38
N VAL B 774 -11.71 -1.80 6.46
CA VAL B 774 -13.01 -2.32 6.01
C VAL B 774 -12.86 -3.70 5.37
N LYS B 775 -11.67 -4.05 4.86
CA LYS B 775 -11.45 -5.41 4.36
C LYS B 775 -11.66 -6.35 5.54
N VAL B 776 -11.17 -5.99 6.73
CA VAL B 776 -11.30 -6.88 7.88
C VAL B 776 -12.74 -6.84 8.35
N LEU B 777 -13.26 -5.63 8.58
CA LEU B 777 -14.64 -5.47 9.03
C LEU B 777 -15.67 -6.26 8.17
N TYR B 778 -15.47 -6.28 6.86
CA TYR B 778 -16.48 -6.78 5.97
C TYR B 778 -16.24 -8.25 5.66
N GLY B 779 -15.14 -8.81 6.16
CA GLY B 779 -14.87 -10.23 5.98
C GLY B 779 -14.51 -10.56 4.53
N LEU B 780 -13.90 -9.63 3.81
CA LEU B 780 -13.56 -9.89 2.41
C LEU B 780 -12.31 -10.77 2.22
N ASN B 781 -12.42 -11.74 1.34
CA ASN B 781 -11.26 -12.52 0.94
C ASN B 781 -10.55 -11.93 -0.25
N LYS B 782 -11.22 -11.07 -1.01
CA LYS B 782 -10.53 -10.36 -2.11
C LYS B 782 -9.52 -9.32 -1.53
N ARG B 783 -8.35 -9.17 -2.16
CA ARG B 783 -7.41 -8.15 -1.73
C ARG B 783 -8.11 -6.75 -1.79
N VAL B 784 -7.89 -5.88 -0.82
CA VAL B 784 -8.44 -4.53 -0.89
C VAL B 784 -7.31 -3.50 -1.00
N GLU B 785 -7.40 -2.58 -1.95
CA GLU B 785 -6.41 -1.49 -2.02
C GLU B 785 -7.09 -0.15 -2.13
N ALA B 786 -6.38 0.90 -1.73
CA ALA B 786 -6.87 2.24 -1.88
C ALA B 786 -6.54 2.88 -3.25
N VAL B 787 -7.50 3.63 -3.80
CA VAL B 787 -7.28 4.52 -4.94
C VAL B 787 -6.49 5.76 -4.49
N SER B 788 -5.84 6.44 -5.44
CA SER B 788 -5.02 7.63 -5.11
C SER B 788 -4.54 8.34 -6.33
N ASN B 789 -3.99 9.54 -6.11
CA ASN B 789 -3.34 10.32 -7.15
C ASN B 789 -4.40 10.69 -8.20
N VAL B 790 -5.52 11.15 -7.68
CA VAL B 790 -6.58 11.60 -8.56
C VAL B 790 -6.92 13.11 -8.51
N ARG B 791 -6.43 13.87 -7.54
CA ARG B 791 -6.83 15.26 -7.44
C ARG B 791 -5.91 16.24 -8.19
N LYS B 792 -4.90 15.72 -8.84
CA LYS B 792 -3.98 16.61 -9.55
C LYS B 792 -3.89 16.27 -11.04
N LEU B 793 -4.82 15.45 -11.51
CA LEU B 793 -4.89 15.09 -12.91
C LEU B 793 -5.49 16.22 -13.74
N THR B 794 -5.02 16.34 -14.97
CA THR B 794 -5.59 17.24 -15.97
C THR B 794 -5.68 16.39 -17.22
N LYS B 795 -6.31 16.93 -18.25
CA LYS B 795 -6.41 16.26 -19.52
C LYS B 795 -5.05 15.79 -20.08
N LEU B 796 -3.97 16.37 -19.58
CA LEU B 796 -2.66 16.09 -20.14
C LEU B 796 -2.08 14.81 -19.58
N ASP B 797 -2.75 14.25 -18.58
CA ASP B 797 -2.34 13.02 -17.94
C ASP B 797 -3.03 11.81 -18.61
N MET B 798 -3.90 12.04 -19.58
CA MET B 798 -4.53 10.96 -20.31
C MET B 798 -3.61 10.48 -21.47
N LYS B 799 -3.08 9.26 -21.36
CA LYS B 799 -2.12 8.75 -22.35
C LYS B 799 -2.70 8.83 -23.73
N LEU B 800 -1.98 9.51 -24.64
CA LEU B 800 -2.32 9.64 -26.07
C LEU B 800 -3.70 10.29 -26.41
N ASN B 801 -4.30 10.92 -25.41
CA ASN B 801 -5.63 11.51 -25.52
C ASN B 801 -5.64 12.76 -24.64
N ASP B 802 -4.75 13.71 -24.96
CA ASP B 802 -4.57 14.94 -24.18
C ASP B 802 -4.93 16.25 -24.95
N ALA B 803 -5.72 16.11 -26.00
CA ALA B 803 -6.08 17.23 -26.86
C ALA B 803 -7.10 18.13 -26.17
N LEU B 804 -6.99 19.43 -26.41
CA LEU B 804 -7.78 20.44 -25.69
C LEU B 804 -8.30 21.53 -26.64
N PRO B 805 -9.16 21.14 -27.57
CA PRO B 805 -9.67 22.10 -28.55
C PRO B 805 -10.53 23.22 -27.91
N ALA B 806 -10.54 24.41 -28.51
CA ALA B 806 -11.58 25.38 -28.20
C ALA B 806 -12.87 24.89 -28.91
N ILE B 807 -13.91 24.61 -28.12
CA ILE B 807 -15.13 24.10 -28.65
C ILE B 807 -16.27 25.09 -28.53
N THR B 808 -16.94 25.33 -29.63
CA THR B 808 -18.21 26.04 -29.57
C THR B 808 -19.34 25.20 -30.18
N VAL B 809 -20.54 25.44 -29.65
CA VAL B 809 -21.71 24.70 -30.11
C VAL B 809 -22.81 25.70 -30.41
N ASP B 810 -23.32 25.65 -31.64
CA ASP B 810 -24.37 26.59 -32.02
C ASP B 810 -25.67 26.16 -31.32
N PRO B 811 -26.31 27.07 -30.55
CA PRO B 811 -27.48 26.67 -29.77
C PRO B 811 -28.73 26.29 -30.59
N ASP B 812 -28.75 26.59 -31.89
CA ASP B 812 -29.89 26.21 -32.71
C ASP B 812 -29.58 25.10 -33.69
N SER B 813 -28.48 25.24 -34.42
CA SER B 813 -28.07 24.24 -35.38
C SER B 813 -27.46 22.96 -34.70
N TYR B 814 -26.97 23.13 -33.46
CA TYR B 814 -26.16 22.15 -32.67
C TYR B 814 -24.79 21.86 -33.26
N THR B 815 -24.41 22.60 -34.29
CA THR B 815 -23.14 22.37 -34.95
C THR B 815 -21.97 22.60 -34.00
N VAL B 816 -21.02 21.69 -33.99
CA VAL B 816 -19.86 21.83 -33.12
C VAL B 816 -18.62 22.34 -33.89
N THR B 817 -17.96 23.33 -33.31
CA THR B 817 -16.72 23.84 -33.90
C THR B 817 -15.61 23.55 -32.92
N ALA B 818 -14.52 22.97 -33.43
CA ALA B 818 -13.33 22.73 -32.64
C ALA B 818 -12.12 23.41 -33.26
N ASP B 819 -11.43 24.24 -32.47
CA ASP B 819 -10.30 25.04 -32.97
C ASP B 819 -10.62 25.78 -34.30
N GLY B 820 -11.81 26.37 -34.41
CA GLY B 820 -12.23 26.98 -35.67
C GLY B 820 -12.87 26.05 -36.72
N VAL B 821 -12.60 24.75 -36.67
CA VAL B 821 -13.06 23.83 -37.71
C VAL B 821 -14.45 23.27 -37.40
N VAL B 822 -15.37 23.44 -38.34
CA VAL B 822 -16.68 22.84 -38.19
C VAL B 822 -16.49 21.33 -38.25
N LEU B 823 -16.99 20.61 -37.24
CA LEU B 823 -16.97 19.16 -37.26
C LEU B 823 -18.22 18.51 -37.90
N THR B 824 -18.03 17.85 -39.03
CA THR B 824 -19.08 17.11 -39.70
C THR B 824 -18.53 15.70 -40.00
N CYS B 825 -19.34 14.65 -39.80
CA CYS B 825 -18.94 13.28 -40.16
C CYS B 825 -20.08 12.46 -40.74
N PHE B 826 -19.76 11.57 -41.65
CA PHE B 826 -20.78 10.81 -42.38
C PHE B 826 -21.40 9.75 -41.49
N VAL B 827 -22.53 9.23 -41.94
CA VAL B 827 -23.30 8.26 -41.22
C VAL B 827 -22.93 6.95 -41.91
N ALA B 828 -22.11 6.13 -41.22
CA ALA B 828 -21.68 4.84 -41.72
C ALA B 828 -22.86 3.90 -41.82
N THR B 829 -22.92 3.10 -42.88
CA THR B 829 -24.03 2.17 -43.02
C THR B 829 -23.74 0.82 -42.34
N THR B 830 -22.47 0.48 -42.12
CA THR B 830 -22.13 -0.82 -41.52
C THR B 830 -21.00 -0.62 -40.50
N VAL B 831 -20.71 -1.65 -39.70
CA VAL B 831 -19.51 -1.64 -38.85
C VAL B 831 -18.88 -3.02 -38.90
N PRO B 832 -17.57 -3.11 -38.63
CA PRO B 832 -16.91 -4.43 -38.54
C PRO B 832 -17.27 -5.01 -37.20
N LEU B 833 -16.63 -6.13 -36.84
CA LEU B 833 -16.80 -6.76 -35.52
C LEU B 833 -18.27 -6.94 -35.16
N SER B 834 -19.08 -7.36 -36.12
CA SER B 834 -20.49 -7.58 -35.85
C SER B 834 -21.05 -8.78 -36.64
N ARG B 835 -21.45 -8.56 -37.90
CA ARG B 835 -22.15 -9.61 -38.66
C ARG B 835 -21.30 -10.88 -38.82
N ASN B 836 -19.99 -10.73 -38.90
CA ASN B 836 -19.10 -11.88 -39.03
C ASN B 836 -19.01 -12.75 -37.77
N TYR B 837 -19.43 -12.20 -36.64
CA TYR B 837 -19.13 -12.79 -35.37
C TYR B 837 -20.29 -13.28 -34.55
N PHE B 838 -21.43 -12.60 -34.59
CA PHE B 838 -22.54 -12.86 -33.66
C PHE B 838 -23.72 -13.67 -34.20
N ILE B 839 -24.23 -14.58 -33.38
CA ILE B 839 -25.34 -15.46 -33.81
C ILE B 839 -26.70 -14.73 -33.75
N PHE B 840 -26.73 -13.59 -33.05
CA PHE B 840 -27.90 -12.72 -33.00
C PHE B 840 -27.48 -11.26 -32.98
#